data_2K9S
#
_entry.id   2K9S
#
_entity_poly.entity_id   1
_entity_poly.type   'polypeptide(L)'
_entity_poly.pdbx_seq_one_letter_code
;MDNRVREACQYISDHLADSNFDIASVAQHVCLSPSRLSHLFRQQLGISVLSWREDQRISQAKLLLSTTRMPIATVGRNVG
FDDQLYFSRVFKKCTGASPSEFRAGCE
;
_entity_poly.pdbx_strand_id   A
#
# COMPACT_ATOMS: atom_id res chain seq x y z
N MET A 1 2.07 1.36 -17.60
CA MET A 1 2.75 2.17 -16.61
C MET A 1 3.84 3.03 -17.25
N ASP A 2 3.67 4.34 -17.18
CA ASP A 2 4.64 5.27 -17.76
C ASP A 2 5.85 5.43 -16.84
N ASN A 3 7.01 5.67 -17.46
CA ASN A 3 8.24 5.84 -16.69
C ASN A 3 8.08 6.91 -15.63
N ARG A 4 7.49 8.04 -16.01
CA ARG A 4 7.27 9.15 -15.09
C ARG A 4 6.42 8.70 -13.90
N VAL A 5 5.38 7.94 -14.18
CA VAL A 5 4.49 7.44 -13.13
C VAL A 5 5.20 6.43 -12.24
N ARG A 6 6.02 5.58 -12.86
CA ARG A 6 6.74 4.56 -12.12
C ARG A 6 7.70 5.20 -11.10
N GLU A 7 8.25 6.35 -11.46
CA GLU A 7 9.18 7.05 -10.59
C GLU A 7 8.49 7.46 -9.29
N ALA A 8 7.21 7.80 -9.40
CA ALA A 8 6.43 8.22 -8.23
C ALA A 8 6.42 7.13 -7.17
N CYS A 9 6.38 5.88 -7.61
CA CYS A 9 6.35 4.74 -6.70
C CYS A 9 7.59 4.74 -5.81
N GLN A 10 8.72 5.19 -6.36
CA GLN A 10 9.96 5.24 -5.61
C GLN A 10 9.83 6.14 -4.38
N TYR A 11 9.21 7.29 -4.57
CA TYR A 11 9.02 8.24 -3.48
C TYR A 11 8.03 7.71 -2.45
N ILE A 12 6.89 7.23 -2.94
CA ILE A 12 5.85 6.70 -2.07
C ILE A 12 6.37 5.48 -1.29
N SER A 13 7.22 4.68 -1.93
CA SER A 13 7.78 3.50 -1.31
C SER A 13 8.52 3.87 -0.02
N ASP A 14 9.31 4.93 -0.09
CA ASP A 14 10.07 5.39 1.07
C ASP A 14 9.15 5.92 2.16
N HIS A 15 8.05 6.54 1.75
CA HIS A 15 7.07 7.10 2.69
C HIS A 15 5.94 6.11 2.93
N LEU A 16 6.17 4.85 2.59
CA LEU A 16 5.16 3.81 2.77
C LEU A 16 4.80 3.65 4.25
N ALA A 17 5.75 3.97 5.11
CA ALA A 17 5.54 3.87 6.55
C ALA A 17 5.04 5.19 7.14
N ASP A 18 5.28 6.28 6.41
CA ASP A 18 4.86 7.60 6.86
C ASP A 18 3.33 7.67 6.99
N SER A 19 2.86 8.45 7.95
CA SER A 19 1.43 8.59 8.17
C SER A 19 0.85 9.73 7.33
N ASN A 20 1.50 10.89 7.41
CA ASN A 20 1.06 12.06 6.65
C ASN A 20 1.57 12.00 5.21
N PHE A 21 0.67 11.67 4.29
CA PHE A 21 1.03 11.57 2.88
C PHE A 21 0.51 12.78 2.11
N ASP A 22 1.41 13.44 1.38
CA ASP A 22 1.04 14.60 0.59
C ASP A 22 1.23 14.35 -0.90
N ILE A 23 0.11 14.26 -1.62
CA ILE A 23 0.16 14.00 -3.06
C ILE A 23 0.98 15.06 -3.77
N ALA A 24 1.10 16.24 -3.16
CA ALA A 24 1.87 17.33 -3.74
C ALA A 24 3.32 16.93 -3.96
N SER A 25 3.91 16.27 -2.97
CA SER A 25 5.29 15.84 -3.05
C SER A 25 5.47 14.79 -4.16
N VAL A 26 4.40 14.04 -4.43
CA VAL A 26 4.44 13.01 -5.45
C VAL A 26 4.62 13.63 -6.84
N ALA A 27 3.82 14.65 -7.13
CA ALA A 27 3.89 15.33 -8.42
C ALA A 27 5.22 16.08 -8.57
N GLN A 28 5.66 16.71 -7.48
CA GLN A 28 6.91 17.47 -7.50
C GLN A 28 8.09 16.55 -7.79
N HIS A 29 8.04 15.33 -7.25
CA HIS A 29 9.11 14.36 -7.46
C HIS A 29 9.33 14.09 -8.94
N VAL A 30 8.24 14.11 -9.70
CA VAL A 30 8.31 13.87 -11.14
C VAL A 30 8.36 15.18 -11.92
N CYS A 31 8.66 16.27 -11.22
CA CYS A 31 8.74 17.58 -11.84
C CYS A 31 7.48 17.89 -12.64
N LEU A 32 6.33 17.45 -12.11
CA LEU A 32 5.05 17.66 -12.77
C LEU A 32 3.98 18.04 -11.77
N SER A 33 2.87 18.58 -12.27
CA SER A 33 1.76 19.00 -11.41
C SER A 33 1.00 17.78 -10.89
N PRO A 34 0.25 17.98 -9.80
CA PRO A 34 -0.55 16.91 -9.18
C PRO A 34 -1.73 16.51 -10.03
N SER A 35 -2.37 17.49 -10.65
CA SER A 35 -3.54 17.23 -11.50
C SER A 35 -3.13 16.46 -12.76
N ARG A 36 -2.07 16.93 -13.40
CA ARG A 36 -1.58 16.28 -14.62
C ARG A 36 -1.06 14.87 -14.32
N LEU A 37 -0.33 14.74 -13.23
CA LEU A 37 0.21 13.43 -12.84
C LEU A 37 -0.91 12.48 -12.39
N SER A 38 -1.83 13.00 -11.60
CA SER A 38 -2.95 12.20 -11.11
C SER A 38 -3.77 11.66 -12.27
N HIS A 39 -3.98 12.49 -13.29
CA HIS A 39 -4.75 12.10 -14.46
C HIS A 39 -4.13 10.89 -15.14
N LEU A 40 -2.82 10.96 -15.38
CA LEU A 40 -2.11 9.87 -16.03
C LEU A 40 -1.97 8.67 -15.09
N PHE A 41 -1.88 8.96 -13.79
CA PHE A 41 -1.74 7.90 -12.79
C PHE A 41 -2.92 6.94 -12.84
N ARG A 42 -4.13 7.51 -12.83
CA ARG A 42 -5.35 6.70 -12.87
C ARG A 42 -5.51 6.03 -14.22
N GLN A 43 -4.92 6.63 -15.25
CA GLN A 43 -4.99 6.09 -16.60
C GLN A 43 -4.03 4.92 -16.77
N GLN A 44 -2.83 5.06 -16.21
CA GLN A 44 -1.82 4.01 -16.30
C GLN A 44 -2.07 2.93 -15.26
N LEU A 45 -2.47 3.33 -14.07
CA LEU A 45 -2.74 2.38 -13.00
C LEU A 45 -4.19 1.91 -13.04
N GLY A 46 -5.03 2.64 -13.76
CA GLY A 46 -6.42 2.28 -13.87
C GLY A 46 -7.17 2.44 -12.57
N ILE A 47 -6.52 3.03 -11.59
CA ILE A 47 -7.12 3.25 -10.28
C ILE A 47 -6.58 4.51 -9.61
N SER A 48 -7.18 4.88 -8.49
CA SER A 48 -6.76 6.07 -7.76
C SER A 48 -5.49 5.80 -6.96
N VAL A 49 -4.64 6.82 -6.83
CA VAL A 49 -3.39 6.69 -6.11
C VAL A 49 -3.64 6.16 -4.69
N LEU A 50 -4.70 6.64 -4.06
CA LEU A 50 -5.04 6.23 -2.71
C LEU A 50 -5.34 4.73 -2.66
N SER A 51 -5.99 4.23 -3.71
CA SER A 51 -6.34 2.82 -3.80
C SER A 51 -5.10 1.96 -4.06
N TRP A 52 -4.25 2.43 -4.97
CA TRP A 52 -3.04 1.72 -5.32
C TRP A 52 -2.15 1.53 -4.09
N ARG A 53 -2.03 2.57 -3.28
CA ARG A 53 -1.21 2.52 -2.07
C ARG A 53 -1.71 1.42 -1.12
N GLU A 54 -3.02 1.40 -0.90
CA GLU A 54 -3.62 0.42 -0.01
C GLU A 54 -3.48 -0.99 -0.58
N ASP A 55 -3.73 -1.13 -1.89
CA ASP A 55 -3.63 -2.41 -2.56
C ASP A 55 -2.25 -3.03 -2.35
N GLN A 56 -1.20 -2.24 -2.58
CA GLN A 56 0.16 -2.71 -2.41
C GLN A 56 0.46 -3.01 -0.94
N ARG A 57 -0.13 -2.22 -0.05
CA ARG A 57 0.07 -2.41 1.38
C ARG A 57 -0.38 -3.80 1.82
N ILE A 58 -1.55 -4.21 1.35
CA ILE A 58 -2.09 -5.52 1.69
C ILE A 58 -1.30 -6.63 1.02
N SER A 59 -1.02 -6.46 -0.27
CA SER A 59 -0.26 -7.44 -1.03
C SER A 59 1.11 -7.68 -0.42
N GLN A 60 1.73 -6.61 0.07
CA GLN A 60 3.05 -6.70 0.68
C GLN A 60 2.97 -7.39 2.04
N ALA A 61 1.91 -7.10 2.78
CA ALA A 61 1.72 -7.70 4.10
C ALA A 61 1.55 -9.21 4.00
N LYS A 62 0.71 -9.65 3.06
CA LYS A 62 0.46 -11.07 2.86
C LYS A 62 1.68 -11.75 2.25
N LEU A 63 2.40 -11.02 1.40
CA LEU A 63 3.59 -11.56 0.74
C LEU A 63 4.70 -11.80 1.75
N LEU A 64 4.99 -10.79 2.56
CA LEU A 64 6.04 -10.90 3.58
C LEU A 64 5.62 -11.85 4.70
N LEU A 65 4.34 -11.81 5.05
CA LEU A 65 3.81 -12.68 6.10
C LEU A 65 4.08 -14.15 5.78
N SER A 66 4.15 -14.46 4.49
CA SER A 66 4.40 -15.84 4.05
C SER A 66 5.86 -16.21 4.27
N THR A 67 6.75 -15.24 4.10
CA THR A 67 8.18 -15.47 4.28
C THR A 67 8.64 -15.03 5.65
N THR A 68 7.69 -14.67 6.51
CA THR A 68 8.01 -14.22 7.87
C THR A 68 7.12 -14.91 8.89
N ARG A 69 7.57 -14.91 10.14
CA ARG A 69 6.82 -15.54 11.23
C ARG A 69 6.51 -14.53 12.32
N MET A 70 6.61 -13.24 11.99
CA MET A 70 6.35 -12.19 12.96
C MET A 70 4.85 -12.06 13.23
N PRO A 71 4.50 -11.52 14.41
CA PRO A 71 3.10 -11.34 14.80
C PRO A 71 2.40 -10.25 14.00
N ILE A 72 1.08 -10.25 14.03
CA ILE A 72 0.30 -9.26 13.30
C ILE A 72 0.67 -7.85 13.71
N ALA A 73 1.07 -7.69 14.98
CA ALA A 73 1.47 -6.38 15.50
C ALA A 73 2.72 -5.86 14.80
N THR A 74 3.73 -6.73 14.67
CA THR A 74 4.97 -6.36 14.02
C THR A 74 4.78 -6.18 12.51
N VAL A 75 4.06 -7.11 11.90
CA VAL A 75 3.81 -7.06 10.47
C VAL A 75 3.13 -5.75 10.08
N GLY A 76 2.20 -5.29 10.91
CA GLY A 76 1.51 -4.05 10.63
C GLY A 76 2.45 -2.88 10.48
N ARG A 77 3.47 -2.83 11.32
CA ARG A 77 4.45 -1.75 11.28
C ARG A 77 5.12 -1.67 9.91
N ASN A 78 5.31 -2.83 9.29
CA ASN A 78 5.93 -2.90 7.97
C ASN A 78 5.10 -2.15 6.93
N VAL A 79 3.78 -2.15 7.13
CA VAL A 79 2.87 -1.49 6.21
C VAL A 79 2.45 -0.12 6.75
N GLY A 80 3.22 0.39 7.71
CA GLY A 80 2.91 1.69 8.30
C GLY A 80 1.71 1.62 9.22
N PHE A 81 1.19 0.43 9.44
CA PHE A 81 0.02 0.24 10.30
C PHE A 81 0.44 0.17 11.77
N ASP A 82 -0.02 1.13 12.55
CA ASP A 82 0.31 1.18 13.98
C ASP A 82 -0.65 0.32 14.78
N ASP A 83 -1.89 0.21 14.31
CA ASP A 83 -2.91 -0.59 14.99
C ASP A 83 -2.97 -1.99 14.40
N GLN A 84 -2.71 -2.99 15.24
CA GLN A 84 -2.73 -4.38 14.82
C GLN A 84 -4.13 -4.78 14.34
N LEU A 85 -5.15 -4.31 15.05
CA LEU A 85 -6.52 -4.62 14.70
C LEU A 85 -6.92 -3.93 13.40
N TYR A 86 -6.37 -2.74 13.18
CA TYR A 86 -6.66 -1.97 11.97
C TYR A 86 -6.28 -2.75 10.71
N PHE A 87 -5.13 -3.41 10.77
CA PHE A 87 -4.65 -4.19 9.64
C PHE A 87 -5.55 -5.40 9.38
N SER A 88 -5.89 -6.10 10.47
CA SER A 88 -6.75 -7.28 10.36
C SER A 88 -8.15 -6.89 9.88
N ARG A 89 -8.64 -5.75 10.36
CA ARG A 89 -9.96 -5.27 9.98
C ARG A 89 -10.04 -5.00 8.49
N VAL A 90 -9.07 -4.23 7.98
CA VAL A 90 -9.02 -3.89 6.56
C VAL A 90 -8.68 -5.12 5.71
N PHE A 91 -7.66 -5.85 6.14
CA PHE A 91 -7.23 -7.05 5.42
C PHE A 91 -8.35 -8.09 5.37
N LYS A 92 -9.14 -8.15 6.43
CA LYS A 92 -10.24 -9.09 6.52
C LYS A 92 -11.21 -8.91 5.34
N LYS A 93 -11.59 -7.66 5.11
CA LYS A 93 -12.51 -7.35 4.02
C LYS A 93 -11.79 -7.40 2.66
N CYS A 94 -10.48 -7.19 2.69
CA CYS A 94 -9.68 -7.20 1.48
C CYS A 94 -9.84 -8.53 0.74
N THR A 95 -9.69 -9.63 1.46
CA THR A 95 -9.82 -10.96 0.88
C THR A 95 -11.10 -11.64 1.35
N GLY A 96 -11.76 -11.05 2.34
CA GLY A 96 -12.99 -11.61 2.86
C GLY A 96 -12.76 -12.47 4.09
N ALA A 97 -11.49 -12.68 4.43
CA ALA A 97 -11.14 -13.49 5.59
C ALA A 97 -10.00 -12.86 6.39
N SER A 98 -10.01 -13.07 7.69
CA SER A 98 -8.98 -12.51 8.56
C SER A 98 -7.61 -13.11 8.24
N PRO A 99 -6.55 -12.43 8.70
CA PRO A 99 -5.17 -12.87 8.46
C PRO A 99 -4.82 -14.13 9.25
N SER A 100 -5.41 -14.26 10.44
CA SER A 100 -5.17 -15.42 11.30
C SER A 100 -5.74 -16.69 10.66
N GLU A 101 -6.85 -16.55 9.96
CA GLU A 101 -7.50 -17.68 9.31
C GLU A 101 -6.71 -18.11 8.07
N PHE A 102 -6.35 -17.14 7.23
CA PHE A 102 -5.60 -17.42 6.01
C PHE A 102 -4.27 -18.07 6.34
N ARG A 103 -3.55 -17.49 7.30
CA ARG A 103 -2.25 -18.01 7.71
C ARG A 103 -2.38 -19.42 8.28
N ALA A 104 -3.45 -19.65 9.01
CA ALA A 104 -3.69 -20.96 9.62
C ALA A 104 -4.04 -21.99 8.56
N GLY A 105 -4.60 -21.53 7.45
CA GLY A 105 -4.98 -22.43 6.37
C GLY A 105 -6.30 -23.10 6.62
N CYS A 106 -7.04 -22.61 7.61
CA CYS A 106 -8.35 -23.18 7.95
C CYS A 106 -9.40 -22.75 6.93
N GLU A 107 -10.22 -23.71 6.49
CA GLU A 107 -11.27 -23.44 5.52
C GLU A 107 -12.40 -22.62 6.16
N MET A 1 2.59 0.72 -16.07
CA MET A 1 2.33 2.15 -16.06
C MET A 1 3.38 2.90 -16.88
N ASP A 2 3.30 4.23 -16.87
CA ASP A 2 4.25 5.05 -17.63
C ASP A 2 5.57 5.18 -16.87
N ASN A 3 6.65 5.30 -17.62
CA ASN A 3 7.99 5.42 -17.03
C ASN A 3 8.03 6.56 -16.03
N ARG A 4 7.46 7.70 -16.41
CA ARG A 4 7.44 8.87 -15.54
C ARG A 4 6.68 8.58 -14.25
N VAL A 5 5.54 7.90 -14.39
CA VAL A 5 4.72 7.56 -13.24
C VAL A 5 5.41 6.53 -12.35
N ARG A 6 6.12 5.60 -12.98
CA ARG A 6 6.83 4.56 -12.24
C ARG A 6 7.78 5.17 -11.21
N GLU A 7 8.35 6.32 -11.56
CA GLU A 7 9.27 7.00 -10.66
C GLU A 7 8.57 7.41 -9.36
N ALA A 8 7.33 7.84 -9.49
CA ALA A 8 6.55 8.26 -8.32
C ALA A 8 6.42 7.13 -7.32
N CYS A 9 6.31 5.90 -7.82
CA CYS A 9 6.18 4.74 -6.96
C CYS A 9 7.38 4.61 -6.02
N GLN A 10 8.55 5.01 -6.50
CA GLN A 10 9.77 4.94 -5.70
C GLN A 10 9.65 5.83 -4.46
N TYR A 11 9.16 7.05 -4.65
CA TYR A 11 9.01 8.00 -3.55
C TYR A 11 7.89 7.55 -2.62
N ILE A 12 6.75 7.22 -3.19
CA ILE A 12 5.60 6.77 -2.40
C ILE A 12 5.92 5.51 -1.62
N SER A 13 6.72 4.64 -2.23
CA SER A 13 7.10 3.38 -1.59
C SER A 13 7.95 3.65 -0.35
N ASP A 14 8.87 4.59 -0.47
CA ASP A 14 9.76 4.93 0.64
C ASP A 14 8.98 5.57 1.78
N HIS A 15 7.84 6.19 1.45
CA HIS A 15 7.00 6.84 2.45
C HIS A 15 5.74 6.01 2.71
N LEU A 16 5.78 4.74 2.33
CA LEU A 16 4.65 3.84 2.53
C LEU A 16 4.28 3.75 4.00
N ALA A 17 5.26 3.98 4.86
CA ALA A 17 5.05 3.92 6.30
C ALA A 17 4.70 5.30 6.86
N ASP A 18 5.07 6.33 6.13
CA ASP A 18 4.79 7.70 6.55
C ASP A 18 3.29 7.96 6.64
N SER A 19 2.90 8.78 7.61
CA SER A 19 1.48 9.09 7.80
C SER A 19 1.03 10.20 6.84
N ASN A 20 1.80 11.28 6.80
CA ASN A 20 1.48 12.41 5.93
C ASN A 20 1.85 12.09 4.48
N PHE A 21 0.83 11.84 3.66
CA PHE A 21 1.05 11.53 2.25
C PHE A 21 0.38 12.57 1.36
N ASP A 22 1.20 13.39 0.70
CA ASP A 22 0.70 14.43 -0.19
C ASP A 22 1.15 14.17 -1.63
N ILE A 23 0.20 14.27 -2.56
CA ILE A 23 0.50 14.05 -3.97
C ILE A 23 1.37 15.17 -4.53
N ALA A 24 1.33 16.33 -3.87
CA ALA A 24 2.11 17.48 -4.30
C ALA A 24 3.60 17.15 -4.31
N SER A 25 4.07 16.50 -3.25
CA SER A 25 5.48 16.13 -3.15
C SER A 25 5.84 15.07 -4.18
N VAL A 26 4.88 14.22 -4.52
CA VAL A 26 5.09 13.17 -5.50
C VAL A 26 5.26 13.74 -6.89
N ALA A 27 4.43 14.71 -7.24
CA ALA A 27 4.48 15.35 -8.54
C ALA A 27 5.78 16.13 -8.73
N GLN A 28 6.18 16.85 -7.68
CA GLN A 28 7.39 17.64 -7.72
C GLN A 28 8.62 16.75 -7.96
N HIS A 29 8.60 15.56 -7.37
CA HIS A 29 9.71 14.62 -7.53
C HIS A 29 9.94 14.29 -8.99
N VAL A 30 8.86 14.24 -9.77
CA VAL A 30 8.95 13.95 -11.19
C VAL A 30 8.93 15.22 -12.03
N CYS A 31 9.25 16.35 -11.39
CA CYS A 31 9.26 17.63 -12.08
C CYS A 31 7.95 17.87 -12.81
N LEU A 32 6.85 17.43 -12.22
CA LEU A 32 5.53 17.59 -12.83
C LEU A 32 4.50 18.04 -11.78
N SER A 33 3.37 18.53 -12.26
CA SER A 33 2.31 19.00 -11.37
C SER A 33 1.45 17.83 -10.89
N PRO A 34 0.74 18.04 -9.77
CA PRO A 34 -0.13 17.03 -9.18
C PRO A 34 -1.37 16.75 -10.03
N SER A 35 -1.89 17.80 -10.65
CA SER A 35 -3.08 17.67 -11.49
C SER A 35 -2.77 16.85 -12.73
N ARG A 36 -1.66 17.17 -13.39
CA ARG A 36 -1.25 16.46 -14.59
C ARG A 36 -0.76 15.05 -14.26
N LEU A 37 -0.05 14.93 -13.15
CA LEU A 37 0.47 13.63 -12.71
C LEU A 37 -0.66 12.70 -12.28
N SER A 38 -1.59 13.24 -11.50
CA SER A 38 -2.72 12.47 -11.00
C SER A 38 -3.56 11.94 -12.17
N HIS A 39 -3.76 12.78 -13.17
CA HIS A 39 -4.55 12.40 -14.34
C HIS A 39 -3.93 11.19 -15.04
N LEU A 40 -2.63 11.25 -15.28
CA LEU A 40 -1.92 10.16 -15.94
C LEU A 40 -1.79 8.95 -15.02
N PHE A 41 -1.71 9.21 -13.72
CA PHE A 41 -1.59 8.15 -12.73
C PHE A 41 -2.76 7.18 -12.83
N ARG A 42 -3.97 7.73 -12.84
CA ARG A 42 -5.18 6.91 -12.93
C ARG A 42 -5.29 6.26 -14.30
N GLN A 43 -4.66 6.88 -15.30
CA GLN A 43 -4.70 6.36 -16.66
C GLN A 43 -3.73 5.19 -16.81
N GLN A 44 -2.55 5.33 -16.22
CA GLN A 44 -1.52 4.28 -16.29
C GLN A 44 -1.80 3.18 -15.27
N LEU A 45 -2.24 3.57 -14.08
CA LEU A 45 -2.54 2.62 -13.02
C LEU A 45 -3.99 2.14 -13.12
N GLY A 46 -4.80 2.87 -13.87
CA GLY A 46 -6.20 2.49 -14.02
C GLY A 46 -6.98 2.64 -12.74
N ILE A 47 -6.36 3.23 -11.73
CA ILE A 47 -7.02 3.43 -10.43
C ILE A 47 -6.49 4.68 -9.74
N SER A 48 -7.14 5.06 -8.65
CA SER A 48 -6.74 6.23 -7.89
C SER A 48 -5.51 5.94 -7.04
N VAL A 49 -4.66 6.95 -6.86
CA VAL A 49 -3.44 6.80 -6.07
C VAL A 49 -3.76 6.27 -4.67
N LEU A 50 -4.88 6.74 -4.11
CA LEU A 50 -5.30 6.31 -2.78
C LEU A 50 -5.58 4.80 -2.76
N SER A 51 -6.19 4.31 -3.83
CA SER A 51 -6.52 2.89 -3.94
C SER A 51 -5.27 2.06 -4.15
N TRP A 52 -4.39 2.53 -5.03
CA TRP A 52 -3.15 1.83 -5.33
C TRP A 52 -2.32 1.63 -4.08
N ARG A 53 -2.24 2.66 -3.25
CA ARG A 53 -1.47 2.60 -2.01
C ARG A 53 -2.01 1.51 -1.10
N GLU A 54 -3.33 1.49 -0.92
CA GLU A 54 -3.97 0.49 -0.07
C GLU A 54 -3.81 -0.91 -0.65
N ASP A 55 -4.07 -1.04 -1.94
CA ASP A 55 -3.96 -2.32 -2.62
C ASP A 55 -2.56 -2.92 -2.44
N GLN A 56 -1.55 -2.07 -2.60
CA GLN A 56 -0.17 -2.52 -2.45
C GLN A 56 0.15 -2.85 -0.99
N ARG A 57 -0.44 -2.07 -0.08
CA ARG A 57 -0.22 -2.27 1.34
C ARG A 57 -0.72 -3.65 1.78
N ILE A 58 -1.92 -4.00 1.34
CA ILE A 58 -2.51 -5.29 1.69
C ILE A 58 -1.72 -6.44 1.07
N SER A 59 -1.36 -6.28 -0.20
CA SER A 59 -0.60 -7.31 -0.91
C SER A 59 0.80 -7.45 -0.34
N GLN A 60 1.34 -6.33 0.17
CA GLN A 60 2.68 -6.33 0.74
C GLN A 60 2.71 -7.13 2.05
N ALA A 61 1.70 -6.92 2.89
CA ALA A 61 1.62 -7.62 4.16
C ALA A 61 1.60 -9.13 3.96
N LYS A 62 0.85 -9.59 2.98
CA LYS A 62 0.75 -11.01 2.68
C LYS A 62 2.05 -11.53 2.06
N LEU A 63 2.70 -10.67 1.28
CA LEU A 63 3.95 -11.04 0.62
C LEU A 63 5.06 -11.23 1.65
N LEU A 64 5.23 -10.25 2.53
CA LEU A 64 6.26 -10.32 3.57
C LEU A 64 5.93 -11.40 4.60
N LEU A 65 4.65 -11.53 4.91
CA LEU A 65 4.19 -12.52 5.89
C LEU A 65 4.50 -13.94 5.41
N SER A 66 4.54 -14.10 4.08
CA SER A 66 4.82 -15.41 3.49
C SER A 66 6.31 -15.74 3.59
N THR A 67 7.12 -14.71 3.76
CA THR A 67 8.57 -14.89 3.88
C THR A 67 9.05 -14.59 5.28
N THR A 68 8.12 -14.24 6.16
CA THR A 68 8.45 -13.93 7.55
C THR A 68 7.51 -14.63 8.52
N ARG A 69 7.89 -14.69 9.78
CA ARG A 69 7.08 -15.34 10.80
C ARG A 69 6.75 -14.37 11.94
N MET A 70 6.89 -13.07 11.65
CA MET A 70 6.61 -12.05 12.65
C MET A 70 5.13 -12.00 12.98
N PRO A 71 4.79 -11.50 14.18
CA PRO A 71 3.41 -11.39 14.64
C PRO A 71 2.61 -10.34 13.87
N ILE A 72 1.30 -10.37 14.02
CA ILE A 72 0.43 -9.41 13.34
C ILE A 72 0.72 -7.98 13.80
N ALA A 73 1.15 -7.85 15.05
CA ALA A 73 1.46 -6.54 15.60
C ALA A 73 2.65 -5.90 14.88
N THR A 74 3.71 -6.68 14.69
CA THR A 74 4.91 -6.20 14.01
C THR A 74 4.64 -5.99 12.53
N VAL A 75 3.98 -6.95 11.90
CA VAL A 75 3.67 -6.87 10.48
C VAL A 75 2.89 -5.60 10.16
N GLY A 76 1.94 -5.25 11.04
CA GLY A 76 1.15 -4.06 10.84
C GLY A 76 1.99 -2.81 10.70
N ARG A 77 2.99 -2.68 11.56
CA ARG A 77 3.87 -1.51 11.53
C ARG A 77 4.54 -1.38 10.17
N ASN A 78 4.83 -2.51 9.54
CA ASN A 78 5.48 -2.52 8.24
C ASN A 78 4.61 -1.82 7.19
N VAL A 79 3.30 -1.91 7.37
CA VAL A 79 2.35 -1.27 6.45
C VAL A 79 1.84 0.04 7.00
N GLY A 80 2.55 0.58 7.99
CA GLY A 80 2.15 1.83 8.60
C GLY A 80 1.01 1.67 9.58
N PHE A 81 0.55 0.43 9.75
CA PHE A 81 -0.55 0.14 10.68
C PHE A 81 -0.03 -0.01 12.10
N ASP A 82 -0.49 0.88 12.97
CA ASP A 82 -0.09 0.86 14.38
C ASP A 82 -0.96 -0.10 15.18
N ASP A 83 -2.21 -0.23 14.77
CA ASP A 83 -3.15 -1.11 15.46
C ASP A 83 -3.17 -2.49 14.80
N GLN A 84 -2.81 -3.51 15.57
CA GLN A 84 -2.77 -4.88 15.07
C GLN A 84 -4.17 -5.34 14.67
N LEU A 85 -5.16 -4.99 15.49
CA LEU A 85 -6.54 -5.37 15.22
C LEU A 85 -7.09 -4.63 14.01
N TYR A 86 -6.62 -3.40 13.82
CA TYR A 86 -7.06 -2.58 12.69
C TYR A 86 -6.74 -3.26 11.37
N PHE A 87 -5.51 -3.73 11.23
CA PHE A 87 -5.07 -4.39 10.01
C PHE A 87 -5.88 -5.66 9.76
N SER A 88 -6.05 -6.46 10.81
CA SER A 88 -6.81 -7.71 10.70
C SER A 88 -8.28 -7.42 10.40
N ARG A 89 -8.80 -6.35 10.98
CA ARG A 89 -10.19 -5.97 10.78
C ARG A 89 -10.46 -5.65 9.31
N VAL A 90 -9.63 -4.77 8.74
CA VAL A 90 -9.77 -4.37 7.35
C VAL A 90 -9.37 -5.51 6.41
N PHE A 91 -8.31 -6.22 6.77
CA PHE A 91 -7.82 -7.33 5.97
C PHE A 91 -8.85 -8.47 5.94
N LYS A 92 -9.53 -8.67 7.06
CA LYS A 92 -10.53 -9.73 7.16
C LYS A 92 -11.61 -9.55 6.09
N LYS A 93 -12.12 -8.33 5.97
CA LYS A 93 -13.16 -8.04 5.00
C LYS A 93 -12.57 -7.93 3.59
N CYS A 94 -11.29 -7.58 3.52
CA CYS A 94 -10.61 -7.45 2.25
C CYS A 94 -10.64 -8.75 1.46
N THR A 95 -10.28 -9.85 2.11
CA THR A 95 -10.28 -11.16 1.47
C THR A 95 -11.44 -12.01 1.96
N GLY A 96 -12.13 -11.53 3.00
CA GLY A 96 -13.26 -12.26 3.54
C GLY A 96 -12.89 -13.13 4.72
N ALA A 97 -11.58 -13.26 4.96
CA ALA A 97 -11.10 -14.07 6.07
C ALA A 97 -9.95 -13.37 6.79
N SER A 98 -9.84 -13.63 8.10
CA SER A 98 -8.80 -13.02 8.91
C SER A 98 -7.42 -13.51 8.47
N PRO A 99 -6.38 -12.77 8.88
CA PRO A 99 -4.99 -13.10 8.54
C PRO A 99 -4.51 -14.36 9.26
N SER A 100 -5.02 -14.59 10.46
CA SER A 100 -4.64 -15.76 11.25
C SER A 100 -5.14 -17.04 10.59
N GLU A 101 -6.31 -16.96 9.96
CA GLU A 101 -6.90 -18.11 9.30
C GLU A 101 -6.17 -18.42 7.99
N PHE A 102 -5.95 -17.38 7.19
CA PHE A 102 -5.27 -17.54 5.90
C PHE A 102 -3.88 -18.13 6.11
N ARG A 103 -3.20 -17.70 7.16
CA ARG A 103 -1.86 -18.18 7.47
C ARG A 103 -1.86 -19.68 7.74
N ALA A 104 -2.92 -20.15 8.40
CA ALA A 104 -3.05 -21.57 8.73
C ALA A 104 -3.11 -22.41 7.46
N GLY A 105 -3.77 -21.88 6.43
CA GLY A 105 -3.89 -22.61 5.18
C GLY A 105 -5.09 -23.53 5.16
N CYS A 106 -5.72 -23.70 6.32
CA CYS A 106 -6.88 -24.58 6.43
C CYS A 106 -7.96 -24.19 5.42
N GLU A 107 -8.55 -25.20 4.78
CA GLU A 107 -9.59 -24.96 3.79
C GLU A 107 -10.97 -24.89 4.45
N MET A 1 2.40 0.85 -18.12
CA MET A 1 2.84 1.82 -17.13
C MET A 1 3.69 2.90 -17.77
N ASP A 2 3.53 4.14 -17.30
CA ASP A 2 4.29 5.26 -17.84
C ASP A 2 5.53 5.53 -16.99
N ASN A 3 6.60 6.02 -17.63
CA ASN A 3 7.84 6.32 -16.94
C ASN A 3 7.64 7.45 -15.94
N ARG A 4 6.69 8.35 -16.24
CA ARG A 4 6.42 9.48 -15.37
C ARG A 4 5.72 9.03 -14.09
N VAL A 5 4.67 8.22 -14.25
CA VAL A 5 3.92 7.71 -13.11
C VAL A 5 4.75 6.70 -12.32
N ARG A 6 5.51 5.88 -13.03
CA ARG A 6 6.35 4.87 -12.39
C ARG A 6 7.34 5.51 -11.43
N GLU A 7 7.86 6.67 -11.81
CA GLU A 7 8.83 7.38 -10.98
C GLU A 7 8.21 7.78 -9.64
N ALA A 8 6.99 8.31 -9.70
CA ALA A 8 6.28 8.73 -8.50
C ALA A 8 6.10 7.56 -7.53
N CYS A 9 5.90 6.37 -8.07
CA CYS A 9 5.72 5.18 -7.25
C CYS A 9 6.94 4.93 -6.37
N GLN A 10 8.11 5.26 -6.90
CA GLN A 10 9.36 5.07 -6.16
C GLN A 10 9.37 5.90 -4.88
N TYR A 11 8.90 7.14 -4.98
CA TYR A 11 8.86 8.03 -3.83
C TYR A 11 7.81 7.57 -2.82
N ILE A 12 6.63 7.21 -3.32
CA ILE A 12 5.54 6.74 -2.48
C ILE A 12 5.92 5.46 -1.75
N SER A 13 6.54 4.54 -2.48
CA SER A 13 6.96 3.26 -1.90
C SER A 13 7.91 3.48 -0.73
N ASP A 14 8.83 4.42 -0.89
CA ASP A 14 9.81 4.72 0.15
C ASP A 14 9.12 5.32 1.38
N HIS A 15 8.08 6.11 1.14
CA HIS A 15 7.34 6.74 2.22
C HIS A 15 6.09 5.92 2.57
N LEU A 16 6.08 4.66 2.15
CA LEU A 16 4.96 3.77 2.42
C LEU A 16 4.75 3.59 3.93
N ALA A 17 5.83 3.73 4.69
CA ALA A 17 5.77 3.58 6.13
C ALA A 17 5.46 4.91 6.81
N ASP A 18 5.71 6.00 6.09
CA ASP A 18 5.45 7.34 6.62
C ASP A 18 3.96 7.57 6.81
N SER A 19 3.61 8.26 7.89
CA SER A 19 2.21 8.53 8.20
C SER A 19 1.71 9.74 7.41
N ASN A 20 2.46 10.84 7.47
CA ASN A 20 2.09 12.05 6.75
C ASN A 20 2.46 11.94 5.27
N PHE A 21 1.43 11.79 4.44
CA PHE A 21 1.64 11.67 3.00
C PHE A 21 1.08 12.89 2.26
N ASP A 22 1.93 13.53 1.46
CA ASP A 22 1.52 14.71 0.72
C ASP A 22 1.60 14.44 -0.79
N ILE A 23 0.44 14.41 -1.44
CA ILE A 23 0.37 14.16 -2.87
C ILE A 23 1.23 15.16 -3.64
N ALA A 24 1.43 16.33 -3.05
CA ALA A 24 2.24 17.37 -3.68
C ALA A 24 3.66 16.90 -3.93
N SER A 25 4.23 16.20 -2.94
CA SER A 25 5.59 15.68 -3.07
C SER A 25 5.70 14.68 -4.21
N VAL A 26 4.59 13.99 -4.49
CA VAL A 26 4.56 13.01 -5.56
C VAL A 26 4.71 13.67 -6.93
N ALA A 27 3.89 14.69 -7.17
CA ALA A 27 3.94 15.42 -8.43
C ALA A 27 5.25 16.18 -8.58
N GLN A 28 5.69 16.81 -7.50
CA GLN A 28 6.92 17.59 -7.51
C GLN A 28 8.12 16.69 -7.81
N HIS A 29 8.09 15.47 -7.28
CA HIS A 29 9.17 14.52 -7.50
C HIS A 29 9.38 14.26 -9.00
N VAL A 30 8.30 14.27 -9.75
CA VAL A 30 8.36 14.05 -11.20
C VAL A 30 8.37 15.36 -11.96
N CYS A 31 8.67 16.46 -11.25
CA CYS A 31 8.71 17.77 -11.87
C CYS A 31 7.43 18.05 -12.64
N LEU A 32 6.30 17.58 -12.10
CA LEU A 32 5.00 17.78 -12.74
C LEU A 32 3.94 18.15 -11.72
N SER A 33 2.82 18.67 -12.20
CA SER A 33 1.73 19.06 -11.32
C SER A 33 0.97 17.84 -10.81
N PRO A 34 0.27 18.02 -9.68
CA PRO A 34 -0.51 16.93 -9.07
C PRO A 34 -1.75 16.57 -9.89
N SER A 35 -2.40 17.59 -10.45
CA SER A 35 -3.60 17.36 -11.25
C SER A 35 -3.25 16.65 -12.55
N ARG A 36 -2.21 17.12 -13.22
CA ARG A 36 -1.78 16.53 -14.48
C ARG A 36 -1.24 15.11 -14.25
N LEU A 37 -0.46 14.95 -13.19
CA LEU A 37 0.12 13.66 -12.85
C LEU A 37 -0.96 12.67 -12.41
N SER A 38 -1.86 13.14 -11.57
CA SER A 38 -2.94 12.30 -11.06
C SER A 38 -3.81 11.79 -12.21
N HIS A 39 -4.05 12.65 -13.20
CA HIS A 39 -4.86 12.28 -14.35
C HIS A 39 -4.25 11.09 -15.10
N LEU A 40 -2.95 11.19 -15.38
CA LEU A 40 -2.25 10.12 -16.09
C LEU A 40 -2.05 8.91 -15.18
N PHE A 41 -1.91 9.16 -13.89
CA PHE A 41 -1.71 8.08 -12.92
C PHE A 41 -2.88 7.10 -12.95
N ARG A 42 -4.10 7.65 -12.88
CA ARG A 42 -5.30 6.82 -12.90
C ARG A 42 -5.49 6.17 -14.27
N GLN A 43 -4.94 6.80 -15.30
CA GLN A 43 -5.06 6.28 -16.66
C GLN A 43 -4.07 5.13 -16.89
N GLN A 44 -2.86 5.27 -16.36
CA GLN A 44 -1.83 4.25 -16.50
C GLN A 44 -2.03 3.14 -15.48
N LEU A 45 -2.40 3.52 -14.26
CA LEU A 45 -2.63 2.55 -13.18
C LEU A 45 -4.06 2.05 -13.19
N GLY A 46 -4.93 2.78 -13.89
CA GLY A 46 -6.33 2.39 -13.96
C GLY A 46 -7.04 2.50 -12.62
N ILE A 47 -6.36 3.10 -11.65
CA ILE A 47 -6.94 3.27 -10.32
C ILE A 47 -6.41 4.54 -9.65
N SER A 48 -6.99 4.88 -8.50
CA SER A 48 -6.58 6.07 -7.76
C SER A 48 -5.28 5.82 -7.02
N VAL A 49 -4.49 6.88 -6.85
CA VAL A 49 -3.21 6.78 -6.15
C VAL A 49 -3.40 6.16 -4.77
N LEU A 50 -4.41 6.63 -4.04
CA LEU A 50 -4.70 6.14 -2.71
C LEU A 50 -5.01 4.64 -2.74
N SER A 51 -5.62 4.19 -3.83
CA SER A 51 -5.98 2.78 -3.98
C SER A 51 -4.73 1.94 -4.24
N TRP A 52 -3.88 2.41 -5.14
CA TRP A 52 -2.64 1.70 -5.48
C TRP A 52 -1.77 1.51 -4.25
N ARG A 53 -1.62 2.57 -3.47
CA ARG A 53 -0.81 2.52 -2.26
C ARG A 53 -1.33 1.46 -1.30
N GLU A 54 -2.64 1.47 -1.07
CA GLU A 54 -3.26 0.50 -0.17
C GLU A 54 -3.14 -0.92 -0.72
N ASP A 55 -3.35 -1.06 -2.03
CA ASP A 55 -3.26 -2.36 -2.67
C ASP A 55 -1.89 -2.99 -2.44
N GLN A 56 -0.84 -2.20 -2.63
CA GLN A 56 0.53 -2.68 -2.44
C GLN A 56 0.82 -2.95 -0.97
N ARG A 57 0.27 -2.10 -0.10
CA ARG A 57 0.47 -2.25 1.34
C ARG A 57 -0.01 -3.61 1.82
N ILE A 58 -1.20 -4.00 1.39
CA ILE A 58 -1.78 -5.28 1.77
C ILE A 58 -1.00 -6.44 1.16
N SER A 59 -0.57 -6.26 -0.09
CA SER A 59 0.19 -7.29 -0.79
C SER A 59 1.53 -7.53 -0.13
N GLN A 60 2.13 -6.46 0.40
CA GLN A 60 3.42 -6.56 1.07
C GLN A 60 3.29 -7.31 2.39
N ALA A 61 2.21 -7.05 3.11
CA ALA A 61 1.97 -7.69 4.39
C ALA A 61 1.78 -9.21 4.22
N LYS A 62 0.96 -9.57 3.24
CA LYS A 62 0.69 -10.98 2.96
C LYS A 62 1.91 -11.66 2.35
N LEU A 63 2.67 -10.91 1.57
CA LEU A 63 3.87 -11.44 0.93
C LEU A 63 4.95 -11.74 1.95
N LEU A 64 5.23 -10.78 2.83
CA LEU A 64 6.24 -10.95 3.86
C LEU A 64 5.78 -11.95 4.91
N LEU A 65 4.49 -11.91 5.23
CA LEU A 65 3.92 -12.82 6.22
C LEU A 65 4.16 -14.27 5.84
N SER A 66 4.26 -14.53 4.53
CA SER A 66 4.49 -15.87 4.03
C SER A 66 5.93 -16.31 4.30
N THR A 67 6.82 -15.33 4.42
CA THR A 67 8.24 -15.62 4.67
C THR A 67 8.63 -15.23 6.09
N THR A 68 7.64 -14.80 6.88
CA THR A 68 7.89 -14.40 8.26
C THR A 68 6.86 -15.01 9.20
N ARG A 69 7.18 -15.03 10.49
CA ARG A 69 6.28 -15.60 11.49
C ARG A 69 5.95 -14.56 12.56
N MET A 70 6.17 -13.28 12.24
CA MET A 70 5.88 -12.20 13.16
C MET A 70 4.38 -12.05 13.38
N PRO A 71 4.00 -11.52 14.55
CA PRO A 71 2.59 -11.31 14.90
C PRO A 71 1.94 -10.21 14.08
N ILE A 72 0.62 -10.13 14.13
CA ILE A 72 -0.13 -9.12 13.38
C ILE A 72 0.30 -7.72 13.79
N ALA A 73 0.71 -7.57 15.04
CA ALA A 73 1.15 -6.28 15.55
C ALA A 73 2.43 -5.82 14.85
N THR A 74 3.39 -6.72 14.74
CA THR A 74 4.66 -6.41 14.10
C THR A 74 4.48 -6.17 12.61
N VAL A 75 3.77 -7.08 11.95
CA VAL A 75 3.51 -6.96 10.52
C VAL A 75 2.84 -5.63 10.18
N GLY A 76 1.90 -5.22 11.03
CA GLY A 76 1.21 -3.98 10.80
C GLY A 76 2.15 -2.79 10.71
N ARG A 77 3.13 -2.75 11.59
CA ARG A 77 4.11 -1.67 11.60
C ARG A 77 4.81 -1.55 10.25
N ASN A 78 5.02 -2.69 9.59
CA ASN A 78 5.69 -2.71 8.30
C ASN A 78 4.86 -1.97 7.25
N VAL A 79 3.54 -2.01 7.41
CA VAL A 79 2.64 -1.33 6.48
C VAL A 79 2.19 0.01 7.03
N GLY A 80 2.93 0.52 8.00
CA GLY A 80 2.60 1.81 8.59
C GLY A 80 1.38 1.73 9.49
N PHE A 81 0.87 0.52 9.70
CA PHE A 81 -0.30 0.31 10.54
C PHE A 81 0.10 0.23 12.01
N ASP A 82 -0.40 1.18 12.80
CA ASP A 82 -0.10 1.23 14.22
C ASP A 82 -1.02 0.30 15.00
N ASP A 83 -2.24 0.15 14.51
CA ASP A 83 -3.23 -0.72 15.16
C ASP A 83 -3.23 -2.10 14.53
N GLN A 84 -2.92 -3.13 15.34
CA GLN A 84 -2.89 -4.50 14.86
C GLN A 84 -4.27 -4.93 14.37
N LEU A 85 -5.31 -4.52 15.09
CA LEU A 85 -6.68 -4.88 14.73
C LEU A 85 -7.10 -4.16 13.44
N TYR A 86 -6.58 -2.96 13.25
CA TYR A 86 -6.91 -2.17 12.06
C TYR A 86 -6.49 -2.90 10.80
N PHE A 87 -5.30 -3.50 10.84
CA PHE A 87 -4.78 -4.24 9.69
C PHE A 87 -5.62 -5.47 9.40
N SER A 88 -5.97 -6.21 10.45
CA SER A 88 -6.77 -7.42 10.31
C SER A 88 -8.17 -7.08 9.81
N ARG A 89 -8.72 -5.96 10.27
CA ARG A 89 -10.05 -5.53 9.87
C ARG A 89 -10.10 -5.24 8.37
N VAL A 90 -9.15 -4.43 7.90
CA VAL A 90 -9.08 -4.08 6.49
C VAL A 90 -8.66 -5.28 5.64
N PHE A 91 -7.62 -5.97 6.10
CA PHE A 91 -7.10 -7.14 5.38
C PHE A 91 -8.17 -8.23 5.28
N LYS A 92 -8.99 -8.35 6.32
CA LYS A 92 -10.05 -9.35 6.35
C LYS A 92 -10.99 -9.18 5.16
N LYS A 93 -11.36 -7.93 4.88
CA LYS A 93 -12.25 -7.63 3.76
C LYS A 93 -11.50 -7.71 2.43
N CYS A 94 -10.19 -7.51 2.48
CA CYS A 94 -9.36 -7.56 1.28
C CYS A 94 -9.45 -8.93 0.62
N THR A 95 -9.26 -9.98 1.40
CA THR A 95 -9.32 -11.35 0.89
C THR A 95 -10.63 -12.03 1.28
N GLY A 96 -11.38 -11.39 2.19
CA GLY A 96 -12.64 -11.94 2.62
C GLY A 96 -12.51 -12.74 3.91
N ALA A 97 -11.27 -12.97 4.33
CA ALA A 97 -11.01 -13.72 5.56
C ALA A 97 -9.90 -13.07 6.38
N SER A 98 -9.99 -13.20 7.69
CA SER A 98 -8.99 -12.63 8.59
C SER A 98 -7.63 -13.27 8.38
N PRO A 99 -6.57 -12.61 8.86
CA PRO A 99 -5.20 -13.11 8.74
C PRO A 99 -4.95 -14.33 9.62
N SER A 100 -5.63 -14.39 10.76
CA SER A 100 -5.48 -15.50 11.68
C SER A 100 -6.03 -16.80 11.09
N GLU A 101 -7.09 -16.66 10.30
CA GLU A 101 -7.72 -17.81 9.66
C GLU A 101 -6.86 -18.31 8.50
N PHE A 102 -6.43 -17.39 7.64
CA PHE A 102 -5.62 -17.74 6.49
C PHE A 102 -4.33 -18.44 6.92
N ARG A 103 -3.74 -17.96 8.00
CA ARG A 103 -2.50 -18.53 8.52
C ARG A 103 -2.71 -20.00 8.88
N ALA A 104 -3.86 -20.31 9.46
CA ALA A 104 -4.18 -21.68 9.86
C ALA A 104 -4.31 -22.58 8.64
N GLY A 105 -4.67 -22.00 7.51
CA GLY A 105 -4.83 -22.77 6.29
C GLY A 105 -6.21 -23.38 6.15
N CYS A 106 -7.14 -22.93 7.00
CA CYS A 106 -8.50 -23.43 6.97
C CYS A 106 -9.35 -22.65 5.98
N GLU A 107 -10.05 -23.36 5.10
CA GLU A 107 -10.89 -22.73 4.09
C GLU A 107 -10.22 -21.48 3.52
N MET A 1 3.01 1.15 -17.22
CA MET A 1 3.51 2.12 -16.26
C MET A 1 4.28 3.23 -16.96
N ASP A 2 3.90 4.48 -16.69
CA ASP A 2 4.56 5.62 -17.30
C ASP A 2 5.87 5.92 -16.60
N ASN A 3 6.84 6.44 -17.36
CA ASN A 3 8.15 6.78 -16.81
C ASN A 3 8.01 7.70 -15.59
N ARG A 4 7.16 8.71 -15.72
CA ARG A 4 6.94 9.67 -14.63
C ARG A 4 6.18 9.00 -13.48
N VAL A 5 5.18 8.19 -13.83
CA VAL A 5 4.38 7.50 -12.82
C VAL A 5 5.23 6.55 -12.00
N ARG A 6 6.17 5.88 -12.66
CA ARG A 6 7.06 4.93 -12.00
C ARG A 6 7.93 5.64 -10.96
N GLU A 7 8.37 6.85 -11.28
CA GLU A 7 9.21 7.63 -10.39
C GLU A 7 8.46 7.95 -9.09
N ALA A 8 7.15 8.14 -9.20
CA ALA A 8 6.34 8.45 -8.04
C ALA A 8 6.37 7.31 -7.01
N CYS A 9 6.45 6.09 -7.51
CA CYS A 9 6.49 4.91 -6.65
C CYS A 9 7.70 4.98 -5.70
N GLN A 10 8.80 5.54 -6.20
CA GLN A 10 10.01 5.66 -5.42
C GLN A 10 9.81 6.59 -4.22
N TYR A 11 9.18 7.73 -4.48
CA TYR A 11 8.91 8.71 -3.43
C TYR A 11 7.87 8.19 -2.44
N ILE A 12 6.77 7.68 -2.98
CA ILE A 12 5.69 7.15 -2.15
C ILE A 12 6.19 5.97 -1.31
N SER A 13 6.99 5.11 -1.92
CA SER A 13 7.53 3.95 -1.22
C SER A 13 8.29 4.37 0.04
N ASP A 14 9.09 5.41 -0.08
CA ASP A 14 9.88 5.91 1.04
C ASP A 14 8.97 6.51 2.11
N HIS A 15 7.76 6.89 1.71
CA HIS A 15 6.81 7.48 2.63
C HIS A 15 5.75 6.46 3.05
N LEU A 16 6.07 5.18 2.84
CA LEU A 16 5.15 4.10 3.20
C LEU A 16 4.85 4.11 4.69
N ALA A 17 5.82 4.56 5.49
CA ALA A 17 5.65 4.63 6.94
C ALA A 17 5.14 6.01 7.36
N ASP A 18 5.36 7.00 6.50
CA ASP A 18 4.92 8.36 6.79
C ASP A 18 3.41 8.44 6.95
N SER A 19 2.94 9.38 7.75
CA SER A 19 1.52 9.55 8.00
C SER A 19 0.95 10.66 7.11
N ASN A 20 1.58 11.82 7.13
CA ASN A 20 1.14 12.95 6.34
C ASN A 20 1.57 12.79 4.88
N PHE A 21 0.60 12.47 4.02
CA PHE A 21 0.88 12.29 2.60
C PHE A 21 0.23 13.39 1.77
N ASP A 22 1.04 14.09 0.98
CA ASP A 22 0.55 15.17 0.14
C ASP A 22 0.73 14.83 -1.34
N ILE A 23 -0.39 14.62 -2.03
CA ILE A 23 -0.36 14.29 -3.45
C ILE A 23 0.41 15.34 -4.24
N ALA A 24 0.45 16.56 -3.72
CA ALA A 24 1.17 17.65 -4.37
C ALA A 24 2.65 17.34 -4.51
N SER A 25 3.23 16.79 -3.45
CA SER A 25 4.65 16.44 -3.45
C SER A 25 4.95 15.38 -4.50
N VAL A 26 3.97 14.52 -4.77
CA VAL A 26 4.12 13.46 -5.75
C VAL A 26 4.17 14.02 -7.16
N ALA A 27 3.38 15.06 -7.42
CA ALA A 27 3.33 15.69 -8.73
C ALA A 27 4.64 16.41 -9.03
N GLN A 28 5.11 17.21 -8.08
CA GLN A 28 6.35 17.96 -8.25
C GLN A 28 7.53 17.01 -8.43
N HIS A 29 7.51 15.88 -7.72
CA HIS A 29 8.57 14.89 -7.81
C HIS A 29 8.75 14.41 -9.25
N VAL A 30 7.63 14.31 -9.98
CA VAL A 30 7.66 13.86 -11.36
C VAL A 30 7.66 15.04 -12.32
N CYS A 31 7.93 16.23 -11.80
CA CYS A 31 7.95 17.45 -12.61
C CYS A 31 6.68 17.57 -13.43
N LEU A 32 5.55 17.16 -12.84
CA LEU A 32 4.26 17.24 -13.51
C LEU A 32 3.16 17.66 -12.55
N SER A 33 2.06 18.17 -13.09
CA SER A 33 0.94 18.61 -12.27
C SER A 33 0.22 17.41 -11.65
N PRO A 34 -0.52 17.68 -10.57
CA PRO A 34 -1.26 16.64 -9.85
C PRO A 34 -2.45 16.13 -10.66
N SER A 35 -3.14 17.04 -11.34
CA SER A 35 -4.30 16.68 -12.14
C SER A 35 -3.88 15.84 -13.35
N ARG A 36 -2.84 16.28 -14.04
CA ARG A 36 -2.35 15.58 -15.22
C ARG A 36 -1.70 14.25 -14.82
N LEU A 37 -0.96 14.27 -13.73
CA LEU A 37 -0.30 13.06 -13.24
C LEU A 37 -1.31 12.05 -12.72
N SER A 38 -2.29 12.53 -11.96
CA SER A 38 -3.31 11.67 -11.39
C SER A 38 -4.10 10.97 -12.49
N HIS A 39 -4.36 11.70 -13.58
CA HIS A 39 -5.11 11.15 -14.71
C HIS A 39 -4.39 9.94 -15.30
N LEU A 40 -3.09 10.11 -15.55
CA LEU A 40 -2.28 9.03 -16.12
C LEU A 40 -2.03 7.94 -15.09
N PHE A 41 -1.95 8.33 -13.82
CA PHE A 41 -1.71 7.38 -12.74
C PHE A 41 -2.82 6.33 -12.69
N ARG A 42 -4.06 6.79 -12.68
CA ARG A 42 -5.21 5.89 -12.64
C ARG A 42 -5.34 5.10 -13.94
N GLN A 43 -4.81 5.66 -15.02
CA GLN A 43 -4.86 5.00 -16.32
C GLN A 43 -3.80 3.90 -16.42
N GLN A 44 -2.61 4.19 -15.90
CA GLN A 44 -1.52 3.22 -15.92
C GLN A 44 -1.66 2.21 -14.79
N LEU A 45 -2.07 2.68 -13.63
CA LEU A 45 -2.25 1.81 -12.47
C LEU A 45 -3.65 1.21 -12.44
N GLY A 46 -4.55 1.81 -13.21
CA GLY A 46 -5.92 1.33 -13.25
C GLY A 46 -6.66 1.53 -11.95
N ILE A 47 -6.03 2.25 -11.03
CA ILE A 47 -6.64 2.53 -9.72
C ILE A 47 -6.20 3.87 -9.18
N SER A 48 -6.79 4.29 -8.07
CA SER A 48 -6.45 5.56 -7.44
C SER A 48 -5.14 5.46 -6.68
N VAL A 49 -4.39 6.56 -6.65
CA VAL A 49 -3.11 6.60 -5.96
C VAL A 49 -3.25 6.16 -4.51
N LEU A 50 -4.30 6.65 -3.85
CA LEU A 50 -4.56 6.30 -2.46
C LEU A 50 -4.80 4.81 -2.30
N SER A 51 -5.42 4.20 -3.32
CA SER A 51 -5.72 2.77 -3.29
C SER A 51 -4.43 1.96 -3.48
N TRP A 52 -3.62 2.37 -4.44
CA TRP A 52 -2.36 1.67 -4.72
C TRP A 52 -1.47 1.64 -3.48
N ARG A 53 -1.41 2.76 -2.78
CA ARG A 53 -0.58 2.86 -1.58
C ARG A 53 -1.00 1.81 -0.55
N GLU A 54 -2.30 1.70 -0.32
CA GLU A 54 -2.82 0.74 0.64
C GLU A 54 -2.58 -0.69 0.17
N ASP A 55 -2.74 -0.91 -1.13
CA ASP A 55 -2.54 -2.23 -1.71
C ASP A 55 -1.07 -2.65 -1.63
N GLN A 56 -0.18 -1.68 -1.77
CA GLN A 56 1.24 -1.93 -1.71
C GLN A 56 1.66 -2.36 -0.31
N ARG A 57 1.18 -1.64 0.70
CA ARG A 57 1.50 -1.95 2.09
C ARG A 57 0.82 -3.24 2.54
N ILE A 58 -0.45 -3.40 2.17
CA ILE A 58 -1.21 -4.58 2.52
C ILE A 58 -0.63 -5.82 1.86
N SER A 59 -0.27 -5.70 0.59
CA SER A 59 0.30 -6.81 -0.17
C SER A 59 1.70 -7.15 0.33
N GLN A 60 2.43 -6.13 0.79
CA GLN A 60 3.78 -6.31 1.29
C GLN A 60 3.77 -7.06 2.62
N ALA A 61 2.80 -6.74 3.46
CA ALA A 61 2.67 -7.37 4.76
C ALA A 61 2.30 -8.84 4.63
N LYS A 62 1.31 -9.13 3.78
CA LYS A 62 0.86 -10.49 3.55
C LYS A 62 1.90 -11.28 2.76
N LEU A 63 2.61 -10.60 1.87
CA LEU A 63 3.64 -11.24 1.05
C LEU A 63 4.70 -11.91 1.94
N LEU A 64 5.23 -11.14 2.88
CA LEU A 64 6.26 -11.65 3.79
C LEU A 64 5.66 -12.66 4.76
N LEU A 65 4.43 -12.41 5.19
CA LEU A 65 3.75 -13.30 6.13
C LEU A 65 3.69 -14.72 5.57
N SER A 66 3.67 -14.85 4.25
CA SER A 66 3.62 -16.15 3.60
C SER A 66 4.94 -16.88 3.74
N THR A 67 6.04 -16.12 3.78
CA THR A 67 7.37 -16.69 3.91
C THR A 67 7.90 -16.54 5.33
N THR A 68 7.04 -16.04 6.23
CA THR A 68 7.43 -15.84 7.61
C THR A 68 6.36 -16.37 8.56
N ARG A 69 6.70 -16.48 9.84
CA ARG A 69 5.76 -16.97 10.85
C ARG A 69 5.56 -15.93 11.95
N MET A 70 5.90 -14.69 11.66
CA MET A 70 5.76 -13.61 12.63
C MET A 70 4.29 -13.31 12.88
N PRO A 71 3.99 -12.77 14.07
CA PRO A 71 2.61 -12.42 14.47
C PRO A 71 2.07 -11.24 13.69
N ILE A 72 0.76 -11.03 13.78
CA ILE A 72 0.12 -9.92 13.07
C ILE A 72 0.65 -8.58 13.58
N ALA A 73 1.02 -8.54 14.86
CA ALA A 73 1.55 -7.32 15.46
C ALA A 73 2.86 -6.90 14.81
N THR A 74 3.76 -7.86 14.65
CA THR A 74 5.06 -7.59 14.05
C THR A 74 4.92 -7.20 12.58
N VAL A 75 4.15 -7.99 11.84
CA VAL A 75 3.92 -7.72 10.42
C VAL A 75 3.36 -6.33 10.21
N GLY A 76 2.44 -5.92 11.08
CA GLY A 76 1.84 -4.61 10.97
C GLY A 76 2.86 -3.49 11.04
N ARG A 77 3.83 -3.64 11.93
CA ARG A 77 4.87 -2.64 12.10
C ARG A 77 5.60 -2.39 10.78
N ASN A 78 5.75 -3.45 9.99
CA ASN A 78 6.44 -3.34 8.70
C ASN A 78 5.70 -2.39 7.77
N VAL A 79 4.37 -2.34 7.91
CA VAL A 79 3.55 -1.47 7.07
C VAL A 79 3.18 -0.19 7.82
N GLY A 80 3.93 0.11 8.87
CA GLY A 80 3.67 1.32 9.64
C GLY A 80 2.43 1.19 10.51
N PHE A 81 1.84 0.00 10.51
CA PHE A 81 0.63 -0.25 11.31
C PHE A 81 0.98 -0.56 12.75
N ASP A 82 0.54 0.30 13.66
CA ASP A 82 0.81 0.11 15.08
C ASP A 82 -0.28 -0.74 15.74
N ASP A 83 -1.50 -0.63 15.22
CA ASP A 83 -2.62 -1.39 15.75
C ASP A 83 -2.80 -2.70 14.99
N GLN A 84 -2.69 -3.81 15.70
CA GLN A 84 -2.83 -5.13 15.09
C GLN A 84 -4.23 -5.30 14.49
N LEU A 85 -5.24 -4.82 15.21
CA LEU A 85 -6.62 -4.92 14.75
C LEU A 85 -6.84 -4.06 13.50
N TYR A 86 -6.13 -2.95 13.42
CA TYR A 86 -6.24 -2.05 12.27
C TYR A 86 -5.84 -2.75 10.98
N PHE A 87 -4.76 -3.53 11.05
CA PHE A 87 -4.26 -4.26 9.88
C PHE A 87 -5.26 -5.32 9.45
N SER A 88 -5.76 -6.09 10.42
CA SER A 88 -6.72 -7.15 10.14
C SER A 88 -8.04 -6.56 9.62
N ARG A 89 -8.43 -5.42 10.18
CA ARG A 89 -9.66 -4.76 9.77
C ARG A 89 -9.61 -4.35 8.30
N VAL A 90 -8.54 -3.66 7.94
CA VAL A 90 -8.36 -3.20 6.56
C VAL A 90 -8.06 -4.37 5.63
N PHE A 91 -7.17 -5.25 6.05
CA PHE A 91 -6.79 -6.40 5.25
C PHE A 91 -8.00 -7.31 5.01
N LYS A 92 -8.87 -7.40 6.01
CA LYS A 92 -10.07 -8.24 5.91
C LYS A 92 -10.92 -7.81 4.72
N LYS A 93 -11.15 -6.51 4.59
CA LYS A 93 -11.96 -5.99 3.49
C LYS A 93 -11.15 -5.97 2.20
N CYS A 94 -9.83 -5.90 2.32
CA CYS A 94 -8.96 -5.87 1.16
C CYS A 94 -9.14 -7.12 0.32
N THR A 95 -9.09 -8.29 0.96
CA THR A 95 -9.24 -9.56 0.27
C THR A 95 -10.63 -10.15 0.52
N GLY A 96 -11.36 -9.57 1.46
CA GLY A 96 -12.69 -10.05 1.78
C GLY A 96 -12.69 -11.01 2.95
N ALA A 97 -11.50 -11.42 3.39
CA ALA A 97 -11.38 -12.34 4.50
C ALA A 97 -10.26 -11.93 5.44
N SER A 98 -10.42 -12.23 6.72
CA SER A 98 -9.42 -11.87 7.73
C SER A 98 -8.12 -12.63 7.49
N PRO A 99 -7.03 -12.15 8.09
CA PRO A 99 -5.71 -12.76 7.96
C PRO A 99 -5.61 -14.10 8.66
N SER A 100 -6.36 -14.24 9.76
CA SER A 100 -6.36 -15.48 10.53
C SER A 100 -7.00 -16.61 9.74
N GLU A 101 -8.01 -16.27 8.93
CA GLU A 101 -8.70 -17.26 8.12
C GLU A 101 -7.84 -17.69 6.93
N PHE A 102 -7.29 -16.72 6.23
CA PHE A 102 -6.45 -16.99 5.06
C PHE A 102 -5.21 -17.80 5.46
N ARG A 103 -4.57 -17.39 6.56
CA ARG A 103 -3.38 -18.08 7.04
C ARG A 103 -3.71 -19.51 7.47
N ALA A 104 -4.94 -19.71 7.94
CA ALA A 104 -5.39 -21.02 8.38
C ALA A 104 -5.71 -21.92 7.19
N GLY A 105 -6.25 -21.32 6.13
CA GLY A 105 -6.60 -22.08 4.94
C GLY A 105 -7.99 -22.68 5.03
N CYS A 106 -8.77 -22.24 6.02
CA CYS A 106 -10.12 -22.75 6.21
C CYS A 106 -11.04 -22.25 5.09
N GLU A 107 -11.72 -23.19 4.43
CA GLU A 107 -12.64 -22.84 3.35
C GLU A 107 -14.08 -22.86 3.83
N MET A 1 2.66 0.55 -17.23
CA MET A 1 3.11 1.62 -16.35
C MET A 1 4.06 2.56 -17.09
N ASP A 2 3.79 3.86 -16.99
CA ASP A 2 4.64 4.86 -17.64
C ASP A 2 5.91 5.11 -16.83
N ASN A 3 6.99 5.44 -17.54
CA ASN A 3 8.28 5.70 -16.88
C ASN A 3 8.12 6.76 -15.80
N ARG A 4 7.41 7.84 -16.13
CA ARG A 4 7.21 8.93 -15.19
C ARG A 4 6.34 8.47 -14.01
N VAL A 5 5.24 7.79 -14.32
CA VAL A 5 4.34 7.30 -13.29
C VAL A 5 5.04 6.34 -12.35
N ARG A 6 5.91 5.50 -12.91
CA ARG A 6 6.66 4.53 -12.11
C ARG A 6 7.57 5.25 -11.11
N GLU A 7 8.12 6.39 -11.52
CA GLU A 7 9.00 7.16 -10.66
C GLU A 7 8.28 7.62 -9.39
N ALA A 8 7.08 8.17 -9.58
CA ALA A 8 6.29 8.65 -8.46
C ALA A 8 5.99 7.53 -7.48
N CYS A 9 5.77 6.33 -8.01
CA CYS A 9 5.48 5.17 -7.16
C CYS A 9 6.62 4.89 -6.19
N GLN A 10 7.84 5.13 -6.63
CA GLN A 10 9.02 4.90 -5.80
C GLN A 10 8.99 5.81 -4.56
N TYR A 11 8.57 7.06 -4.77
CA TYR A 11 8.50 8.01 -3.67
C TYR A 11 7.39 7.64 -2.70
N ILE A 12 6.21 7.31 -3.23
CA ILE A 12 5.07 6.93 -2.40
C ILE A 12 5.37 5.67 -1.61
N SER A 13 6.11 4.75 -2.22
CA SER A 13 6.46 3.48 -1.57
C SER A 13 7.38 3.73 -0.38
N ASP A 14 8.36 4.60 -0.56
CA ASP A 14 9.31 4.93 0.49
C ASP A 14 8.61 5.67 1.63
N HIS A 15 7.58 6.43 1.30
CA HIS A 15 6.83 7.18 2.29
C HIS A 15 5.60 6.41 2.76
N LEU A 16 5.60 5.11 2.51
CA LEU A 16 4.49 4.26 2.90
C LEU A 16 4.31 4.25 4.41
N ALA A 17 5.39 4.52 5.13
CA ALA A 17 5.36 4.54 6.59
C ALA A 17 5.07 5.95 7.10
N ASP A 18 5.32 6.95 6.26
CA ASP A 18 5.09 8.34 6.63
C ASP A 18 3.60 8.58 6.91
N SER A 19 3.32 9.47 7.85
CA SER A 19 1.95 9.79 8.22
C SER A 19 1.38 10.88 7.32
N ASN A 20 2.12 11.98 7.18
CA ASN A 20 1.70 13.09 6.35
C ASN A 20 2.02 12.83 4.88
N PHE A 21 0.97 12.58 4.10
CA PHE A 21 1.14 12.30 2.67
C PHE A 21 0.59 13.45 1.84
N ASP A 22 1.48 14.08 1.07
CA ASP A 22 1.08 15.20 0.22
C ASP A 22 1.29 14.86 -1.26
N ILE A 23 0.20 14.82 -2.01
CA ILE A 23 0.26 14.51 -3.43
C ILE A 23 1.16 15.48 -4.17
N ALA A 24 1.32 16.68 -3.61
CA ALA A 24 2.16 17.70 -4.21
C ALA A 24 3.60 17.22 -4.37
N SER A 25 4.12 16.59 -3.32
CA SER A 25 5.49 16.08 -3.33
C SER A 25 5.65 14.99 -4.38
N VAL A 26 4.56 14.26 -4.63
CA VAL A 26 4.58 13.19 -5.61
C VAL A 26 4.82 13.72 -7.02
N ALA A 27 4.06 14.75 -7.40
CA ALA A 27 4.19 15.36 -8.71
C ALA A 27 5.53 16.07 -8.86
N GLN A 28 6.00 16.66 -7.76
CA GLN A 28 7.27 17.37 -7.77
C GLN A 28 8.43 16.42 -8.04
N HIS A 29 8.35 15.21 -7.49
CA HIS A 29 9.39 14.21 -7.67
C HIS A 29 9.55 13.86 -9.14
N VAL A 30 8.45 13.87 -9.88
CA VAL A 30 8.48 13.56 -11.31
C VAL A 30 8.61 14.83 -12.15
N CYS A 31 8.94 15.94 -11.49
CA CYS A 31 9.10 17.21 -12.18
C CYS A 31 7.87 17.52 -13.02
N LEU A 32 6.70 17.18 -12.52
CA LEU A 32 5.45 17.43 -13.24
C LEU A 32 4.35 17.88 -12.29
N SER A 33 3.29 18.43 -12.84
CA SER A 33 2.16 18.92 -12.04
C SER A 33 1.36 17.74 -11.47
N PRO A 34 0.62 18.01 -10.38
CA PRO A 34 -0.19 16.99 -9.71
C PRO A 34 -1.39 16.57 -10.55
N SER A 35 -2.02 17.55 -11.21
CA SER A 35 -3.18 17.28 -12.04
C SER A 35 -2.80 16.45 -13.26
N ARG A 36 -1.72 16.85 -13.93
CA ARG A 36 -1.25 16.16 -15.12
C ARG A 36 -0.78 14.75 -14.77
N LEU A 37 -0.04 14.64 -13.66
CA LEU A 37 0.48 13.35 -13.21
C LEU A 37 -0.65 12.45 -12.74
N SER A 38 -1.57 13.01 -11.95
CA SER A 38 -2.69 12.25 -11.42
C SER A 38 -3.54 11.69 -12.56
N HIS A 39 -3.73 12.48 -13.61
CA HIS A 39 -4.52 12.07 -14.76
C HIS A 39 -3.93 10.81 -15.39
N LEU A 40 -2.63 10.82 -15.63
CA LEU A 40 -1.96 9.68 -16.24
C LEU A 40 -1.83 8.53 -15.25
N PHE A 41 -1.70 8.87 -13.97
CA PHE A 41 -1.58 7.87 -12.92
C PHE A 41 -2.78 6.92 -12.92
N ARG A 42 -3.98 7.51 -12.94
CA ARG A 42 -5.21 6.72 -12.95
C ARG A 42 -5.36 5.97 -14.27
N GLN A 43 -4.76 6.49 -15.32
CA GLN A 43 -4.83 5.87 -16.63
C GLN A 43 -3.89 4.67 -16.72
N GLN A 44 -2.69 4.83 -16.16
CA GLN A 44 -1.70 3.76 -16.17
C GLN A 44 -1.97 2.74 -15.08
N LEU A 45 -2.39 3.22 -13.91
CA LEU A 45 -2.68 2.35 -12.78
C LEU A 45 -4.15 1.89 -12.82
N GLY A 46 -4.96 2.60 -13.60
CA GLY A 46 -6.37 2.25 -13.71
C GLY A 46 -7.13 2.50 -12.42
N ILE A 47 -6.47 3.15 -11.46
CA ILE A 47 -7.10 3.45 -10.18
C ILE A 47 -6.55 4.74 -9.59
N SER A 48 -7.16 5.19 -8.49
CA SER A 48 -6.73 6.42 -7.83
C SER A 48 -5.46 6.18 -7.01
N VAL A 49 -4.62 7.22 -6.93
CA VAL A 49 -3.38 7.13 -6.17
C VAL A 49 -3.63 6.66 -4.74
N LEU A 50 -4.66 7.21 -4.13
CA LEU A 50 -5.01 6.85 -2.75
C LEU A 50 -5.37 5.37 -2.66
N SER A 51 -5.99 4.85 -3.71
CA SER A 51 -6.39 3.45 -3.74
C SER A 51 -5.17 2.54 -3.90
N TRP A 52 -4.29 2.91 -4.82
CA TRP A 52 -3.08 2.13 -5.07
C TRP A 52 -2.24 2.00 -3.80
N ARG A 53 -2.13 3.09 -3.05
CA ARG A 53 -1.35 3.10 -1.82
C ARG A 53 -1.93 2.09 -0.82
N GLU A 54 -3.24 2.13 -0.64
CA GLU A 54 -3.90 1.21 0.29
C GLU A 54 -3.79 -0.23 -0.18
N ASP A 55 -4.07 -0.45 -1.46
CA ASP A 55 -3.99 -1.78 -2.04
C ASP A 55 -2.57 -2.34 -1.95
N GLN A 56 -1.58 -1.46 -2.15
CA GLN A 56 -0.19 -1.86 -2.09
C GLN A 56 0.20 -2.30 -0.68
N ARG A 57 -0.31 -1.58 0.32
CA ARG A 57 -0.02 -1.89 1.71
C ARG A 57 -0.46 -3.31 2.06
N ILE A 58 -1.64 -3.70 1.59
CA ILE A 58 -2.17 -5.03 1.84
C ILE A 58 -1.36 -6.10 1.13
N SER A 59 -1.02 -5.83 -0.13
CA SER A 59 -0.25 -6.77 -0.93
C SER A 59 1.17 -6.90 -0.39
N GLN A 60 1.67 -5.82 0.20
CA GLN A 60 3.02 -5.81 0.75
C GLN A 60 3.09 -6.67 2.02
N ALA A 61 2.09 -6.51 2.88
CA ALA A 61 2.04 -7.26 4.13
C ALA A 61 2.07 -8.76 3.86
N LYS A 62 1.43 -9.19 2.78
CA LYS A 62 1.39 -10.60 2.42
C LYS A 62 2.79 -11.13 2.14
N LEU A 63 3.61 -10.31 1.48
CA LEU A 63 4.97 -10.70 1.15
C LEU A 63 5.79 -10.93 2.42
N LEU A 64 5.63 -10.04 3.39
CA LEU A 64 6.36 -10.14 4.64
C LEU A 64 5.84 -11.31 5.48
N LEU A 65 4.53 -11.45 5.54
CA LEU A 65 3.90 -12.53 6.29
C LEU A 65 4.19 -13.89 5.65
N SER A 66 4.44 -13.88 4.35
CA SER A 66 4.74 -15.09 3.62
C SER A 66 6.24 -15.37 3.60
N THR A 67 7.04 -14.31 3.71
CA THR A 67 8.49 -14.44 3.71
C THR A 67 9.03 -14.53 5.14
N THR A 68 8.19 -14.21 6.11
CA THR A 68 8.58 -14.25 7.52
C THR A 68 7.55 -14.98 8.36
N ARG A 69 7.87 -15.20 9.62
CA ARG A 69 6.97 -15.89 10.54
C ARG A 69 6.59 -15.00 11.72
N MET A 70 6.79 -13.69 11.55
CA MET A 70 6.45 -12.73 12.59
C MET A 70 4.95 -12.70 12.85
N PRO A 71 4.57 -12.32 14.08
CA PRO A 71 3.15 -12.24 14.48
C PRO A 71 2.42 -11.10 13.79
N ILE A 72 1.09 -11.16 13.82
CA ILE A 72 0.27 -10.13 13.19
C ILE A 72 0.57 -8.76 13.78
N ALA A 73 0.95 -8.73 15.05
CA ALA A 73 1.27 -7.47 15.73
C ALA A 73 2.49 -6.81 15.09
N THR A 74 3.53 -7.60 14.88
CA THR A 74 4.77 -7.08 14.29
C THR A 74 4.58 -6.77 12.80
N VAL A 75 3.85 -7.64 12.11
CA VAL A 75 3.59 -7.46 10.68
C VAL A 75 2.93 -6.10 10.42
N GLY A 76 2.00 -5.73 11.28
CA GLY A 76 1.32 -4.46 11.13
C GLY A 76 2.27 -3.28 11.09
N ARG A 77 3.30 -3.32 11.92
CA ARG A 77 4.28 -2.25 11.98
C ARG A 77 4.95 -2.06 10.62
N ASN A 78 5.14 -3.15 9.90
CA ASN A 78 5.76 -3.11 8.58
C ASN A 78 4.95 -2.26 7.62
N VAL A 79 3.63 -2.26 7.81
CA VAL A 79 2.75 -1.49 6.96
C VAL A 79 2.34 -0.17 7.62
N GLY A 80 3.11 0.22 8.63
CA GLY A 80 2.82 1.46 9.34
C GLY A 80 1.60 1.34 10.24
N PHE A 81 1.06 0.13 10.34
CA PHE A 81 -0.11 -0.11 11.18
C PHE A 81 0.29 -0.33 12.63
N ASP A 82 -0.16 0.57 13.50
CA ASP A 82 0.15 0.48 14.93
C ASP A 82 -0.79 -0.50 15.62
N ASP A 83 -2.02 -0.58 15.13
CA ASP A 83 -3.02 -1.48 15.71
C ASP A 83 -3.09 -2.79 14.95
N GLN A 84 -2.80 -3.88 15.65
CA GLN A 84 -2.82 -5.21 15.02
C GLN A 84 -4.22 -5.55 14.52
N LEU A 85 -5.23 -5.21 15.31
CA LEU A 85 -6.61 -5.48 14.95
C LEU A 85 -7.03 -4.66 13.74
N TYR A 86 -6.47 -3.47 13.61
CA TYR A 86 -6.79 -2.58 12.49
C TYR A 86 -6.35 -3.21 11.17
N PHE A 87 -5.16 -3.80 11.17
CA PHE A 87 -4.62 -4.44 9.97
C PHE A 87 -5.44 -5.67 9.59
N SER A 88 -5.73 -6.51 10.57
CA SER A 88 -6.50 -7.73 10.34
C SER A 88 -7.94 -7.38 9.94
N ARG A 89 -8.48 -6.34 10.55
CA ARG A 89 -9.84 -5.90 10.26
C ARG A 89 -9.97 -5.45 8.81
N VAL A 90 -9.07 -4.57 8.38
CA VAL A 90 -9.08 -4.06 7.01
C VAL A 90 -8.67 -5.15 6.02
N PHE A 91 -7.59 -5.85 6.35
CA PHE A 91 -7.08 -6.92 5.49
C PHE A 91 -8.12 -8.02 5.31
N LYS A 92 -8.86 -8.28 6.38
CA LYS A 92 -9.90 -9.31 6.34
C LYS A 92 -10.91 -9.04 5.24
N LYS A 93 -11.12 -7.76 4.93
CA LYS A 93 -12.05 -7.36 3.90
C LYS A 93 -11.45 -7.59 2.50
N CYS A 94 -10.12 -7.57 2.43
CA CYS A 94 -9.43 -7.77 1.17
C CYS A 94 -9.70 -9.17 0.61
N THR A 95 -9.51 -10.18 1.46
CA THR A 95 -9.73 -11.56 1.04
C THR A 95 -11.09 -12.06 1.52
N GLY A 96 -11.71 -11.30 2.41
CA GLY A 96 -13.02 -11.69 2.93
C GLY A 96 -12.92 -12.44 4.24
N ALA A 97 -11.70 -12.81 4.62
CA ALA A 97 -11.48 -13.54 5.86
C ALA A 97 -10.25 -13.02 6.59
N SER A 98 -10.23 -13.16 7.91
CA SER A 98 -9.11 -12.70 8.72
C SER A 98 -7.84 -13.47 8.38
N PRO A 99 -6.68 -12.93 8.80
CA PRO A 99 -5.39 -13.55 8.55
C PRO A 99 -5.18 -14.83 9.35
N SER A 100 -5.85 -14.91 10.49
CA SER A 100 -5.75 -16.08 11.35
C SER A 100 -6.37 -17.31 10.69
N GLU A 101 -7.42 -17.08 9.91
CA GLU A 101 -8.10 -18.17 9.21
C GLU A 101 -7.28 -18.66 8.03
N PHE A 102 -6.79 -17.73 7.22
CA PHE A 102 -5.98 -18.07 6.06
C PHE A 102 -4.73 -18.83 6.47
N ARG A 103 -4.10 -18.38 7.54
CA ARG A 103 -2.88 -19.01 8.05
C ARG A 103 -3.13 -20.49 8.36
N ALA A 104 -4.34 -20.79 8.83
CA ALA A 104 -4.71 -22.15 9.17
C ALA A 104 -4.76 -23.04 7.94
N GLY A 105 -5.12 -22.44 6.80
CA GLY A 105 -5.19 -23.19 5.56
C GLY A 105 -6.51 -23.94 5.42
N CYS A 106 -7.47 -23.61 6.28
CA CYS A 106 -8.78 -24.26 6.25
C CYS A 106 -9.55 -23.84 5.01
N GLU A 107 -10.09 -24.84 4.30
CA GLU A 107 -10.86 -24.57 3.09
C GLU A 107 -11.63 -25.82 2.65
N MET A 1 1.67 1.10 -17.13
CA MET A 1 2.47 1.91 -16.22
C MET A 1 3.43 2.81 -17.00
N ASP A 2 3.22 4.12 -16.89
CA ASP A 2 4.06 5.09 -17.58
C ASP A 2 5.39 5.28 -16.84
N ASN A 3 6.44 5.57 -17.60
CA ASN A 3 7.76 5.77 -17.01
C ASN A 3 7.71 6.84 -15.91
N ARG A 4 6.93 7.89 -16.15
CA ARG A 4 6.80 8.97 -15.20
C ARG A 4 6.04 8.51 -13.95
N VAL A 5 4.93 7.82 -14.17
CA VAL A 5 4.12 7.31 -13.06
C VAL A 5 4.89 6.31 -12.23
N ARG A 6 5.68 5.47 -12.90
CA ARG A 6 6.46 4.46 -12.22
C ARG A 6 7.45 5.10 -11.24
N GLU A 7 8.05 6.22 -11.65
CA GLU A 7 9.00 6.93 -10.81
C GLU A 7 8.34 7.43 -9.54
N ALA A 8 7.09 7.89 -9.67
CA ALA A 8 6.34 8.40 -8.52
C ALA A 8 6.22 7.35 -7.44
N CYS A 9 6.07 6.09 -7.84
CA CYS A 9 5.93 4.99 -6.89
C CYS A 9 7.16 4.89 -6.00
N GLN A 10 8.33 5.20 -6.57
CA GLN A 10 9.57 5.14 -5.81
C GLN A 10 9.54 6.10 -4.62
N TYR A 11 9.01 7.29 -4.84
CA TYR A 11 8.92 8.30 -3.79
C TYR A 11 7.90 7.88 -2.73
N ILE A 12 6.74 7.41 -3.18
CA ILE A 12 5.68 6.97 -2.29
C ILE A 12 6.14 5.82 -1.39
N SER A 13 6.94 4.93 -1.98
CA SER A 13 7.45 3.77 -1.25
C SER A 13 8.35 4.21 -0.10
N ASP A 14 9.12 5.28 -0.33
CA ASP A 14 10.02 5.80 0.69
C ASP A 14 9.24 6.40 1.85
N HIS A 15 7.97 6.70 1.60
CA HIS A 15 7.12 7.29 2.64
C HIS A 15 6.04 6.31 3.07
N LEU A 16 6.26 5.03 2.77
CA LEU A 16 5.31 3.98 3.14
C LEU A 16 4.97 4.04 4.62
N ALA A 17 5.99 4.32 5.44
CA ALA A 17 5.79 4.41 6.88
C ALA A 17 5.22 5.76 7.28
N ASP A 18 5.38 6.75 6.40
CA ASP A 18 4.87 8.09 6.66
C ASP A 18 3.35 8.08 6.80
N SER A 19 2.82 9.06 7.52
CA SER A 19 1.39 9.15 7.74
C SER A 19 0.77 10.21 6.82
N ASN A 20 1.35 11.40 6.81
CA ASN A 20 0.87 12.50 5.98
C ASN A 20 1.42 12.38 4.56
N PHE A 21 0.56 12.03 3.62
CA PHE A 21 0.95 11.89 2.23
C PHE A 21 0.77 13.20 1.47
N ASP A 22 1.78 13.57 0.69
CA ASP A 22 1.73 14.80 -0.09
C ASP A 22 1.75 14.51 -1.58
N ILE A 23 0.58 14.61 -2.22
CA ILE A 23 0.47 14.36 -3.64
C ILE A 23 1.32 15.33 -4.45
N ALA A 24 1.57 16.51 -3.88
CA ALA A 24 2.37 17.53 -4.53
C ALA A 24 3.79 17.02 -4.79
N SER A 25 4.38 16.39 -3.79
CA SER A 25 5.73 15.86 -3.90
C SER A 25 5.80 14.75 -4.94
N VAL A 26 4.68 14.04 -5.12
CA VAL A 26 4.62 12.95 -6.08
C VAL A 26 4.74 13.47 -7.51
N ALA A 27 3.91 14.47 -7.85
CA ALA A 27 3.94 15.05 -9.18
C ALA A 27 5.23 15.82 -9.42
N GLN A 28 5.64 16.61 -8.43
CA GLN A 28 6.87 17.39 -8.54
C GLN A 28 8.07 16.48 -8.73
N HIS A 29 8.05 15.33 -8.07
CA HIS A 29 9.16 14.38 -8.17
C HIS A 29 9.42 13.99 -9.62
N VAL A 30 8.34 13.92 -10.41
CA VAL A 30 8.45 13.56 -11.81
C VAL A 30 8.42 14.79 -12.70
N CYS A 31 8.76 15.94 -12.12
CA CYS A 31 8.78 17.20 -12.87
C CYS A 31 7.46 17.42 -13.59
N LEU A 32 6.37 17.01 -12.96
CA LEU A 32 5.05 17.16 -13.55
C LEU A 32 4.04 17.69 -12.53
N SER A 33 2.90 18.18 -13.01
CA SER A 33 1.87 18.71 -12.13
C SER A 33 1.06 17.60 -11.51
N PRO A 34 0.40 17.89 -10.38
CA PRO A 34 -0.42 16.92 -9.65
C PRO A 34 -1.70 16.58 -10.41
N SER A 35 -2.30 17.59 -11.04
CA SER A 35 -3.53 17.39 -11.80
C SER A 35 -3.29 16.51 -13.02
N ARG A 36 -2.23 16.82 -13.77
CA ARG A 36 -1.88 16.06 -14.95
C ARG A 36 -1.37 14.67 -14.59
N LEU A 37 -0.59 14.60 -13.52
CA LEU A 37 -0.04 13.33 -13.06
C LEU A 37 -1.14 12.43 -12.50
N SER A 38 -2.01 13.01 -11.69
CA SER A 38 -3.11 12.26 -11.09
C SER A 38 -4.01 11.66 -12.15
N HIS A 39 -4.26 12.42 -13.22
CA HIS A 39 -5.10 11.96 -14.32
C HIS A 39 -4.52 10.69 -14.94
N LEU A 40 -3.23 10.72 -15.25
CA LEU A 40 -2.55 9.58 -15.86
C LEU A 40 -2.38 8.45 -14.85
N PHE A 41 -2.21 8.82 -13.59
CA PHE A 41 -2.03 7.84 -12.53
C PHE A 41 -3.23 6.90 -12.44
N ARG A 42 -4.42 7.48 -12.39
CA ARG A 42 -5.65 6.70 -12.30
C ARG A 42 -5.90 5.93 -13.61
N GLN A 43 -5.36 6.44 -14.71
CA GLN A 43 -5.52 5.81 -16.00
C GLN A 43 -4.57 4.61 -16.14
N GLN A 44 -3.35 4.77 -15.66
CA GLN A 44 -2.35 3.71 -15.73
C GLN A 44 -2.55 2.70 -14.61
N LEU A 45 -2.89 3.20 -13.42
CA LEU A 45 -3.11 2.34 -12.26
C LEU A 45 -4.56 1.88 -12.20
N GLY A 46 -5.43 2.58 -12.93
CA GLY A 46 -6.83 2.22 -12.94
C GLY A 46 -7.51 2.48 -11.60
N ILE A 47 -6.79 3.14 -10.70
CA ILE A 47 -7.33 3.45 -9.38
C ILE A 47 -6.73 4.75 -8.85
N SER A 48 -7.26 5.21 -7.71
CA SER A 48 -6.78 6.43 -7.09
C SER A 48 -5.46 6.20 -6.36
N VAL A 49 -4.63 7.24 -6.30
CA VAL A 49 -3.34 7.14 -5.63
C VAL A 49 -3.50 6.66 -4.20
N LEU A 50 -4.48 7.23 -3.50
CA LEU A 50 -4.74 6.86 -2.10
C LEU A 50 -5.13 5.39 -2.00
N SER A 51 -5.79 4.87 -3.03
CA SER A 51 -6.22 3.48 -3.05
C SER A 51 -5.03 2.55 -3.26
N TRP A 52 -4.17 2.90 -4.22
CA TRP A 52 -2.99 2.10 -4.52
C TRP A 52 -2.09 1.98 -3.29
N ARG A 53 -1.94 3.07 -2.57
CA ARG A 53 -1.11 3.08 -1.36
C ARG A 53 -1.62 2.08 -0.34
N GLU A 54 -2.93 2.09 -0.10
CA GLU A 54 -3.54 1.20 0.86
C GLU A 54 -3.43 -0.26 0.40
N ASP A 55 -3.74 -0.49 -0.88
CA ASP A 55 -3.68 -1.84 -1.44
C ASP A 55 -2.25 -2.36 -1.42
N GLN A 56 -1.30 -1.47 -1.67
CA GLN A 56 0.12 -1.85 -1.69
C GLN A 56 0.60 -2.22 -0.29
N ARG A 57 0.05 -1.55 0.72
CA ARG A 57 0.42 -1.81 2.10
C ARG A 57 0.17 -3.26 2.48
N ILE A 58 -1.01 -3.76 2.10
CA ILE A 58 -1.37 -5.15 2.40
C ILE A 58 -0.57 -6.12 1.54
N SER A 59 -0.47 -5.81 0.25
CA SER A 59 0.28 -6.65 -0.69
C SER A 59 1.71 -6.85 -0.21
N GLN A 60 2.30 -5.80 0.33
CA GLN A 60 3.67 -5.86 0.82
C GLN A 60 3.76 -6.69 2.10
N ALA A 61 2.80 -6.48 3.01
CA ALA A 61 2.78 -7.22 4.26
C ALA A 61 2.63 -8.72 4.02
N LYS A 62 1.87 -9.08 2.99
CA LYS A 62 1.65 -10.48 2.65
C LYS A 62 2.95 -11.14 2.18
N LEU A 63 3.80 -10.36 1.53
CA LEU A 63 5.08 -10.86 1.03
C LEU A 63 5.97 -11.28 2.19
N LEU A 64 6.17 -10.37 3.14
CA LEU A 64 7.01 -10.64 4.30
C LEU A 64 6.33 -11.62 5.25
N LEU A 65 5.02 -11.48 5.39
CA LEU A 65 4.24 -12.36 6.27
C LEU A 65 4.28 -13.80 5.76
N SER A 66 4.41 -13.96 4.45
CA SER A 66 4.46 -15.28 3.84
C SER A 66 5.81 -15.95 4.07
N THR A 67 6.82 -15.13 4.34
CA THR A 67 8.17 -15.64 4.58
C THR A 67 8.56 -15.49 6.04
N THR A 68 7.64 -14.95 6.85
CA THR A 68 7.89 -14.76 8.27
C THR A 68 6.72 -15.28 9.11
N ARG A 69 7.03 -15.79 10.29
CA ARG A 69 6.01 -16.34 11.18
C ARG A 69 5.75 -15.37 12.34
N MET A 70 6.15 -14.12 12.17
CA MET A 70 5.96 -13.11 13.21
C MET A 70 4.48 -12.86 13.45
N PRO A 71 4.16 -12.31 14.63
CA PRO A 71 2.77 -12.02 15.02
C PRO A 71 2.19 -10.87 14.21
N ILE A 72 0.86 -10.87 14.06
CA ILE A 72 0.17 -9.83 13.32
C ILE A 72 0.57 -8.45 13.81
N ALA A 73 0.88 -8.35 15.10
CA ALA A 73 1.28 -7.10 15.70
C ALA A 73 2.59 -6.59 15.11
N THR A 74 3.57 -7.49 15.01
CA THR A 74 4.87 -7.12 14.46
C THR A 74 4.78 -6.80 12.97
N VAL A 75 4.14 -7.70 12.22
CA VAL A 75 3.97 -7.50 10.79
C VAL A 75 3.19 -6.23 10.49
N GLY A 76 2.14 -5.99 11.28
CA GLY A 76 1.32 -4.81 11.08
C GLY A 76 2.13 -3.53 11.14
N ARG A 77 3.18 -3.53 11.96
CA ARG A 77 4.03 -2.35 12.11
C ARG A 77 4.86 -2.12 10.85
N ASN A 78 5.21 -3.21 10.17
CA ASN A 78 6.01 -3.12 8.95
C ASN A 78 5.29 -2.29 7.89
N VAL A 79 3.96 -2.34 7.91
CA VAL A 79 3.16 -1.58 6.96
C VAL A 79 2.74 -0.23 7.53
N GLY A 80 3.19 0.05 8.75
CA GLY A 80 2.86 1.32 9.39
C GLY A 80 1.63 1.21 10.27
N PHE A 81 1.04 0.02 10.33
CA PHE A 81 -0.15 -0.21 11.14
C PHE A 81 0.23 -0.64 12.55
N ASP A 82 -0.15 0.18 13.53
CA ASP A 82 0.16 -0.11 14.93
C ASP A 82 -0.93 -0.99 15.54
N ASP A 83 -2.16 -0.82 15.07
CA ASP A 83 -3.29 -1.59 15.56
C ASP A 83 -3.42 -2.91 14.83
N GLN A 84 -3.31 -4.02 15.57
CA GLN A 84 -3.41 -5.34 14.97
C GLN A 84 -4.78 -5.56 14.36
N LEU A 85 -5.81 -5.06 15.02
CA LEU A 85 -7.18 -5.20 14.54
C LEU A 85 -7.40 -4.38 13.28
N TYR A 86 -6.74 -3.23 13.20
CA TYR A 86 -6.86 -2.36 12.05
C TYR A 86 -6.41 -3.06 10.77
N PHE A 87 -5.24 -3.70 10.84
CA PHE A 87 -4.70 -4.41 9.69
C PHE A 87 -5.61 -5.58 9.30
N SER A 88 -6.10 -6.30 10.29
CA SER A 88 -6.98 -7.44 10.04
C SER A 88 -8.29 -6.98 9.42
N ARG A 89 -8.79 -5.84 9.86
CA ARG A 89 -10.05 -5.29 9.35
C ARG A 89 -9.93 -4.97 7.87
N VAL A 90 -8.88 -4.23 7.50
CA VAL A 90 -8.64 -3.86 6.11
C VAL A 90 -8.23 -5.06 5.28
N PHE A 91 -7.32 -5.86 5.81
CA PHE A 91 -6.84 -7.04 5.10
C PHE A 91 -7.98 -8.03 4.88
N LYS A 92 -8.89 -8.11 5.83
CA LYS A 92 -10.02 -9.02 5.74
C LYS A 92 -10.85 -8.73 4.48
N LYS A 93 -11.15 -7.45 4.27
CA LYS A 93 -11.93 -7.04 3.10
C LYS A 93 -11.06 -7.05 1.84
N CYS A 94 -9.76 -6.89 2.02
CA CYS A 94 -8.82 -6.88 0.90
C CYS A 94 -8.89 -8.18 0.12
N THR A 95 -8.80 -9.30 0.85
CA THR A 95 -8.85 -10.61 0.23
C THR A 95 -10.21 -11.27 0.45
N GLY A 96 -11.01 -10.70 1.32
CA GLY A 96 -12.32 -11.24 1.61
C GLY A 96 -12.33 -12.13 2.84
N ALA A 97 -11.14 -12.43 3.36
CA ALA A 97 -11.01 -13.28 4.53
C ALA A 97 -9.95 -12.73 5.48
N SER A 98 -10.17 -12.95 6.78
CA SER A 98 -9.23 -12.48 7.80
C SER A 98 -7.88 -13.17 7.67
N PRO A 99 -6.85 -12.57 8.29
CA PRO A 99 -5.49 -13.11 8.25
C PRO A 99 -5.35 -14.40 9.05
N SER A 100 -6.14 -14.52 10.12
CA SER A 100 -6.11 -15.70 10.96
C SER A 100 -6.63 -16.92 10.22
N GLU A 101 -7.61 -16.70 9.34
CA GLU A 101 -8.21 -17.78 8.57
C GLU A 101 -7.27 -18.22 7.45
N PHE A 102 -6.73 -17.25 6.71
CA PHE A 102 -5.83 -17.56 5.62
C PHE A 102 -4.59 -18.30 6.11
N ARG A 103 -4.06 -17.86 7.26
CA ARG A 103 -2.88 -18.48 7.83
C ARG A 103 -3.20 -19.89 8.34
N ALA A 104 -4.43 -20.07 8.81
CA ALA A 104 -4.86 -21.37 9.31
C ALA A 104 -5.16 -22.33 8.17
N GLY A 105 -5.52 -21.78 7.02
CA GLY A 105 -5.83 -22.60 5.87
C GLY A 105 -7.27 -23.09 5.88
N CYS A 106 -8.08 -22.51 6.76
CA CYS A 106 -9.48 -22.89 6.86
C CYS A 106 -10.29 -22.31 5.71
N GLU A 107 -11.11 -23.16 5.08
CA GLU A 107 -11.93 -22.73 3.96
C GLU A 107 -13.41 -22.98 4.24
N MET A 1 1.09 1.93 -17.60
CA MET A 1 2.10 2.39 -16.65
C MET A 1 3.25 3.10 -17.36
N ASP A 2 3.16 4.42 -17.43
CA ASP A 2 4.20 5.22 -18.09
C ASP A 2 5.42 5.38 -17.19
N ASN A 3 6.60 5.49 -17.81
CA ASN A 3 7.84 5.65 -17.06
C ASN A 3 7.74 6.83 -16.09
N ARG A 4 6.90 7.80 -16.43
CA ARG A 4 6.71 8.98 -15.59
C ARG A 4 6.01 8.61 -14.29
N VAL A 5 4.90 7.90 -14.40
CA VAL A 5 4.14 7.48 -13.23
C VAL A 5 4.89 6.42 -12.43
N ARG A 6 5.56 5.51 -13.15
CA ARG A 6 6.31 4.44 -12.50
C ARG A 6 7.32 5.01 -11.51
N GLU A 7 7.99 6.09 -11.91
CA GLU A 7 8.98 6.72 -11.05
C GLU A 7 8.35 7.27 -9.77
N ALA A 8 7.22 7.96 -9.93
CA ALA A 8 6.51 8.53 -8.79
C ALA A 8 6.09 7.44 -7.81
N CYS A 9 5.75 6.27 -8.33
CA CYS A 9 5.32 5.15 -7.49
C CYS A 9 6.43 4.76 -6.54
N GLN A 10 7.68 4.84 -7.00
CA GLN A 10 8.83 4.49 -6.18
C GLN A 10 8.97 5.43 -4.99
N TYR A 11 8.66 6.70 -5.22
CA TYR A 11 8.75 7.72 -4.17
C TYR A 11 7.70 7.47 -3.10
N ILE A 12 6.49 7.12 -3.52
CA ILE A 12 5.39 6.87 -2.60
C ILE A 12 5.73 5.70 -1.66
N SER A 13 6.42 4.70 -2.20
CA SER A 13 6.80 3.53 -1.41
C SER A 13 7.63 3.94 -0.20
N ASP A 14 8.43 4.97 -0.36
CA ASP A 14 9.28 5.47 0.72
C ASP A 14 8.43 6.07 1.84
N HIS A 15 7.32 6.70 1.46
CA HIS A 15 6.43 7.32 2.43
C HIS A 15 5.31 6.36 2.83
N LEU A 16 5.52 5.08 2.56
CA LEU A 16 4.53 4.06 2.88
C LEU A 16 4.26 4.02 4.39
N ALA A 17 5.28 4.34 5.17
CA ALA A 17 5.16 4.35 6.63
C ALA A 17 4.82 5.74 7.14
N ASP A 18 5.10 6.75 6.33
CA ASP A 18 4.82 8.13 6.70
C ASP A 18 3.32 8.35 6.87
N SER A 19 2.95 9.20 7.83
CA SER A 19 1.55 9.50 8.10
C SER A 19 1.05 10.62 7.20
N ASN A 20 1.79 11.73 7.19
CA ASN A 20 1.43 12.88 6.37
C ASN A 20 2.00 12.76 4.96
N PHE A 21 1.15 12.36 4.02
CA PHE A 21 1.58 12.19 2.64
C PHE A 21 1.42 13.50 1.86
N ASP A 22 2.43 13.83 1.06
CA ASP A 22 2.40 15.05 0.27
C ASP A 22 2.40 14.73 -1.22
N ILE A 23 1.20 14.70 -1.81
CA ILE A 23 1.07 14.40 -3.23
C ILE A 23 1.87 15.38 -4.08
N ALA A 24 2.14 16.56 -3.52
CA ALA A 24 2.91 17.59 -4.22
C ALA A 24 4.31 17.08 -4.56
N SER A 25 4.95 16.44 -3.59
CA SER A 25 6.30 15.92 -3.79
C SER A 25 6.31 14.83 -4.86
N VAL A 26 5.18 14.13 -4.99
CA VAL A 26 5.06 13.06 -5.98
C VAL A 26 5.13 13.62 -7.40
N ALA A 27 4.33 14.65 -7.66
CA ALA A 27 4.30 15.28 -8.97
C ALA A 27 5.62 15.99 -9.28
N GLN A 28 6.16 16.68 -8.28
CA GLN A 28 7.41 17.41 -8.44
C GLN A 28 8.55 16.45 -8.77
N HIS A 29 8.53 15.27 -8.16
CA HIS A 29 9.56 14.27 -8.39
C HIS A 29 9.65 13.90 -9.86
N VAL A 30 8.51 13.90 -10.54
CA VAL A 30 8.45 13.58 -11.95
C VAL A 30 8.43 14.83 -12.81
N CYS A 31 8.85 15.95 -12.22
CA CYS A 31 8.88 17.22 -12.93
C CYS A 31 7.53 17.51 -13.58
N LEU A 32 6.46 17.13 -12.91
CA LEU A 32 5.11 17.35 -13.42
C LEU A 32 4.19 17.87 -12.33
N SER A 33 3.04 18.41 -12.73
CA SER A 33 2.07 18.94 -11.79
C SER A 33 1.27 17.82 -11.14
N PRO A 34 0.67 18.12 -9.97
CA PRO A 34 -0.14 17.15 -9.23
C PRO A 34 -1.45 16.82 -9.94
N SER A 35 -2.06 17.84 -10.51
CA SER A 35 -3.33 17.66 -11.22
C SER A 35 -3.14 16.81 -12.48
N ARG A 36 -2.11 17.14 -13.25
CA ARG A 36 -1.82 16.41 -14.49
C ARG A 36 -1.34 15.00 -14.18
N LEU A 37 -0.51 14.87 -13.16
CA LEU A 37 0.03 13.57 -12.76
C LEU A 37 -1.07 12.70 -12.16
N SER A 38 -1.89 13.29 -11.29
CA SER A 38 -2.98 12.55 -10.66
C SER A 38 -3.95 12.00 -11.70
N HIS A 39 -4.23 12.80 -12.73
CA HIS A 39 -5.14 12.39 -13.79
C HIS A 39 -4.63 11.14 -14.49
N LEU A 40 -3.35 11.14 -14.87
CA LEU A 40 -2.74 10.00 -15.54
C LEU A 40 -2.55 8.83 -14.57
N PHE A 41 -2.32 9.16 -13.30
CA PHE A 41 -2.12 8.14 -12.28
C PHE A 41 -3.34 7.22 -12.18
N ARG A 42 -4.51 7.83 -12.06
CA ARG A 42 -5.75 7.07 -11.95
C ARG A 42 -6.07 6.36 -13.27
N GLN A 43 -5.57 6.91 -14.37
CA GLN A 43 -5.80 6.32 -15.68
C GLN A 43 -4.90 5.12 -15.91
N GLN A 44 -3.66 5.22 -15.48
CA GLN A 44 -2.69 4.14 -15.64
C GLN A 44 -2.87 3.09 -14.53
N LEU A 45 -3.13 3.56 -13.32
CA LEU A 45 -3.32 2.67 -12.18
C LEU A 45 -4.78 2.25 -12.06
N GLY A 46 -5.66 2.98 -12.72
CA GLY A 46 -7.07 2.67 -12.68
C GLY A 46 -7.68 2.90 -11.30
N ILE A 47 -6.89 3.50 -10.41
CA ILE A 47 -7.36 3.77 -9.05
C ILE A 47 -6.69 5.03 -8.49
N SER A 48 -7.14 5.46 -7.32
CA SER A 48 -6.59 6.63 -6.67
C SER A 48 -5.24 6.33 -6.02
N VAL A 49 -4.35 7.31 -6.02
CA VAL A 49 -3.02 7.15 -5.43
C VAL A 49 -3.12 6.66 -3.99
N LEU A 50 -4.03 7.25 -3.22
CA LEU A 50 -4.23 6.86 -1.83
C LEU A 50 -4.67 5.41 -1.72
N SER A 51 -5.44 4.95 -2.70
CA SER A 51 -5.94 3.58 -2.72
C SER A 51 -4.81 2.60 -3.06
N TRP A 52 -4.02 2.97 -4.06
CA TRP A 52 -2.90 2.12 -4.48
C TRP A 52 -1.94 1.87 -3.33
N ARG A 53 -1.68 2.91 -2.54
CA ARG A 53 -0.77 2.79 -1.41
C ARG A 53 -1.27 1.77 -0.40
N GLU A 54 -2.56 1.85 -0.07
CA GLU A 54 -3.17 0.92 0.87
C GLU A 54 -3.18 -0.50 0.32
N ASP A 55 -3.59 -0.63 -0.94
CA ASP A 55 -3.65 -1.93 -1.60
C ASP A 55 -2.27 -2.57 -1.67
N GLN A 56 -1.26 -1.75 -1.95
CA GLN A 56 0.12 -2.23 -2.06
C GLN A 56 0.64 -2.67 -0.70
N ARG A 57 0.22 -1.96 0.35
CA ARG A 57 0.65 -2.29 1.71
C ARG A 57 0.27 -3.71 2.08
N ILE A 58 -0.97 -4.09 1.75
CA ILE A 58 -1.45 -5.43 2.06
C ILE A 58 -0.67 -6.48 1.28
N SER A 59 -0.36 -6.18 0.03
CA SER A 59 0.39 -7.11 -0.82
C SER A 59 1.72 -7.48 -0.18
N GLN A 60 2.40 -6.48 0.38
CA GLN A 60 3.69 -6.71 1.02
C GLN A 60 3.52 -7.45 2.34
N ALA A 61 2.46 -7.13 3.07
CA ALA A 61 2.18 -7.78 4.34
C ALA A 61 2.01 -9.28 4.16
N LYS A 62 1.24 -9.68 3.15
CA LYS A 62 1.00 -11.09 2.88
C LYS A 62 2.26 -11.75 2.32
N LEU A 63 3.03 -10.99 1.56
CA LEU A 63 4.27 -11.51 0.97
C LEU A 63 5.31 -11.81 2.04
N LEU A 64 5.53 -10.82 2.91
CA LEU A 64 6.51 -10.98 4.00
C LEU A 64 6.02 -11.97 5.04
N LEU A 65 4.71 -11.94 5.31
CA LEU A 65 4.11 -12.84 6.28
C LEU A 65 4.40 -14.29 5.93
N SER A 66 4.56 -14.57 4.64
CA SER A 66 4.85 -15.92 4.18
C SER A 66 6.28 -16.32 4.51
N THR A 67 7.17 -15.35 4.51
CA THR A 67 8.58 -15.59 4.81
C THR A 67 8.91 -15.18 6.24
N THR A 68 7.89 -14.81 7.00
CA THR A 68 8.08 -14.42 8.39
C THR A 68 7.08 -15.09 9.31
N ARG A 69 7.39 -15.12 10.60
CA ARG A 69 6.50 -15.74 11.58
C ARG A 69 6.11 -14.74 12.66
N MET A 70 6.28 -13.46 12.37
CA MET A 70 5.93 -12.41 13.31
C MET A 70 4.42 -12.29 13.49
N PRO A 71 4.00 -11.75 14.64
CA PRO A 71 2.57 -11.58 14.95
C PRO A 71 1.91 -10.51 14.08
N ILE A 72 0.59 -10.50 14.06
CA ILE A 72 -0.15 -9.53 13.28
C ILE A 72 0.17 -8.11 13.71
N ALA A 73 0.49 -7.94 14.99
CA ALA A 73 0.81 -6.63 15.54
C ALA A 73 2.11 -6.09 14.94
N THR A 74 3.13 -6.94 14.89
CA THR A 74 4.42 -6.56 14.33
C THR A 74 4.33 -6.30 12.83
N VAL A 75 3.74 -7.26 12.12
CA VAL A 75 3.57 -7.14 10.67
C VAL A 75 2.83 -5.86 10.30
N GLY A 76 1.80 -5.54 11.08
CA GLY A 76 1.01 -4.35 10.82
C GLY A 76 1.86 -3.09 10.81
N ARG A 77 2.92 -3.08 11.60
CA ARG A 77 3.81 -1.93 11.68
C ARG A 77 4.65 -1.80 10.40
N ASN A 78 4.97 -2.94 9.80
CA ASN A 78 5.75 -2.96 8.57
C ASN A 78 5.04 -2.20 7.45
N VAL A 79 3.71 -2.24 7.48
CA VAL A 79 2.91 -1.56 6.47
C VAL A 79 2.54 -0.15 6.92
N GLY A 80 3.01 0.23 8.11
CA GLY A 80 2.72 1.55 8.64
C GLY A 80 1.47 1.57 9.49
N PHE A 81 0.84 0.41 9.65
CA PHE A 81 -0.37 0.30 10.45
C PHE A 81 -0.05 -0.05 11.89
N ASP A 82 -0.39 0.85 12.81
CA ASP A 82 -0.13 0.64 14.22
C ASP A 82 -1.23 -0.22 14.85
N ASP A 83 -2.43 -0.10 14.33
CA ASP A 83 -3.57 -0.87 14.84
C ASP A 83 -3.64 -2.25 14.18
N GLN A 84 -3.52 -3.29 15.00
CA GLN A 84 -3.56 -4.66 14.49
C GLN A 84 -4.91 -4.96 13.84
N LEU A 85 -5.97 -4.42 14.43
CA LEU A 85 -7.31 -4.63 13.91
C LEU A 85 -7.49 -3.94 12.56
N TYR A 86 -6.82 -2.80 12.39
CA TYR A 86 -6.91 -2.04 11.15
C TYR A 86 -6.43 -2.87 9.97
N PHE A 87 -5.29 -3.52 10.13
CA PHE A 87 -4.71 -4.35 9.07
C PHE A 87 -5.60 -5.56 8.81
N SER A 88 -6.17 -6.12 9.87
CA SER A 88 -7.03 -7.29 9.76
C SER A 88 -8.30 -6.97 8.99
N ARG A 89 -8.81 -5.76 9.21
CA ARG A 89 -10.03 -5.32 8.52
C ARG A 89 -9.81 -5.22 7.02
N VAL A 90 -8.74 -4.54 6.63
CA VAL A 90 -8.42 -4.38 5.21
C VAL A 90 -7.96 -5.69 4.60
N PHE A 91 -7.11 -6.41 5.33
CA PHE A 91 -6.59 -7.70 4.86
C PHE A 91 -7.72 -8.72 4.71
N LYS A 92 -8.68 -8.66 5.62
CA LYS A 92 -9.82 -9.58 5.59
C LYS A 92 -10.56 -9.48 4.27
N LYS A 93 -10.85 -8.25 3.84
CA LYS A 93 -11.56 -8.02 2.59
C LYS A 93 -10.64 -8.24 1.39
N CYS A 94 -9.33 -8.08 1.61
CA CYS A 94 -8.35 -8.26 0.55
C CYS A 94 -8.49 -9.65 -0.07
N THR A 95 -8.52 -10.67 0.77
CA THR A 95 -8.64 -12.04 0.28
C THR A 95 -10.01 -12.63 0.62
N GLY A 96 -10.77 -11.89 1.43
CA GLY A 96 -12.09 -12.36 1.82
C GLY A 96 -12.09 -13.07 3.15
N ALA A 97 -10.90 -13.29 3.71
CA ALA A 97 -10.78 -13.96 4.99
C ALA A 97 -9.73 -13.28 5.87
N SER A 98 -9.94 -13.32 7.17
CA SER A 98 -9.02 -12.69 8.12
C SER A 98 -7.67 -13.39 8.09
N PRO A 99 -6.65 -12.71 8.63
CA PRO A 99 -5.27 -13.25 8.68
C PRO A 99 -5.15 -14.40 9.67
N SER A 100 -5.94 -14.35 10.74
CA SER A 100 -5.91 -15.40 11.76
C SER A 100 -6.43 -16.71 11.20
N GLU A 101 -7.41 -16.63 10.30
CA GLU A 101 -8.00 -17.81 9.69
C GLU A 101 -7.06 -18.42 8.66
N PHE A 102 -6.51 -17.58 7.79
CA PHE A 102 -5.59 -18.03 6.75
C PHE A 102 -4.38 -18.72 7.37
N ARG A 103 -3.91 -18.19 8.49
CA ARG A 103 -2.76 -18.75 9.17
C ARG A 103 -3.01 -20.20 9.58
N ALA A 104 -4.23 -20.47 10.06
CA ALA A 104 -4.60 -21.81 10.49
C ALA A 104 -4.85 -22.71 9.29
N GLY A 105 -5.26 -22.11 8.18
CA GLY A 105 -5.53 -22.88 6.98
C GLY A 105 -6.94 -23.42 6.94
N CYS A 106 -7.78 -22.94 7.85
CA CYS A 106 -9.17 -23.38 7.92
C CYS A 106 -10.04 -22.62 6.92
N GLU A 107 -10.86 -23.36 6.18
CA GLU A 107 -11.74 -22.75 5.19
C GLU A 107 -13.21 -23.06 5.49
N MET A 1 2.59 1.72 -17.49
CA MET A 1 3.21 2.61 -16.52
C MET A 1 4.09 3.65 -17.21
N ASP A 2 3.84 4.92 -16.92
CA ASP A 2 4.61 6.01 -17.52
C ASP A 2 5.96 6.17 -16.82
N ASN A 3 6.96 6.59 -17.60
CA ASN A 3 8.31 6.79 -17.05
C ASN A 3 8.27 7.69 -15.82
N ARG A 4 7.52 8.77 -15.92
CA ARG A 4 7.40 9.72 -14.81
C ARG A 4 6.61 9.13 -13.66
N VAL A 5 5.53 8.42 -14.00
CA VAL A 5 4.68 7.79 -13.00
C VAL A 5 5.44 6.74 -12.21
N ARG A 6 6.28 5.99 -12.90
CA ARG A 6 7.08 4.94 -12.27
C ARG A 6 7.94 5.52 -11.16
N GLU A 7 8.49 6.71 -11.39
CA GLU A 7 9.35 7.37 -10.41
C GLU A 7 8.57 7.67 -9.13
N ALA A 8 7.31 8.08 -9.29
CA ALA A 8 6.46 8.40 -8.15
C ALA A 8 6.33 7.20 -7.22
N CYS A 9 6.30 6.00 -7.78
CA CYS A 9 6.18 4.78 -7.00
C CYS A 9 7.33 4.66 -6.01
N GLN A 10 8.50 5.11 -6.42
CA GLN A 10 9.69 5.04 -5.57
C GLN A 10 9.52 5.92 -4.33
N TYR A 11 9.00 7.13 -4.53
CA TYR A 11 8.79 8.06 -3.43
C TYR A 11 7.68 7.57 -2.51
N ILE A 12 6.55 7.19 -3.10
CA ILE A 12 5.41 6.70 -2.33
C ILE A 12 5.77 5.43 -1.57
N SER A 13 6.49 4.53 -2.23
CA SER A 13 6.90 3.28 -1.61
C SER A 13 7.80 3.53 -0.42
N ASP A 14 8.73 4.48 -0.56
CA ASP A 14 9.65 4.81 0.51
C ASP A 14 8.91 5.43 1.70
N HIS A 15 7.82 6.12 1.40
CA HIS A 15 7.02 6.76 2.45
C HIS A 15 5.82 5.90 2.81
N LEU A 16 5.86 4.63 2.45
CA LEU A 16 4.78 3.71 2.73
C LEU A 16 4.50 3.64 4.24
N ALA A 17 5.52 3.95 5.04
CA ALA A 17 5.38 3.93 6.49
C ALA A 17 4.68 5.19 6.98
N ASP A 18 4.69 6.24 6.17
CA ASP A 18 4.06 7.50 6.53
C ASP A 18 2.54 7.36 6.53
N SER A 19 1.88 8.18 7.35
CA SER A 19 0.43 8.15 7.46
C SER A 19 -0.20 9.20 6.55
N ASN A 20 0.26 10.43 6.67
CA ASN A 20 -0.26 11.53 5.86
C ASN A 20 0.39 11.55 4.48
N PHE A 21 -0.39 11.19 3.46
CA PHE A 21 0.11 11.16 2.09
C PHE A 21 0.08 12.55 1.47
N ASP A 22 1.17 12.93 0.82
CA ASP A 22 1.26 14.24 0.18
C ASP A 22 1.39 14.10 -1.34
N ILE A 23 0.27 14.18 -2.03
CA ILE A 23 0.26 14.07 -3.48
C ILE A 23 1.07 15.18 -4.13
N ALA A 24 1.20 16.30 -3.43
CA ALA A 24 1.95 17.44 -3.94
C ALA A 24 3.44 17.11 -4.03
N SER A 25 3.96 16.44 -3.01
CA SER A 25 5.37 16.07 -2.98
C SER A 25 5.68 15.03 -4.07
N VAL A 26 4.69 14.22 -4.40
CA VAL A 26 4.85 13.18 -5.41
C VAL A 26 5.01 13.80 -6.80
N ALA A 27 4.13 14.75 -7.12
CA ALA A 27 4.17 15.42 -8.42
C ALA A 27 5.44 16.25 -8.56
N GLN A 28 5.83 16.92 -7.49
CA GLN A 28 7.03 17.75 -7.51
C GLN A 28 8.27 16.91 -7.78
N HIS A 29 8.29 15.70 -7.22
CA HIS A 29 9.42 14.79 -7.40
C HIS A 29 9.67 14.52 -8.88
N VAL A 30 8.59 14.46 -9.65
CA VAL A 30 8.67 14.20 -11.08
C VAL A 30 8.63 15.51 -11.88
N CYS A 31 8.91 16.62 -11.21
CA CYS A 31 8.89 17.93 -11.86
C CYS A 31 7.58 18.14 -12.61
N LEU A 32 6.48 17.65 -12.05
CA LEU A 32 5.18 17.78 -12.67
C LEU A 32 4.12 18.17 -11.64
N SER A 33 2.98 18.65 -12.12
CA SER A 33 1.89 19.05 -11.24
C SER A 33 1.08 17.84 -10.79
N PRO A 34 0.34 18.00 -9.67
CA PRO A 34 -0.49 16.94 -9.12
C PRO A 34 -1.70 16.62 -10.00
N SER A 35 -2.26 17.65 -10.62
CA SER A 35 -3.43 17.48 -11.48
C SER A 35 -3.06 16.69 -12.73
N ARG A 36 -1.95 17.05 -13.36
CA ARG A 36 -1.49 16.37 -14.56
C ARG A 36 -0.96 14.98 -14.24
N LEU A 37 -0.27 14.87 -13.10
CA LEU A 37 0.29 13.59 -12.68
C LEU A 37 -0.81 12.62 -12.26
N SER A 38 -1.77 13.12 -11.49
CA SER A 38 -2.88 12.30 -11.03
C SER A 38 -3.68 11.75 -12.21
N HIS A 39 -3.90 12.61 -13.21
CA HIS A 39 -4.66 12.21 -14.39
C HIS A 39 -3.98 11.04 -15.10
N LEU A 40 -2.68 11.15 -15.31
CA LEU A 40 -1.92 10.10 -15.98
C LEU A 40 -1.77 8.88 -15.07
N PHE A 41 -1.72 9.12 -13.77
CA PHE A 41 -1.58 8.03 -12.79
C PHE A 41 -2.75 7.06 -12.90
N ARG A 42 -3.96 7.59 -12.89
CA ARG A 42 -5.17 6.77 -12.99
C ARG A 42 -5.27 6.13 -14.37
N GLN A 43 -4.68 6.77 -15.37
CA GLN A 43 -4.72 6.26 -16.74
C GLN A 43 -3.71 5.13 -16.92
N GLN A 44 -2.53 5.28 -16.31
CA GLN A 44 -1.49 4.27 -16.42
C GLN A 44 -1.73 3.14 -15.42
N LEU A 45 -2.18 3.49 -14.22
CA LEU A 45 -2.45 2.50 -13.19
C LEU A 45 -3.89 2.00 -13.29
N GLY A 46 -4.72 2.73 -14.01
CA GLY A 46 -6.11 2.33 -14.17
C GLY A 46 -6.90 2.42 -12.88
N ILE A 47 -6.28 3.02 -11.86
CA ILE A 47 -6.93 3.17 -10.56
C ILE A 47 -6.44 4.42 -9.86
N SER A 48 -7.10 4.76 -8.75
CA SER A 48 -6.74 5.94 -7.98
C SER A 48 -5.50 5.68 -7.13
N VAL A 49 -4.69 6.72 -6.93
CA VAL A 49 -3.47 6.60 -6.14
C VAL A 49 -3.75 6.01 -4.77
N LEU A 50 -4.85 6.44 -4.16
CA LEU A 50 -5.24 5.96 -2.84
C LEU A 50 -5.52 4.46 -2.87
N SER A 51 -6.08 3.99 -3.98
CA SER A 51 -6.41 2.57 -4.15
C SER A 51 -5.14 1.75 -4.36
N TRP A 52 -4.25 2.26 -5.20
CA TRP A 52 -3.00 1.57 -5.50
C TRP A 52 -2.18 1.37 -4.24
N ARG A 53 -2.11 2.40 -3.40
CA ARG A 53 -1.35 2.33 -2.17
C ARG A 53 -1.92 1.26 -1.24
N GLU A 54 -3.24 1.23 -1.11
CA GLU A 54 -3.90 0.24 -0.26
C GLU A 54 -3.73 -1.17 -0.81
N ASP A 55 -3.88 -1.30 -2.12
CA ASP A 55 -3.74 -2.59 -2.79
C ASP A 55 -2.34 -3.17 -2.55
N GLN A 56 -1.33 -2.33 -2.72
CA GLN A 56 0.05 -2.76 -2.52
C GLN A 56 0.34 -3.03 -1.04
N ARG A 57 -0.28 -2.24 -0.17
CA ARG A 57 -0.09 -2.39 1.26
C ARG A 57 -0.46 -3.79 1.72
N ILE A 58 -1.58 -4.31 1.20
CA ILE A 58 -2.05 -5.64 1.55
C ILE A 58 -1.16 -6.71 0.92
N SER A 59 -0.84 -6.54 -0.36
CA SER A 59 -0.01 -7.50 -1.08
C SER A 59 1.36 -7.62 -0.43
N GLN A 60 1.90 -6.48 0.02
CA GLN A 60 3.21 -6.46 0.67
C GLN A 60 3.14 -7.09 2.06
N ALA A 61 2.11 -6.73 2.81
CA ALA A 61 1.92 -7.27 4.16
C ALA A 61 1.74 -8.77 4.13
N LYS A 62 0.88 -9.25 3.23
CA LYS A 62 0.63 -10.68 3.10
C LYS A 62 1.85 -11.41 2.58
N LEU A 63 2.62 -10.74 1.72
CA LEU A 63 3.82 -11.33 1.14
C LEU A 63 4.83 -11.68 2.24
N LEU A 64 5.10 -10.73 3.12
CA LEU A 64 6.04 -10.93 4.21
C LEU A 64 5.48 -11.90 5.24
N LEU A 65 4.19 -11.75 5.54
CA LEU A 65 3.52 -12.61 6.51
C LEU A 65 3.52 -14.06 6.03
N SER A 66 3.60 -14.26 4.72
CA SER A 66 3.60 -15.59 4.14
C SER A 66 5.03 -16.12 4.01
N THR A 67 5.99 -15.21 3.87
CA THR A 67 7.38 -15.58 3.73
C THR A 67 8.10 -15.57 5.08
N THR A 68 7.40 -15.08 6.10
CA THR A 68 7.96 -15.00 7.44
C THR A 68 6.98 -15.55 8.48
N ARG A 69 7.44 -15.64 9.73
CA ARG A 69 6.61 -16.16 10.81
C ARG A 69 6.43 -15.10 11.90
N MET A 70 6.70 -13.85 11.54
CA MET A 70 6.57 -12.74 12.49
C MET A 70 5.11 -12.52 12.88
N PRO A 71 4.90 -11.91 14.04
CA PRO A 71 3.55 -11.63 14.56
C PRO A 71 2.83 -10.56 13.75
N ILE A 72 1.51 -10.50 13.88
CA ILE A 72 0.71 -9.52 13.17
C ILE A 72 1.07 -8.10 13.59
N ALA A 73 1.49 -7.94 14.84
CA ALA A 73 1.87 -6.64 15.36
C ALA A 73 3.11 -6.10 14.64
N THR A 74 4.12 -6.95 14.51
CA THR A 74 5.36 -6.57 13.84
C THR A 74 5.13 -6.27 12.37
N VAL A 75 4.46 -7.20 11.68
CA VAL A 75 4.18 -7.04 10.27
C VAL A 75 3.33 -5.79 10.01
N GLY A 76 2.36 -5.55 10.89
CA GLY A 76 1.51 -4.39 10.75
C GLY A 76 2.28 -3.10 10.70
N ARG A 77 3.40 -3.05 11.41
CA ARG A 77 4.24 -1.86 11.45
C ARG A 77 4.96 -1.66 10.13
N ASN A 78 5.30 -2.76 9.47
CA ASN A 78 5.99 -2.71 8.19
C ASN A 78 5.17 -1.95 7.15
N VAL A 79 3.86 -2.05 7.27
CA VAL A 79 2.94 -1.38 6.34
C VAL A 79 2.57 0.01 6.86
N GLY A 80 3.11 0.37 8.02
CA GLY A 80 2.81 1.67 8.61
C GLY A 80 1.66 1.61 9.58
N PHE A 81 1.10 0.42 9.78
CA PHE A 81 -0.02 0.24 10.69
C PHE A 81 0.48 -0.12 12.09
N ASP A 82 0.18 0.75 13.05
CA ASP A 82 0.61 0.52 14.44
C ASP A 82 -0.42 -0.33 15.18
N ASP A 83 -1.69 -0.19 14.79
CA ASP A 83 -2.76 -0.95 15.42
C ASP A 83 -3.01 -2.26 14.69
N GLN A 84 -2.82 -3.38 15.39
CA GLN A 84 -3.02 -4.70 14.80
C GLN A 84 -4.47 -4.89 14.37
N LEU A 85 -5.40 -4.30 15.13
CA LEU A 85 -6.82 -4.41 14.84
C LEU A 85 -7.16 -3.64 13.56
N TYR A 86 -6.49 -2.52 13.35
CA TYR A 86 -6.72 -1.69 12.17
C TYR A 86 -6.33 -2.43 10.91
N PHE A 87 -5.14 -3.02 10.91
CA PHE A 87 -4.64 -3.76 9.76
C PHE A 87 -5.47 -5.02 9.52
N SER A 88 -5.75 -5.74 10.60
CA SER A 88 -6.54 -6.97 10.51
C SER A 88 -7.97 -6.67 10.06
N ARG A 89 -8.51 -5.56 10.54
CA ARG A 89 -9.87 -5.15 10.18
C ARG A 89 -9.99 -4.89 8.69
N VAL A 90 -9.07 -4.08 8.16
CA VAL A 90 -9.08 -3.75 6.74
C VAL A 90 -8.68 -4.95 5.89
N PHE A 91 -7.61 -5.63 6.31
CA PHE A 91 -7.12 -6.79 5.59
C PHE A 91 -8.17 -7.89 5.55
N LYS A 92 -8.93 -8.02 6.64
CA LYS A 92 -9.97 -9.03 6.74
C LYS A 92 -10.98 -8.87 5.61
N LYS A 93 -11.35 -7.63 5.31
CA LYS A 93 -12.31 -7.34 4.25
C LYS A 93 -11.66 -7.49 2.87
N CYS A 94 -10.35 -7.31 2.83
CA CYS A 94 -9.60 -7.42 1.58
C CYS A 94 -9.85 -8.78 0.92
N THR A 95 -9.69 -9.85 1.70
CA THR A 95 -9.89 -11.20 1.19
C THR A 95 -11.16 -11.81 1.76
N GLY A 96 -11.76 -11.14 2.74
CA GLY A 96 -12.98 -11.64 3.36
C GLY A 96 -12.71 -12.41 4.63
N ALA A 97 -11.43 -12.65 4.92
CA ALA A 97 -11.04 -13.39 6.12
C ALA A 97 -9.84 -12.73 6.79
N SER A 98 -9.78 -12.83 8.11
CA SER A 98 -8.69 -12.24 8.88
C SER A 98 -7.37 -12.94 8.55
N PRO A 99 -6.26 -12.28 8.89
CA PRO A 99 -4.91 -12.80 8.65
C PRO A 99 -4.58 -14.00 9.53
N SER A 100 -5.15 -14.02 10.73
CA SER A 100 -4.91 -15.10 11.67
C SER A 100 -5.54 -16.40 11.17
N GLU A 101 -6.67 -16.27 10.49
CA GLU A 101 -7.38 -17.44 9.96
C GLU A 101 -6.67 -17.98 8.73
N PHE A 102 -6.31 -17.09 7.81
CA PHE A 102 -5.63 -17.48 6.58
C PHE A 102 -4.29 -18.16 6.90
N ARG A 103 -3.53 -17.56 7.80
CA ARG A 103 -2.23 -18.10 8.20
C ARG A 103 -2.38 -19.51 8.77
N ALA A 104 -3.43 -19.71 9.57
CA ALA A 104 -3.69 -21.01 10.18
C ALA A 104 -4.04 -22.04 9.13
N GLY A 105 -4.67 -21.60 8.05
CA GLY A 105 -5.05 -22.51 6.99
C GLY A 105 -6.45 -23.06 7.17
N CYS A 106 -7.04 -22.80 8.32
CA CYS A 106 -8.39 -23.27 8.63
C CYS A 106 -9.38 -22.81 7.56
N GLU A 107 -10.03 -23.77 6.91
CA GLU A 107 -11.00 -23.46 5.87
C GLU A 107 -12.12 -22.59 6.42
N MET A 1 2.65 1.68 -18.21
CA MET A 1 3.31 2.32 -17.08
C MET A 1 4.43 3.25 -17.57
N ASP A 2 4.21 4.55 -17.43
CA ASP A 2 5.20 5.54 -17.86
C ASP A 2 6.31 5.67 -16.83
N ASN A 3 7.52 5.97 -17.31
CA ASN A 3 8.68 6.12 -16.42
C ASN A 3 8.39 7.11 -15.31
N ARG A 4 7.76 8.22 -15.65
CA ARG A 4 7.43 9.25 -14.67
C ARG A 4 6.48 8.70 -13.61
N VAL A 5 5.53 7.88 -14.03
CA VAL A 5 4.57 7.30 -13.11
C VAL A 5 5.24 6.27 -12.21
N ARG A 6 6.18 5.51 -12.76
CA ARG A 6 6.90 4.49 -12.00
C ARG A 6 7.79 5.14 -10.95
N GLU A 7 8.35 6.29 -11.29
CA GLU A 7 9.23 7.01 -10.37
C GLU A 7 8.48 7.41 -9.10
N ALA A 8 7.23 7.80 -9.26
CA ALA A 8 6.40 8.21 -8.13
C ALA A 8 6.28 7.08 -7.10
N CYS A 9 6.22 5.85 -7.59
CA CYS A 9 6.11 4.69 -6.71
C CYS A 9 7.30 4.61 -5.76
N GLN A 10 8.46 5.03 -6.24
CA GLN A 10 9.67 5.01 -5.42
C GLN A 10 9.54 5.92 -4.21
N TYR A 11 9.01 7.13 -4.45
CA TYR A 11 8.83 8.10 -3.38
C TYR A 11 7.74 7.65 -2.41
N ILE A 12 6.60 7.25 -2.95
CA ILE A 12 5.48 6.80 -2.14
C ILE A 12 5.86 5.57 -1.32
N SER A 13 6.59 4.65 -1.95
CA SER A 13 7.00 3.42 -1.27
C SER A 13 7.83 3.74 -0.02
N ASP A 14 8.63 4.79 -0.12
CA ASP A 14 9.47 5.21 1.01
C ASP A 14 8.62 5.74 2.15
N HIS A 15 7.45 6.26 1.81
CA HIS A 15 6.53 6.81 2.81
C HIS A 15 5.38 5.85 3.08
N LEU A 16 5.57 4.59 2.69
CA LEU A 16 4.54 3.57 2.89
C LEU A 16 4.14 3.47 4.36
N ALA A 17 5.09 3.81 5.24
CA ALA A 17 4.84 3.75 6.67
C ALA A 17 4.38 5.10 7.21
N ASP A 18 4.69 6.16 6.45
CA ASP A 18 4.31 7.51 6.84
C ASP A 18 2.80 7.69 6.77
N SER A 19 2.27 8.56 7.63
CA SER A 19 0.82 8.82 7.66
C SER A 19 0.48 10.03 6.81
N ASN A 20 1.18 11.13 7.03
CA ASN A 20 0.94 12.36 6.28
C ASN A 20 1.45 12.22 4.84
N PHE A 21 0.53 12.07 3.91
CA PHE A 21 0.89 11.93 2.50
C PHE A 21 0.48 13.17 1.71
N ASP A 22 1.45 13.74 0.98
CA ASP A 22 1.18 14.93 0.18
C ASP A 22 1.37 14.63 -1.31
N ILE A 23 0.25 14.59 -2.04
CA ILE A 23 0.29 14.31 -3.47
C ILE A 23 1.21 15.29 -4.19
N ALA A 24 1.38 16.47 -3.61
CA ALA A 24 2.25 17.50 -4.20
C ALA A 24 3.67 16.98 -4.35
N SER A 25 4.18 16.33 -3.31
CA SER A 25 5.54 15.79 -3.33
C SER A 25 5.68 14.72 -4.41
N VAL A 26 4.59 14.03 -4.70
CA VAL A 26 4.59 12.98 -5.71
C VAL A 26 4.84 13.55 -7.10
N ALA A 27 4.07 14.58 -7.45
CA ALA A 27 4.21 15.23 -8.75
C ALA A 27 5.54 15.96 -8.86
N GLN A 28 6.00 16.53 -7.76
CA GLN A 28 7.26 17.26 -7.74
C GLN A 28 8.43 16.33 -8.04
N HIS A 29 8.35 15.10 -7.55
CA HIS A 29 9.40 14.12 -7.76
C HIS A 29 9.63 13.89 -9.26
N VAL A 30 8.54 13.96 -10.03
CA VAL A 30 8.62 13.75 -11.47
C VAL A 30 8.73 15.08 -12.21
N CYS A 31 9.04 16.13 -11.47
CA CYS A 31 9.16 17.47 -12.05
C CYS A 31 7.93 17.82 -12.88
N LEU A 32 6.77 17.38 -12.42
CA LEU A 32 5.51 17.65 -13.12
C LEU A 32 4.40 18.00 -12.14
N SER A 33 3.32 18.59 -12.66
CA SER A 33 2.19 18.98 -11.82
C SER A 33 1.41 17.75 -11.35
N PRO A 34 0.67 17.91 -10.24
CA PRO A 34 -0.13 16.84 -9.66
C PRO A 34 -1.33 16.48 -10.53
N SER A 35 -1.93 17.50 -11.14
CA SER A 35 -3.10 17.29 -12.00
C SER A 35 -2.73 16.48 -13.24
N ARG A 36 -1.62 16.85 -13.88
CA ARG A 36 -1.16 16.16 -15.08
C ARG A 36 -0.70 14.75 -14.73
N LEU A 37 0.08 14.63 -13.65
CA LEU A 37 0.59 13.34 -13.23
C LEU A 37 -0.54 12.41 -12.79
N SER A 38 -1.48 12.95 -12.01
CA SER A 38 -2.61 12.18 -11.52
C SER A 38 -3.44 11.65 -12.68
N HIS A 39 -3.59 12.48 -13.72
CA HIS A 39 -4.36 12.09 -14.89
C HIS A 39 -3.77 10.84 -15.56
N LEU A 40 -2.47 10.86 -15.78
CA LEU A 40 -1.79 9.73 -16.39
C LEU A 40 -1.67 8.56 -15.42
N PHE A 41 -1.57 8.87 -14.14
CA PHE A 41 -1.46 7.85 -13.10
C PHE A 41 -2.67 6.93 -13.12
N ARG A 42 -3.86 7.52 -13.10
CA ARG A 42 -5.10 6.76 -13.11
C ARG A 42 -5.28 6.03 -14.44
N GLN A 43 -4.67 6.57 -15.49
CA GLN A 43 -4.77 5.98 -16.82
C GLN A 43 -3.83 4.79 -16.95
N GLN A 44 -2.64 4.92 -16.35
CA GLN A 44 -1.65 3.86 -16.41
C GLN A 44 -1.93 2.79 -15.36
N LEU A 45 -2.33 3.23 -14.17
CA LEU A 45 -2.63 2.31 -13.08
C LEU A 45 -4.09 1.89 -13.12
N GLY A 46 -4.89 2.62 -13.89
CA GLY A 46 -6.31 2.31 -13.99
C GLY A 46 -7.05 2.50 -12.69
N ILE A 47 -6.38 3.13 -11.72
CA ILE A 47 -6.99 3.39 -10.41
C ILE A 47 -6.45 4.67 -9.80
N SER A 48 -7.07 5.11 -8.71
CA SER A 48 -6.66 6.33 -8.03
C SER A 48 -5.41 6.09 -7.19
N VAL A 49 -4.59 7.13 -7.04
CA VAL A 49 -3.36 7.03 -6.27
C VAL A 49 -3.64 6.52 -4.86
N LEU A 50 -4.67 7.08 -4.23
CA LEU A 50 -5.04 6.67 -2.88
C LEU A 50 -5.46 5.21 -2.83
N SER A 51 -6.00 4.73 -3.95
CA SER A 51 -6.44 3.34 -4.03
C SER A 51 -5.25 2.39 -4.12
N TRP A 52 -4.29 2.73 -4.98
CA TRP A 52 -3.10 1.91 -5.17
C TRP A 52 -2.33 1.78 -3.86
N ARG A 53 -2.25 2.87 -3.11
CA ARG A 53 -1.54 2.88 -1.84
C ARG A 53 -2.12 1.84 -0.88
N GLU A 54 -3.45 1.83 -0.77
CA GLU A 54 -4.13 0.89 0.10
C GLU A 54 -3.96 -0.55 -0.39
N ASP A 55 -4.11 -0.74 -1.70
CA ASP A 55 -3.97 -2.06 -2.30
C ASP A 55 -2.55 -2.59 -2.11
N GLN A 56 -1.58 -1.70 -2.21
CA GLN A 56 -0.17 -2.07 -2.06
C GLN A 56 0.13 -2.48 -0.62
N ARG A 57 -0.49 -1.79 0.32
CA ARG A 57 -0.29 -2.08 1.74
C ARG A 57 -0.74 -3.50 2.07
N ILE A 58 -1.89 -3.90 1.52
CA ILE A 58 -2.42 -5.23 1.76
C ILE A 58 -1.57 -6.30 1.08
N SER A 59 -1.20 -6.04 -0.17
CA SER A 59 -0.38 -6.99 -0.92
C SER A 59 1.02 -7.10 -0.32
N GLN A 60 1.49 -6.02 0.28
CA GLN A 60 2.81 -6.00 0.89
C GLN A 60 2.84 -6.87 2.14
N ALA A 61 1.80 -6.76 2.96
CA ALA A 61 1.71 -7.54 4.19
C ALA A 61 1.72 -9.03 3.88
N LYS A 62 0.93 -9.44 2.89
CA LYS A 62 0.84 -10.84 2.50
C LYS A 62 2.13 -11.29 1.81
N LEU A 63 2.74 -10.37 1.08
CA LEU A 63 3.98 -10.68 0.36
C LEU A 63 5.12 -10.93 1.34
N LEU A 64 5.30 -10.01 2.28
CA LEU A 64 6.36 -10.13 3.28
C LEU A 64 6.07 -11.28 4.25
N LEU A 65 4.80 -11.44 4.60
CA LEU A 65 4.38 -12.49 5.51
C LEU A 65 4.75 -13.86 4.96
N SER A 66 4.79 -13.98 3.64
CA SER A 66 5.14 -15.23 3.00
C SER A 66 6.62 -15.55 3.16
N THR A 67 7.43 -14.51 3.33
CA THR A 67 8.86 -14.67 3.51
C THR A 67 9.29 -14.34 4.93
N THR A 68 8.31 -14.09 5.79
CA THR A 68 8.59 -13.77 7.19
C THR A 68 7.69 -14.58 8.12
N ARG A 69 8.12 -14.71 9.38
CA ARG A 69 7.35 -15.45 10.37
C ARG A 69 7.01 -14.57 11.57
N MET A 70 7.10 -13.26 11.37
CA MET A 70 6.80 -12.31 12.44
C MET A 70 5.32 -12.33 12.78
N PRO A 71 4.98 -11.88 14.00
CA PRO A 71 3.60 -11.83 14.48
C PRO A 71 2.77 -10.77 13.76
N ILE A 72 1.46 -10.86 13.90
CA ILE A 72 0.56 -9.90 13.26
C ILE A 72 0.83 -8.48 13.75
N ALA A 73 1.27 -8.37 15.00
CA ALA A 73 1.58 -7.06 15.59
C ALA A 73 2.75 -6.40 14.86
N THR A 74 3.81 -7.15 14.62
CA THR A 74 4.98 -6.64 13.94
C THR A 74 4.69 -6.35 12.48
N VAL A 75 4.11 -7.33 11.79
CA VAL A 75 3.78 -7.19 10.38
C VAL A 75 2.86 -5.99 10.15
N GLY A 76 1.90 -5.81 11.05
CA GLY A 76 0.98 -4.69 10.94
C GLY A 76 1.69 -3.36 10.88
N ARG A 77 2.82 -3.26 11.57
CA ARG A 77 3.59 -2.02 11.59
C ARG A 77 4.27 -1.78 10.25
N ASN A 78 4.65 -2.86 9.57
CA ASN A 78 5.31 -2.76 8.28
C ASN A 78 4.42 -2.05 7.26
N VAL A 79 3.11 -2.22 7.41
CA VAL A 79 2.15 -1.61 6.50
C VAL A 79 1.74 -0.22 7.02
N GLY A 80 2.28 0.16 8.16
CA GLY A 80 1.96 1.46 8.74
C GLY A 80 0.81 1.39 9.73
N PHE A 81 0.63 0.22 10.33
CA PHE A 81 -0.44 0.01 11.31
C PHE A 81 0.12 -0.48 12.64
N ASP A 82 -0.05 0.33 13.68
CA ASP A 82 0.44 -0.04 15.01
C ASP A 82 -0.54 -0.96 15.72
N ASP A 83 -1.83 -0.78 15.43
CA ASP A 83 -2.87 -1.59 16.04
C ASP A 83 -3.05 -2.90 15.28
N GLN A 84 -2.83 -4.02 15.97
CA GLN A 84 -2.97 -5.33 15.35
C GLN A 84 -4.41 -5.57 14.90
N LEU A 85 -5.36 -5.14 15.73
CA LEU A 85 -6.78 -5.31 15.41
C LEU A 85 -7.17 -4.45 14.23
N TYR A 86 -6.54 -3.28 14.11
CA TYR A 86 -6.84 -2.37 13.02
C TYR A 86 -6.51 -3.00 11.67
N PHE A 87 -5.32 -3.58 11.57
CA PHE A 87 -4.89 -4.22 10.33
C PHE A 87 -5.73 -5.46 10.04
N SER A 88 -6.00 -6.24 11.08
CA SER A 88 -6.79 -7.46 10.92
C SER A 88 -8.23 -7.12 10.52
N ARG A 89 -8.75 -6.03 11.07
CA ARG A 89 -10.11 -5.60 10.77
C ARG A 89 -10.24 -5.23 9.29
N VAL A 90 -9.35 -4.38 8.81
CA VAL A 90 -9.36 -3.95 7.42
C VAL A 90 -8.98 -5.09 6.48
N PHE A 91 -7.97 -5.86 6.88
CA PHE A 91 -7.50 -6.98 6.08
C PHE A 91 -8.56 -8.07 5.98
N LYS A 92 -9.30 -8.26 7.07
CA LYS A 92 -10.35 -9.28 7.12
C LYS A 92 -11.38 -9.02 6.02
N LYS A 93 -11.85 -7.78 5.92
CA LYS A 93 -12.83 -7.42 4.91
C LYS A 93 -12.18 -7.30 3.53
N CYS A 94 -10.89 -7.01 3.52
CA CYS A 94 -10.16 -6.87 2.26
C CYS A 94 -10.26 -8.15 1.43
N THR A 95 -9.98 -9.29 2.06
CA THR A 95 -10.04 -10.57 1.37
C THR A 95 -11.26 -11.37 1.81
N GLY A 96 -11.93 -10.89 2.85
CA GLY A 96 -13.11 -11.58 3.35
C GLY A 96 -12.80 -12.50 4.52
N ALA A 97 -11.51 -12.69 4.78
CA ALA A 97 -11.08 -13.55 5.87
C ALA A 97 -9.92 -12.93 6.65
N SER A 98 -9.84 -13.23 7.93
CA SER A 98 -8.78 -12.69 8.79
C SER A 98 -7.42 -13.21 8.35
N PRO A 99 -6.35 -12.53 8.79
CA PRO A 99 -4.98 -12.91 8.46
C PRO A 99 -4.56 -14.21 9.15
N SER A 100 -5.10 -14.45 10.34
CA SER A 100 -4.77 -15.66 11.10
C SER A 100 -5.32 -16.90 10.41
N GLU A 101 -6.47 -16.75 9.76
CA GLU A 101 -7.10 -17.86 9.05
C GLU A 101 -6.37 -18.16 7.75
N PHE A 102 -6.10 -17.12 6.98
CA PHE A 102 -5.40 -17.28 5.71
C PHE A 102 -4.01 -17.87 5.92
N ARG A 103 -3.29 -17.33 6.90
CA ARG A 103 -1.95 -17.80 7.20
C ARG A 103 -1.97 -19.22 7.76
N ALA A 104 -3.04 -19.54 8.49
CA ALA A 104 -3.20 -20.87 9.08
C ALA A 104 -3.25 -21.94 8.00
N GLY A 105 -3.88 -21.62 6.88
CA GLY A 105 -4.00 -22.57 5.79
C GLY A 105 -5.20 -23.48 5.93
N CYS A 106 -5.86 -23.41 7.08
CA CYS A 106 -7.03 -24.23 7.34
C CYS A 106 -8.22 -23.76 6.51
N GLU A 107 -8.96 -24.71 5.95
CA GLU A 107 -10.12 -24.40 5.13
C GLU A 107 -11.17 -23.64 5.93
N MET A 1 3.32 1.33 -18.57
CA MET A 1 3.58 2.29 -17.50
C MET A 1 4.36 3.49 -18.04
N ASP A 2 4.23 4.62 -17.35
CA ASP A 2 4.92 5.84 -17.76
C ASP A 2 6.13 6.10 -16.88
N ASN A 3 7.16 6.71 -17.46
CA ASN A 3 8.38 7.01 -16.72
C ASN A 3 8.11 8.02 -15.60
N ARG A 4 7.13 8.88 -15.82
CA ARG A 4 6.77 9.89 -14.84
C ARG A 4 6.11 9.25 -13.61
N VAL A 5 5.12 8.41 -13.86
CA VAL A 5 4.40 7.73 -12.78
C VAL A 5 5.29 6.70 -12.09
N ARG A 6 6.12 6.01 -12.88
CA ARG A 6 7.01 5.00 -12.34
C ARG A 6 7.90 5.59 -11.24
N GLU A 7 8.44 6.77 -11.50
CA GLU A 7 9.31 7.43 -10.52
C GLU A 7 8.52 7.83 -9.28
N ALA A 8 7.31 8.34 -9.50
CA ALA A 8 6.45 8.76 -8.39
C ALA A 8 6.17 7.59 -7.44
N CYS A 9 6.03 6.40 -8.00
CA CYS A 9 5.76 5.21 -7.20
C CYS A 9 6.88 4.96 -6.21
N GLN A 10 8.12 5.26 -6.62
CA GLN A 10 9.27 5.05 -5.76
C GLN A 10 9.21 5.96 -4.53
N TYR A 11 8.82 7.21 -4.75
CA TYR A 11 8.72 8.18 -3.66
C TYR A 11 7.56 7.84 -2.73
N ILE A 12 6.40 7.57 -3.31
CA ILE A 12 5.21 7.22 -2.55
C ILE A 12 5.44 5.94 -1.74
N SER A 13 6.02 4.93 -2.39
CA SER A 13 6.29 3.65 -1.75
C SER A 13 7.16 3.85 -0.51
N ASP A 14 8.10 4.78 -0.60
CA ASP A 14 9.00 5.06 0.51
C ASP A 14 8.25 5.68 1.69
N HIS A 15 7.11 6.30 1.40
CA HIS A 15 6.28 6.93 2.43
C HIS A 15 5.21 5.97 2.92
N LEU A 16 5.40 4.68 2.65
CA LEU A 16 4.45 3.66 3.06
C LEU A 16 4.24 3.69 4.58
N ALA A 17 5.33 3.92 5.31
CA ALA A 17 5.27 3.97 6.77
C ALA A 17 4.94 5.39 7.25
N ASP A 18 5.18 6.36 6.39
CA ASP A 18 4.90 7.75 6.73
C ASP A 18 3.42 8.08 6.57
N SER A 19 2.95 9.08 7.31
CA SER A 19 1.55 9.47 7.25
C SER A 19 1.37 10.70 6.36
N ASN A 20 2.28 11.64 6.48
CA ASN A 20 2.23 12.86 5.68
C ASN A 20 2.31 12.55 4.18
N PHE A 21 1.16 12.60 3.52
CA PHE A 21 1.09 12.32 2.09
C PHE A 21 0.61 13.54 1.31
N ASP A 22 1.51 14.14 0.54
CA ASP A 22 1.17 15.31 -0.26
C ASP A 22 1.30 15.01 -1.75
N ILE A 23 0.17 14.86 -2.41
CA ILE A 23 0.14 14.58 -3.84
C ILE A 23 0.94 15.62 -4.61
N ALA A 24 1.02 16.82 -4.07
CA ALA A 24 1.76 17.91 -4.72
C ALA A 24 3.24 17.60 -4.79
N SER A 25 3.78 17.05 -3.70
CA SER A 25 5.20 16.71 -3.65
C SER A 25 5.54 15.64 -4.67
N VAL A 26 4.59 14.74 -4.92
CA VAL A 26 4.79 13.67 -5.89
C VAL A 26 4.84 14.21 -7.32
N ALA A 27 4.00 15.20 -7.59
CA ALA A 27 3.95 15.81 -8.92
C ALA A 27 5.25 16.56 -9.23
N GLN A 28 5.68 17.39 -8.29
CA GLN A 28 6.91 18.17 -8.46
C GLN A 28 8.12 17.24 -8.63
N HIS A 29 8.11 16.14 -7.90
CA HIS A 29 9.21 15.18 -7.95
C HIS A 29 9.39 14.66 -9.38
N VAL A 30 8.28 14.51 -10.10
CA VAL A 30 8.33 14.03 -11.47
C VAL A 30 8.28 15.19 -12.46
N CYS A 31 8.56 16.38 -11.98
CA CYS A 31 8.56 17.57 -12.83
C CYS A 31 7.26 17.69 -13.60
N LEU A 32 6.16 17.33 -12.95
CA LEU A 32 4.84 17.39 -13.59
C LEU A 32 3.78 17.88 -12.60
N SER A 33 2.65 18.31 -13.13
CA SER A 33 1.55 18.81 -12.31
C SER A 33 0.73 17.65 -11.74
N PRO A 34 -0.03 17.94 -10.66
CA PRO A 34 -0.87 16.94 -10.00
C PRO A 34 -2.06 16.54 -10.85
N SER A 35 -2.65 17.51 -11.54
CA SER A 35 -3.80 17.26 -12.40
C SER A 35 -3.44 16.33 -13.55
N ARG A 36 -2.32 16.63 -14.20
CA ARG A 36 -1.85 15.83 -15.33
C ARG A 36 -1.31 14.48 -14.86
N LEU A 37 -0.52 14.52 -13.79
CA LEU A 37 0.07 13.30 -13.24
C LEU A 37 -1.02 12.36 -12.75
N SER A 38 -2.01 12.90 -12.06
CA SER A 38 -3.11 12.09 -11.53
C SER A 38 -3.87 11.40 -12.66
N HIS A 39 -4.03 12.11 -13.77
CA HIS A 39 -4.74 11.56 -14.93
C HIS A 39 -4.03 10.30 -15.45
N LEU A 40 -2.71 10.40 -15.62
CA LEU A 40 -1.93 9.28 -16.11
C LEU A 40 -1.82 8.19 -15.05
N PHE A 41 -1.81 8.60 -13.79
CA PHE A 41 -1.71 7.66 -12.68
C PHE A 41 -2.96 6.79 -12.58
N ARG A 42 -4.11 7.43 -12.55
CA ARG A 42 -5.38 6.71 -12.46
C ARG A 42 -5.68 5.98 -13.77
N GLN A 43 -5.16 6.50 -14.87
CA GLN A 43 -5.36 5.89 -16.18
C GLN A 43 -4.47 4.67 -16.36
N GLN A 44 -3.22 4.78 -15.93
CA GLN A 44 -2.27 3.68 -16.04
C GLN A 44 -2.47 2.66 -14.94
N LEU A 45 -2.77 3.15 -13.73
CA LEU A 45 -2.99 2.28 -12.58
C LEU A 45 -4.45 1.87 -12.49
N GLY A 46 -5.31 2.59 -13.19
CA GLY A 46 -6.73 2.28 -13.17
C GLY A 46 -7.35 2.51 -11.81
N ILE A 47 -6.61 3.15 -10.92
CA ILE A 47 -7.10 3.43 -9.58
C ILE A 47 -6.48 4.72 -9.03
N SER A 48 -7.05 5.22 -7.93
CA SER A 48 -6.56 6.44 -7.30
C SER A 48 -5.29 6.18 -6.50
N VAL A 49 -4.52 7.23 -6.26
CA VAL A 49 -3.28 7.11 -5.50
C VAL A 49 -3.53 6.43 -4.16
N LEU A 50 -4.62 6.80 -3.50
CA LEU A 50 -4.97 6.23 -2.20
C LEU A 50 -5.20 4.73 -2.31
N SER A 51 -5.74 4.30 -3.46
CA SER A 51 -6.01 2.89 -3.69
C SER A 51 -4.72 2.12 -3.92
N TRP A 52 -3.88 2.64 -4.80
CA TRP A 52 -2.60 2.00 -5.11
C TRP A 52 -1.68 1.99 -3.90
N ARG A 53 -1.61 3.12 -3.21
CA ARG A 53 -0.76 3.24 -2.02
C ARG A 53 -1.15 2.20 -0.97
N GLU A 54 -2.45 2.09 -0.71
CA GLU A 54 -2.94 1.14 0.29
C GLU A 54 -2.71 -0.29 -0.18
N ASP A 55 -2.89 -0.53 -1.47
CA ASP A 55 -2.69 -1.85 -2.05
C ASP A 55 -1.31 -2.39 -1.71
N GLN A 56 -0.33 -1.51 -1.68
CA GLN A 56 1.04 -1.90 -1.37
C GLN A 56 1.18 -2.28 0.10
N ARG A 57 0.42 -1.61 0.95
CA ARG A 57 0.47 -1.88 2.39
C ARG A 57 0.04 -3.31 2.68
N ILE A 58 -1.06 -3.74 2.07
CA ILE A 58 -1.56 -5.09 2.27
C ILE A 58 -0.70 -6.11 1.54
N SER A 59 -0.32 -5.79 0.31
CA SER A 59 0.50 -6.68 -0.50
C SER A 59 1.86 -6.91 0.15
N GLN A 60 2.40 -5.87 0.77
CA GLN A 60 3.69 -5.95 1.44
C GLN A 60 3.59 -6.78 2.72
N ALA A 61 2.53 -6.52 3.50
CA ALA A 61 2.32 -7.24 4.75
C ALA A 61 2.01 -8.72 4.49
N LYS A 62 1.13 -8.96 3.53
CA LYS A 62 0.74 -10.33 3.18
C LYS A 62 1.91 -11.07 2.54
N LEU A 63 2.74 -10.34 1.81
CA LEU A 63 3.90 -10.94 1.15
C LEU A 63 4.89 -11.49 2.18
N LEU A 64 5.27 -10.65 3.12
CA LEU A 64 6.21 -11.05 4.16
C LEU A 64 5.56 -12.01 5.15
N LEU A 65 4.29 -11.76 5.45
CA LEU A 65 3.54 -12.61 6.38
C LEU A 65 3.47 -14.04 5.87
N SER A 66 3.50 -14.20 4.56
CA SER A 66 3.44 -15.52 3.93
C SER A 66 4.77 -16.25 4.09
N THR A 67 5.85 -15.49 4.20
CA THR A 67 7.17 -16.07 4.35
C THR A 67 7.69 -15.90 5.77
N THR A 68 6.83 -15.41 6.66
CA THR A 68 7.20 -15.20 8.05
C THR A 68 6.13 -15.76 8.99
N ARG A 69 6.56 -16.16 10.18
CA ARG A 69 5.63 -16.71 11.17
C ARG A 69 5.46 -15.74 12.35
N MET A 70 5.82 -14.49 12.12
CA MET A 70 5.70 -13.46 13.16
C MET A 70 4.23 -13.17 13.46
N PRO A 71 3.98 -12.61 14.66
CA PRO A 71 2.63 -12.27 15.10
C PRO A 71 2.04 -11.10 14.32
N ILE A 72 0.72 -11.05 14.22
CA ILE A 72 0.04 -9.99 13.50
C ILE A 72 0.43 -8.62 14.05
N ALA A 73 0.74 -8.56 15.34
CA ALA A 73 1.14 -7.32 15.99
C ALA A 73 2.48 -6.84 15.46
N THR A 74 3.45 -7.74 15.39
CA THR A 74 4.78 -7.40 14.91
C THR A 74 4.77 -7.14 13.40
N VAL A 75 4.05 -7.98 12.67
CA VAL A 75 3.96 -7.84 11.22
C VAL A 75 3.44 -6.46 10.84
N GLY A 76 2.47 -5.96 11.59
CA GLY A 76 1.91 -4.65 11.32
C GLY A 76 2.95 -3.55 11.34
N ARG A 77 3.88 -3.65 12.30
CA ARG A 77 4.94 -2.66 12.42
C ARG A 77 5.72 -2.52 11.12
N ASN A 78 5.86 -3.64 10.41
CA ASN A 78 6.58 -3.65 9.14
C ASN A 78 5.87 -2.80 8.09
N VAL A 79 4.58 -2.59 8.29
CA VAL A 79 3.78 -1.80 7.36
C VAL A 79 3.32 -0.49 8.00
N GLY A 80 3.93 -0.16 9.14
CA GLY A 80 3.57 1.07 9.83
C GLY A 80 2.31 0.92 10.64
N PHE A 81 1.72 -0.27 10.61
CA PHE A 81 0.49 -0.53 11.35
C PHE A 81 0.80 -0.97 12.78
N ASP A 82 0.36 -0.16 13.74
CA ASP A 82 0.59 -0.46 15.15
C ASP A 82 -0.57 -1.24 15.73
N ASP A 83 -1.77 -1.00 15.22
CA ASP A 83 -2.97 -1.69 15.69
C ASP A 83 -3.19 -2.98 14.90
N GLN A 84 -3.17 -4.11 15.60
CA GLN A 84 -3.37 -5.41 14.97
C GLN A 84 -4.76 -5.50 14.36
N LEU A 85 -5.74 -4.91 15.03
CA LEU A 85 -7.12 -4.93 14.56
C LEU A 85 -7.27 -4.11 13.29
N TYR A 86 -6.48 -3.04 13.19
CA TYR A 86 -6.53 -2.16 12.02
C TYR A 86 -6.09 -2.91 10.76
N PHE A 87 -4.96 -3.61 10.86
CA PHE A 87 -4.44 -4.37 9.73
C PHE A 87 -5.36 -5.53 9.38
N SER A 88 -5.83 -6.24 10.40
CA SER A 88 -6.72 -7.38 10.20
C SER A 88 -8.05 -6.93 9.61
N ARG A 89 -8.54 -5.78 10.07
CA ARG A 89 -9.80 -5.24 9.60
C ARG A 89 -9.74 -4.95 8.10
N VAL A 90 -8.71 -4.22 7.69
CA VAL A 90 -8.53 -3.88 6.29
C VAL A 90 -8.16 -5.09 5.46
N PHE A 91 -7.22 -5.89 5.97
CA PHE A 91 -6.77 -7.09 5.28
C PHE A 91 -7.92 -8.07 5.09
N LYS A 92 -8.80 -8.14 6.09
CA LYS A 92 -9.95 -9.04 6.03
C LYS A 92 -10.81 -8.75 4.82
N LYS A 93 -11.13 -7.48 4.61
CA LYS A 93 -11.94 -7.06 3.46
C LYS A 93 -11.13 -7.08 2.18
N CYS A 94 -9.81 -6.93 2.31
CA CYS A 94 -8.92 -6.93 1.16
C CYS A 94 -9.07 -8.22 0.36
N THR A 95 -8.99 -9.34 1.06
CA THR A 95 -9.11 -10.65 0.41
C THR A 95 -10.44 -11.31 0.73
N GLY A 96 -11.18 -10.72 1.67
CA GLY A 96 -12.47 -11.26 2.06
C GLY A 96 -12.38 -12.15 3.28
N ALA A 97 -11.15 -12.45 3.71
CA ALA A 97 -10.94 -13.29 4.88
C ALA A 97 -9.83 -12.73 5.76
N SER A 98 -9.95 -12.96 7.06
CA SER A 98 -8.96 -12.48 8.02
C SER A 98 -7.61 -13.15 7.80
N PRO A 99 -6.54 -12.55 8.34
CA PRO A 99 -5.18 -13.07 8.22
C PRO A 99 -4.98 -14.37 9.01
N SER A 100 -5.68 -14.48 10.13
CA SER A 100 -5.58 -15.67 10.97
C SER A 100 -6.16 -16.89 10.27
N GLU A 101 -7.20 -16.67 9.47
CA GLU A 101 -7.84 -17.76 8.73
C GLU A 101 -6.98 -18.21 7.56
N PHE A 102 -6.50 -17.23 6.78
CA PHE A 102 -5.67 -17.53 5.62
C PHE A 102 -4.41 -18.27 6.03
N ARG A 103 -3.75 -17.78 7.08
CA ARG A 103 -2.52 -18.40 7.58
C ARG A 103 -2.81 -19.77 8.17
N ALA A 104 -4.02 -19.93 8.73
CA ALA A 104 -4.41 -21.19 9.35
C ALA A 104 -4.48 -22.31 8.30
N GLY A 105 -4.77 -21.93 7.06
CA GLY A 105 -4.86 -22.91 5.99
C GLY A 105 -6.27 -23.42 5.80
N CYS A 106 -7.16 -23.06 6.71
CA CYS A 106 -8.56 -23.49 6.63
C CYS A 106 -9.36 -22.56 5.72
N GLU A 107 -10.20 -23.16 4.89
CA GLU A 107 -11.03 -22.38 3.96
C GLU A 107 -12.26 -23.17 3.54
N MET A 1 3.31 0.28 -18.22
CA MET A 1 3.29 1.41 -17.31
C MET A 1 4.27 2.49 -17.76
N ASP A 2 3.90 3.74 -17.50
CA ASP A 2 4.75 4.87 -17.87
C ASP A 2 5.89 5.05 -16.87
N ASN A 3 7.03 5.52 -17.37
CA ASN A 3 8.19 5.73 -16.52
C ASN A 3 7.89 6.76 -15.43
N ARG A 4 7.25 7.86 -15.82
CA ARG A 4 6.90 8.91 -14.87
C ARG A 4 6.00 8.36 -13.76
N VAL A 5 4.95 7.65 -14.15
CA VAL A 5 4.02 7.06 -13.19
C VAL A 5 4.70 6.03 -12.32
N ARG A 6 5.60 5.25 -12.91
CA ARG A 6 6.32 4.21 -12.19
C ARG A 6 7.29 4.82 -11.19
N GLU A 7 7.87 5.97 -11.56
CA GLU A 7 8.81 6.65 -10.68
C GLU A 7 8.15 7.09 -9.39
N ALA A 8 6.89 7.52 -9.49
CA ALA A 8 6.14 7.95 -8.32
C ALA A 8 6.04 6.85 -7.28
N CYS A 9 5.90 5.61 -7.75
CA CYS A 9 5.79 4.47 -6.87
C CYS A 9 7.02 4.33 -5.98
N GLN A 10 8.18 4.70 -6.53
CA GLN A 10 9.43 4.63 -5.79
C GLN A 10 9.41 5.54 -4.58
N TYR A 11 8.90 6.75 -4.77
CA TYR A 11 8.81 7.73 -3.69
C TYR A 11 7.79 7.31 -2.66
N ILE A 12 6.61 6.92 -3.12
CA ILE A 12 5.54 6.50 -2.23
C ILE A 12 5.95 5.27 -1.42
N SER A 13 6.68 4.36 -2.06
CA SER A 13 7.14 3.15 -1.41
C SER A 13 8.02 3.48 -0.21
N ASP A 14 8.91 4.46 -0.39
CA ASP A 14 9.81 4.87 0.68
C ASP A 14 9.04 5.52 1.82
N HIS A 15 7.99 6.26 1.48
CA HIS A 15 7.17 6.93 2.47
C HIS A 15 5.97 6.08 2.87
N LEU A 16 6.05 4.79 2.57
CA LEU A 16 4.97 3.86 2.89
C LEU A 16 4.71 3.83 4.39
N ALA A 17 5.75 4.09 5.18
CA ALA A 17 5.63 4.10 6.62
C ALA A 17 5.34 5.50 7.15
N ASP A 18 5.67 6.51 6.35
CA ASP A 18 5.44 7.89 6.73
C ASP A 18 3.96 8.17 6.94
N SER A 19 3.65 9.01 7.92
CA SER A 19 2.27 9.36 8.22
C SER A 19 1.79 10.53 7.37
N ASN A 20 2.58 11.61 7.38
CA ASN A 20 2.24 12.80 6.60
C ASN A 20 2.64 12.63 5.14
N PHE A 21 1.67 12.28 4.31
CA PHE A 21 1.92 12.09 2.88
C PHE A 21 1.43 13.28 2.07
N ASP A 22 2.30 13.80 1.21
CA ASP A 22 1.95 14.95 0.37
C ASP A 22 1.96 14.56 -1.11
N ILE A 23 0.81 14.73 -1.76
CA ILE A 23 0.69 14.41 -3.17
C ILE A 23 1.62 15.28 -4.02
N ALA A 24 1.89 16.47 -3.53
CA ALA A 24 2.77 17.41 -4.24
C ALA A 24 4.15 16.80 -4.46
N SER A 25 4.67 16.12 -3.44
CA SER A 25 5.98 15.50 -3.52
C SER A 25 6.01 14.41 -4.60
N VAL A 26 4.86 13.79 -4.82
CA VAL A 26 4.76 12.74 -5.83
C VAL A 26 4.93 13.30 -7.23
N ALA A 27 4.21 14.38 -7.53
CA ALA A 27 4.30 15.02 -8.83
C ALA A 27 5.67 15.65 -9.05
N GLN A 28 6.18 16.29 -8.01
CA GLN A 28 7.49 16.94 -8.09
C GLN A 28 8.59 15.92 -8.37
N HIS A 29 8.46 14.74 -7.77
CA HIS A 29 9.44 13.67 -7.94
C HIS A 29 9.59 13.31 -9.42
N VAL A 30 8.49 13.38 -10.16
CA VAL A 30 8.49 13.06 -11.58
C VAL A 30 8.63 14.33 -12.43
N CYS A 31 9.05 15.41 -11.79
CA CYS A 31 9.23 16.68 -12.48
C CYS A 31 7.98 17.05 -13.26
N LEU A 32 6.81 16.77 -12.68
CA LEU A 32 5.54 17.07 -13.33
C LEU A 32 4.52 17.57 -12.31
N SER A 33 3.46 18.18 -12.80
CA SER A 33 2.41 18.71 -11.94
C SER A 33 1.58 17.58 -11.33
N PRO A 34 0.89 17.89 -10.22
CA PRO A 34 0.05 16.91 -9.52
C PRO A 34 -1.19 16.54 -10.32
N SER A 35 -1.80 17.53 -10.96
CA SER A 35 -3.00 17.30 -11.76
C SER A 35 -2.69 16.45 -12.99
N ARG A 36 -1.61 16.80 -13.69
CA ARG A 36 -1.21 16.08 -14.88
C ARG A 36 -0.82 14.64 -14.54
N LEU A 37 -0.06 14.48 -13.47
CA LEU A 37 0.39 13.16 -13.03
C LEU A 37 -0.79 12.34 -12.52
N SER A 38 -1.64 12.97 -11.71
CA SER A 38 -2.79 12.30 -11.14
C SER A 38 -3.73 11.80 -12.24
N HIS A 39 -3.87 12.60 -13.29
CA HIS A 39 -4.73 12.25 -14.41
C HIS A 39 -4.28 10.94 -15.05
N LEU A 40 -2.99 10.84 -15.34
CA LEU A 40 -2.43 9.64 -15.95
C LEU A 40 -2.39 8.49 -14.95
N PHE A 41 -2.19 8.82 -13.68
CA PHE A 41 -2.13 7.82 -12.63
C PHE A 41 -3.45 7.05 -12.54
N ARG A 42 -4.55 7.80 -12.46
CA ARG A 42 -5.87 7.19 -12.36
C ARG A 42 -6.23 6.44 -13.64
N GLN A 43 -5.64 6.86 -14.76
CA GLN A 43 -5.89 6.22 -16.04
C GLN A 43 -5.09 4.92 -16.16
N GLN A 44 -3.85 4.94 -15.71
CA GLN A 44 -2.98 3.77 -15.76
C GLN A 44 -3.30 2.80 -14.64
N LEU A 45 -3.56 3.34 -13.45
CA LEU A 45 -3.88 2.54 -12.28
C LEU A 45 -5.38 2.25 -12.20
N GLY A 46 -6.16 3.04 -12.94
CA GLY A 46 -7.61 2.86 -12.95
C GLY A 46 -8.24 3.21 -11.61
N ILE A 47 -7.44 3.78 -10.72
CA ILE A 47 -7.93 4.17 -9.40
C ILE A 47 -7.16 5.37 -8.87
N SER A 48 -7.61 5.89 -7.72
CA SER A 48 -6.98 7.05 -7.10
C SER A 48 -5.68 6.64 -6.39
N VAL A 49 -4.76 7.59 -6.27
CA VAL A 49 -3.49 7.34 -5.61
C VAL A 49 -3.69 6.77 -4.21
N LEU A 50 -4.66 7.33 -3.49
CA LEU A 50 -4.97 6.88 -2.14
C LEU A 50 -5.40 5.42 -2.14
N SER A 51 -6.12 5.01 -3.18
CA SER A 51 -6.61 3.64 -3.30
C SER A 51 -5.46 2.69 -3.62
N TRP A 52 -4.65 3.07 -4.62
CA TRP A 52 -3.52 2.25 -5.03
C TRP A 52 -2.54 2.05 -3.88
N ARG A 53 -2.32 3.12 -3.11
CA ARG A 53 -1.40 3.05 -1.98
C ARG A 53 -1.84 1.98 -0.98
N GLU A 54 -3.12 1.98 -0.66
CA GLU A 54 -3.68 1.01 0.28
C GLU A 54 -3.59 -0.41 -0.28
N ASP A 55 -3.96 -0.56 -1.55
CA ASP A 55 -3.92 -1.86 -2.20
C ASP A 55 -2.53 -2.47 -2.11
N GLN A 56 -1.50 -1.65 -2.32
CA GLN A 56 -0.13 -2.11 -2.27
C GLN A 56 0.26 -2.51 -0.84
N ARG A 57 -0.24 -1.76 0.14
CA ARG A 57 0.05 -2.03 1.54
C ARG A 57 -0.40 -3.44 1.92
N ILE A 58 -1.57 -3.84 1.44
CA ILE A 58 -2.11 -5.15 1.73
C ILE A 58 -1.26 -6.24 1.11
N SER A 59 -0.87 -6.04 -0.15
CA SER A 59 -0.06 -7.01 -0.87
C SER A 59 1.34 -7.11 -0.26
N GLN A 60 1.85 -5.97 0.21
CA GLN A 60 3.18 -5.93 0.82
C GLN A 60 3.20 -6.69 2.13
N ALA A 61 2.17 -6.50 2.94
CA ALA A 61 2.06 -7.18 4.22
C ALA A 61 2.13 -8.69 4.05
N LYS A 62 1.50 -9.19 3.00
CA LYS A 62 1.49 -10.63 2.72
C LYS A 62 2.91 -11.14 2.50
N LEU A 63 3.72 -10.36 1.81
CA LEU A 63 5.10 -10.75 1.53
C LEU A 63 5.89 -10.90 2.83
N LEU A 64 5.72 -9.96 3.75
CA LEU A 64 6.41 -10.00 5.03
C LEU A 64 5.88 -11.13 5.91
N LEU A 65 4.56 -11.27 5.95
CA LEU A 65 3.92 -12.31 6.75
C LEU A 65 4.22 -13.69 6.18
N SER A 66 4.51 -13.74 4.88
CA SER A 66 4.82 -15.01 4.21
C SER A 66 6.32 -15.28 4.25
N THR A 67 7.10 -14.22 4.33
CA THR A 67 8.56 -14.35 4.37
C THR A 67 9.07 -14.35 5.81
N THR A 68 8.20 -13.98 6.75
CA THR A 68 8.57 -13.96 8.16
C THR A 68 7.52 -14.65 9.01
N ARG A 69 7.81 -14.80 10.30
CA ARG A 69 6.90 -15.45 11.22
C ARG A 69 6.47 -14.49 12.33
N MET A 70 6.65 -13.20 12.08
CA MET A 70 6.28 -12.17 13.06
C MET A 70 4.77 -12.14 13.27
N PRO A 71 4.34 -11.66 14.44
CA PRO A 71 2.92 -11.55 14.79
C PRO A 71 2.20 -10.50 13.96
N ILE A 72 0.87 -10.52 14.01
CA ILE A 72 0.05 -9.56 13.27
C ILE A 72 0.31 -8.14 13.77
N ALA A 73 0.62 -8.02 15.05
CA ALA A 73 0.89 -6.71 15.66
C ALA A 73 2.16 -6.09 15.07
N THR A 74 3.22 -6.88 15.00
CA THR A 74 4.50 -6.41 14.47
C THR A 74 4.39 -6.12 12.97
N VAL A 75 3.78 -7.04 12.24
CA VAL A 75 3.61 -6.87 10.79
C VAL A 75 2.88 -5.58 10.48
N GLY A 76 1.87 -5.25 11.27
CA GLY A 76 1.11 -4.03 11.05
C GLY A 76 1.99 -2.80 11.04
N ARG A 77 2.91 -2.72 11.99
CA ARG A 77 3.82 -1.58 12.09
C ARG A 77 4.60 -1.40 10.79
N ASN A 78 4.92 -2.51 10.13
CA ASN A 78 5.67 -2.48 8.89
C ASN A 78 4.88 -1.74 7.80
N VAL A 79 3.56 -1.84 7.86
CA VAL A 79 2.70 -1.18 6.90
C VAL A 79 2.15 0.13 7.44
N GLY A 80 2.78 0.63 8.49
CA GLY A 80 2.35 1.89 9.09
C GLY A 80 1.09 1.72 9.93
N PHE A 81 0.62 0.48 10.04
CA PHE A 81 -0.58 0.18 10.81
C PHE A 81 -0.25 0.07 12.31
N ASP A 82 -0.82 0.96 13.10
CA ASP A 82 -0.60 0.96 14.53
C ASP A 82 -1.52 -0.03 15.24
N ASP A 83 -2.72 -0.22 14.68
CA ASP A 83 -3.69 -1.15 15.24
C ASP A 83 -3.63 -2.49 14.54
N GLN A 84 -3.32 -3.54 15.29
CA GLN A 84 -3.24 -4.89 14.74
C GLN A 84 -4.59 -5.34 14.19
N LEU A 85 -5.65 -5.02 14.92
CA LEU A 85 -7.00 -5.39 14.51
C LEU A 85 -7.41 -4.66 13.24
N TYR A 86 -6.90 -3.44 13.09
CA TYR A 86 -7.22 -2.62 11.91
C TYR A 86 -6.77 -3.32 10.63
N PHE A 87 -5.53 -3.82 10.64
CA PHE A 87 -4.98 -4.51 9.49
C PHE A 87 -5.79 -5.75 9.15
N SER A 88 -6.10 -6.54 10.18
CA SER A 88 -6.87 -7.76 9.99
C SER A 88 -8.29 -7.44 9.52
N ARG A 89 -8.84 -6.35 10.03
CA ARG A 89 -10.19 -5.94 9.67
C ARG A 89 -10.28 -5.61 8.18
N VAL A 90 -9.37 -4.75 7.71
CA VAL A 90 -9.34 -4.35 6.32
C VAL A 90 -8.87 -5.49 5.43
N PHE A 91 -7.87 -6.22 5.90
CA PHE A 91 -7.33 -7.35 5.15
C PHE A 91 -8.36 -8.47 5.01
N LYS A 92 -9.16 -8.66 6.05
CA LYS A 92 -10.19 -9.69 6.06
C LYS A 92 -11.15 -9.50 4.89
N LYS A 93 -11.63 -8.27 4.71
CA LYS A 93 -12.56 -7.96 3.63
C LYS A 93 -11.82 -7.86 2.30
N CYS A 94 -10.52 -7.55 2.36
CA CYS A 94 -9.72 -7.43 1.16
C CYS A 94 -9.77 -8.71 0.33
N THR A 95 -9.55 -9.84 0.98
CA THR A 95 -9.57 -11.13 0.31
C THR A 95 -10.80 -11.95 0.72
N GLY A 96 -11.50 -11.47 1.74
CA GLY A 96 -12.68 -12.17 2.22
C GLY A 96 -12.38 -13.08 3.40
N ALA A 97 -11.11 -13.20 3.74
CA ALA A 97 -10.69 -14.05 4.85
C ALA A 97 -9.61 -13.36 5.69
N SER A 98 -9.61 -13.66 6.98
CA SER A 98 -8.64 -13.07 7.89
C SER A 98 -7.22 -13.53 7.56
N PRO A 99 -6.22 -12.80 8.06
CA PRO A 99 -4.81 -13.11 7.82
C PRO A 99 -4.36 -14.39 8.54
N SER A 100 -4.94 -14.63 9.71
CA SER A 100 -4.61 -15.82 10.50
C SER A 100 -5.07 -17.08 9.79
N GLU A 101 -6.20 -16.99 9.08
CA GLU A 101 -6.76 -18.13 8.35
C GLU A 101 -5.93 -18.43 7.10
N PHE A 102 -5.65 -17.38 6.33
CA PHE A 102 -4.87 -17.52 5.11
C PHE A 102 -3.50 -18.13 5.39
N ARG A 103 -2.87 -17.65 6.45
CA ARG A 103 -1.54 -18.13 6.84
C ARG A 103 -1.61 -19.59 7.29
N ALA A 104 -2.70 -19.94 7.97
CA ALA A 104 -2.89 -21.30 8.45
C ALA A 104 -3.02 -22.28 7.30
N GLY A 105 -3.61 -21.82 6.20
CA GLY A 105 -3.79 -22.68 5.04
C GLY A 105 -5.07 -23.49 5.10
N CYS A 106 -5.73 -23.45 6.25
CA CYS A 106 -6.98 -24.19 6.43
C CYS A 106 -8.11 -23.53 5.64
N GLU A 107 -8.83 -24.35 4.88
CA GLU A 107 -9.95 -23.86 4.08
C GLU A 107 -11.04 -23.27 4.96
N MET A 1 4.06 1.97 -18.76
CA MET A 1 4.43 2.69 -17.54
C MET A 1 5.26 3.93 -17.88
N ASP A 2 4.85 5.07 -17.35
CA ASP A 2 5.56 6.33 -17.59
C ASP A 2 6.81 6.42 -16.72
N ASN A 3 7.86 7.02 -17.26
CA ASN A 3 9.11 7.18 -16.53
C ASN A 3 8.91 7.99 -15.25
N ARG A 4 8.08 9.03 -15.35
CA ARG A 4 7.79 9.89 -14.21
C ARG A 4 7.08 9.11 -13.12
N VAL A 5 6.07 8.34 -13.50
CA VAL A 5 5.30 7.55 -12.55
C VAL A 5 6.21 6.59 -11.77
N ARG A 6 7.19 6.03 -12.47
CA ARG A 6 8.12 5.09 -11.85
C ARG A 6 8.80 5.73 -10.63
N GLU A 7 9.25 6.97 -10.80
CA GLU A 7 9.91 7.70 -9.71
C GLU A 7 8.94 7.95 -8.56
N ALA A 8 7.68 8.19 -8.89
CA ALA A 8 6.66 8.45 -7.87
C ALA A 8 6.55 7.27 -6.91
N CYS A 9 6.71 6.06 -7.43
CA CYS A 9 6.61 4.86 -6.61
C CYS A 9 7.67 4.88 -5.51
N GLN A 10 8.83 5.44 -5.82
CA GLN A 10 9.92 5.52 -4.85
C GLN A 10 9.52 6.35 -3.64
N TYR A 11 8.94 7.51 -3.90
CA TYR A 11 8.51 8.41 -2.82
C TYR A 11 7.33 7.82 -2.07
N ILE A 12 6.33 7.34 -2.82
CA ILE A 12 5.14 6.75 -2.20
C ILE A 12 5.50 5.53 -1.37
N SER A 13 6.45 4.75 -1.86
CA SER A 13 6.89 3.55 -1.15
C SER A 13 7.57 3.91 0.16
N ASP A 14 8.45 4.90 0.12
CA ASP A 14 9.18 5.34 1.31
C ASP A 14 8.22 5.97 2.31
N HIS A 15 7.25 6.72 1.82
CA HIS A 15 6.27 7.38 2.69
C HIS A 15 5.01 6.53 2.83
N LEU A 16 5.14 5.25 2.48
CA LEU A 16 4.00 4.33 2.57
C LEU A 16 3.52 4.19 4.02
N ALA A 17 4.42 4.44 4.96
CA ALA A 17 4.08 4.35 6.37
C ALA A 17 3.61 5.70 6.92
N ASP A 18 3.98 6.77 6.22
CA ASP A 18 3.59 8.12 6.62
C ASP A 18 2.08 8.28 6.61
N SER A 19 1.54 8.95 7.62
CA SER A 19 0.10 9.17 7.72
C SER A 19 -0.33 10.33 6.81
N ASN A 20 0.35 11.46 6.95
CA ASN A 20 0.03 12.63 6.14
C ASN A 20 0.62 12.51 4.74
N PHE A 21 -0.25 12.28 3.76
CA PHE A 21 0.18 12.14 2.37
C PHE A 21 -0.38 13.28 1.52
N ASP A 22 0.52 13.96 0.81
CA ASP A 22 0.12 15.07 -0.05
C ASP A 22 0.43 14.75 -1.51
N ILE A 23 -0.63 14.61 -2.32
CA ILE A 23 -0.47 14.31 -3.72
C ILE A 23 0.42 15.35 -4.42
N ALA A 24 0.43 16.57 -3.89
CA ALA A 24 1.24 17.63 -4.44
C ALA A 24 2.72 17.27 -4.41
N SER A 25 3.16 16.69 -3.30
CA SER A 25 4.55 16.30 -3.14
C SER A 25 4.95 15.24 -4.17
N VAL A 26 3.98 14.43 -4.57
CA VAL A 26 4.21 13.38 -5.54
C VAL A 26 4.47 13.96 -6.93
N ALA A 27 3.72 15.00 -7.27
CA ALA A 27 3.86 15.65 -8.57
C ALA A 27 5.22 16.35 -8.68
N GLN A 28 5.56 17.14 -7.66
CA GLN A 28 6.82 17.86 -7.66
C GLN A 28 8.01 16.88 -7.68
N HIS A 29 7.86 15.76 -6.99
CA HIS A 29 8.91 14.76 -6.93
C HIS A 29 9.28 14.27 -8.33
N VAL A 30 8.28 14.21 -9.20
CA VAL A 30 8.50 13.76 -10.57
C VAL A 30 8.61 14.95 -11.53
N CYS A 31 8.86 16.13 -10.97
CA CYS A 31 8.99 17.34 -11.78
C CYS A 31 7.79 17.50 -12.70
N LEU A 32 6.61 17.12 -12.21
CA LEU A 32 5.39 17.22 -13.00
C LEU A 32 4.25 17.76 -12.15
N SER A 33 3.18 18.21 -12.82
CA SER A 33 2.02 18.76 -12.12
C SER A 33 1.13 17.64 -11.59
N PRO A 34 0.28 17.97 -10.61
CA PRO A 34 -0.64 17.01 -9.99
C PRO A 34 -1.76 16.60 -10.95
N SER A 35 -2.27 17.57 -11.71
CA SER A 35 -3.34 17.29 -12.66
C SER A 35 -2.85 16.40 -13.80
N ARG A 36 -1.67 16.71 -14.31
CA ARG A 36 -1.08 15.94 -15.42
C ARG A 36 -0.60 14.58 -14.92
N LEU A 37 0.07 14.57 -13.78
CA LEU A 37 0.58 13.33 -13.21
C LEU A 37 -0.57 12.39 -12.83
N SER A 38 -1.60 12.94 -12.21
CA SER A 38 -2.75 12.15 -11.79
C SER A 38 -3.42 11.49 -13.00
N HIS A 39 -3.47 12.22 -14.12
CA HIS A 39 -4.08 11.70 -15.34
C HIS A 39 -3.36 10.44 -15.80
N LEU A 40 -2.03 10.50 -15.87
CA LEU A 40 -1.24 9.36 -16.30
C LEU A 40 -1.23 8.26 -15.23
N PHE A 41 -1.31 8.66 -13.97
CA PHE A 41 -1.33 7.71 -12.86
C PHE A 41 -2.60 6.87 -12.88
N ARG A 42 -3.74 7.54 -12.95
CA ARG A 42 -5.03 6.86 -12.97
C ARG A 42 -5.24 6.13 -14.30
N GLN A 43 -4.60 6.65 -15.35
CA GLN A 43 -4.72 6.05 -16.67
C GLN A 43 -3.85 4.80 -16.78
N GLN A 44 -2.64 4.88 -16.25
CA GLN A 44 -1.71 3.76 -16.29
C GLN A 44 -2.03 2.74 -15.21
N LEU A 45 -2.40 3.23 -14.03
CA LEU A 45 -2.74 2.37 -12.90
C LEU A 45 -4.21 2.00 -12.93
N GLY A 46 -5.00 2.75 -13.69
CA GLY A 46 -6.42 2.48 -13.79
C GLY A 46 -7.15 2.74 -12.48
N ILE A 47 -6.45 3.34 -11.53
CA ILE A 47 -7.04 3.64 -10.23
C ILE A 47 -6.41 4.89 -9.61
N SER A 48 -6.99 5.36 -8.52
CA SER A 48 -6.49 6.55 -7.84
C SER A 48 -5.25 6.21 -7.02
N VAL A 49 -4.40 7.22 -6.79
CA VAL A 49 -3.18 7.03 -6.02
C VAL A 49 -3.48 6.43 -4.66
N LEU A 50 -4.52 6.93 -4.00
CA LEU A 50 -4.91 6.43 -2.69
C LEU A 50 -5.29 4.96 -2.75
N SER A 51 -5.92 4.56 -3.86
CA SER A 51 -6.33 3.18 -4.04
C SER A 51 -5.14 2.28 -4.32
N TRP A 52 -4.25 2.74 -5.19
CA TRP A 52 -3.06 1.98 -5.55
C TRP A 52 -2.20 1.71 -4.32
N ARG A 53 -2.07 2.71 -3.45
CA ARG A 53 -1.28 2.57 -2.24
C ARG A 53 -1.80 1.43 -1.38
N GLU A 54 -3.11 1.38 -1.19
CA GLU A 54 -3.74 0.33 -0.38
C GLU A 54 -3.39 -1.05 -0.93
N ASP A 55 -3.52 -1.21 -2.24
CA ASP A 55 -3.23 -2.48 -2.88
C ASP A 55 -1.82 -2.94 -2.56
N GLN A 56 -0.87 -2.00 -2.57
CA GLN A 56 0.52 -2.31 -2.27
C GLN A 56 0.70 -2.66 -0.80
N ARG A 57 0.03 -1.91 0.07
CA ARG A 57 0.12 -2.13 1.51
C ARG A 57 -0.31 -3.55 1.85
N ILE A 58 -1.44 -3.98 1.29
CA ILE A 58 -1.97 -5.31 1.56
C ILE A 58 -1.11 -6.38 0.88
N SER A 59 -0.76 -6.14 -0.38
CA SER A 59 0.06 -7.07 -1.15
C SER A 59 1.40 -7.30 -0.47
N GLN A 60 1.96 -6.23 0.08
CA GLN A 60 3.25 -6.31 0.76
C GLN A 60 3.12 -7.03 2.10
N ALA A 61 2.09 -6.68 2.86
CA ALA A 61 1.84 -7.29 4.16
C ALA A 61 1.59 -8.79 4.02
N LYS A 62 0.75 -9.17 3.07
CA LYS A 62 0.43 -10.58 2.83
C LYS A 62 1.65 -11.33 2.29
N LEU A 63 2.48 -10.63 1.52
CA LEU A 63 3.67 -11.22 0.95
C LEU A 63 4.64 -11.67 2.04
N LEU A 64 4.90 -10.77 2.99
CA LEU A 64 5.81 -11.07 4.10
C LEU A 64 5.18 -12.09 5.04
N LEU A 65 3.89 -11.93 5.32
CA LEU A 65 3.17 -12.83 6.22
C LEU A 65 3.05 -14.21 5.59
N SER A 66 3.10 -14.27 4.27
CA SER A 66 2.99 -15.55 3.56
C SER A 66 4.36 -16.17 3.34
N THR A 67 5.38 -15.32 3.28
CA THR A 67 6.75 -15.78 3.07
C THR A 67 7.48 -15.95 4.40
N THR A 68 6.88 -15.43 5.46
CA THR A 68 7.47 -15.53 6.79
C THR A 68 6.44 -15.97 7.82
N ARG A 69 6.90 -16.22 9.04
CA ARG A 69 6.01 -16.63 10.12
C ARG A 69 5.97 -15.60 11.24
N MET A 70 6.38 -14.37 10.91
CA MET A 70 6.39 -13.28 11.88
C MET A 70 4.97 -12.98 12.36
N PRO A 71 4.87 -12.39 13.56
CA PRO A 71 3.59 -12.04 14.16
C PRO A 71 2.91 -10.89 13.44
N ILE A 72 1.61 -10.72 13.67
CA ILE A 72 0.85 -9.65 13.03
C ILE A 72 1.36 -8.28 13.47
N ALA A 73 1.87 -8.21 14.69
CA ALA A 73 2.39 -6.96 15.22
C ALA A 73 3.61 -6.49 14.43
N THR A 74 4.54 -7.42 14.19
CA THR A 74 5.76 -7.10 13.46
C THR A 74 5.44 -6.73 12.01
N VAL A 75 4.66 -7.57 11.35
CA VAL A 75 4.27 -7.32 9.96
C VAL A 75 3.54 -5.99 9.82
N GLY A 76 2.68 -5.69 10.79
CA GLY A 76 1.92 -4.45 10.75
C GLY A 76 2.82 -3.23 10.64
N ARG A 77 4.01 -3.32 11.23
CA ARG A 77 4.96 -2.22 11.19
C ARG A 77 5.47 -1.98 9.78
N ASN A 78 5.59 -3.06 9.01
CA ASN A 78 6.07 -2.97 7.64
C ASN A 78 5.11 -2.16 6.78
N VAL A 79 3.82 -2.22 7.11
CA VAL A 79 2.80 -1.50 6.37
C VAL A 79 2.52 -0.14 7.01
N GLY A 80 3.35 0.24 7.99
CA GLY A 80 3.18 1.51 8.65
C GLY A 80 2.08 1.48 9.69
N PHE A 81 1.50 0.30 9.89
CA PHE A 81 0.42 0.14 10.86
C PHE A 81 0.96 -0.35 12.20
N ASP A 82 0.81 0.48 13.24
CA ASP A 82 1.27 0.13 14.57
C ASP A 82 0.27 -0.76 15.29
N ASP A 83 -1.01 -0.56 14.99
CA ASP A 83 -2.07 -1.35 15.59
C ASP A 83 -2.28 -2.66 14.85
N GLN A 84 -2.08 -3.77 15.54
CA GLN A 84 -2.24 -5.09 14.93
C GLN A 84 -3.69 -5.32 14.49
N LEU A 85 -4.63 -4.79 15.28
CA LEU A 85 -6.04 -4.92 14.95
C LEU A 85 -6.40 -4.12 13.71
N TYR A 86 -5.74 -2.98 13.54
CA TYR A 86 -5.98 -2.12 12.39
C TYR A 86 -5.74 -2.86 11.09
N PHE A 87 -4.61 -3.55 10.99
CA PHE A 87 -4.25 -4.29 9.80
C PHE A 87 -5.20 -5.48 9.60
N SER A 88 -5.53 -6.14 10.70
CA SER A 88 -6.42 -7.30 10.65
C SER A 88 -7.83 -6.89 10.22
N ARG A 89 -8.26 -5.72 10.68
CA ARG A 89 -9.58 -5.21 10.34
C ARG A 89 -9.71 -4.97 8.85
N VAL A 90 -8.74 -4.25 8.28
CA VAL A 90 -8.74 -3.94 6.87
C VAL A 90 -8.45 -5.19 6.03
N PHE A 91 -7.44 -5.95 6.44
CA PHE A 91 -7.07 -7.17 5.74
C PHE A 91 -8.22 -8.18 5.74
N LYS A 92 -8.96 -8.20 6.84
CA LYS A 92 -10.09 -9.13 6.98
C LYS A 92 -11.10 -8.91 5.85
N LYS A 93 -11.45 -7.66 5.61
CA LYS A 93 -12.40 -7.32 4.56
C LYS A 93 -11.74 -7.40 3.18
N CYS A 94 -10.43 -7.23 3.14
CA CYS A 94 -9.68 -7.29 1.89
C CYS A 94 -9.83 -8.66 1.24
N THR A 95 -9.60 -9.72 2.01
CA THR A 95 -9.71 -11.08 1.51
C THR A 95 -11.01 -11.73 1.96
N GLY A 96 -11.70 -11.09 2.90
CA GLY A 96 -12.96 -11.61 3.40
C GLY A 96 -12.78 -12.43 4.66
N ALA A 97 -11.52 -12.68 5.02
CA ALA A 97 -11.22 -13.45 6.23
C ALA A 97 -10.05 -12.84 6.99
N SER A 98 -10.08 -12.96 8.31
CA SER A 98 -9.03 -12.42 9.16
C SER A 98 -7.70 -13.12 8.90
N PRO A 99 -6.60 -12.49 9.32
CA PRO A 99 -5.25 -13.04 9.16
C PRO A 99 -5.01 -14.27 10.02
N SER A 100 -5.66 -14.31 11.18
CA SER A 100 -5.52 -15.43 12.11
C SER A 100 -6.12 -16.70 11.52
N GLU A 101 -7.20 -16.55 10.77
CA GLU A 101 -7.87 -17.69 10.15
C GLU A 101 -7.06 -18.19 8.95
N PHE A 102 -6.65 -17.28 8.09
CA PHE A 102 -5.88 -17.63 6.90
C PHE A 102 -4.57 -18.30 7.28
N ARG A 103 -3.96 -17.81 8.37
CA ARG A 103 -2.69 -18.37 8.83
C ARG A 103 -2.84 -19.84 9.19
N ALA A 104 -3.94 -20.18 9.85
CA ALA A 104 -4.20 -21.56 10.24
C ALA A 104 -4.42 -22.45 9.02
N GLY A 105 -4.87 -21.84 7.93
CA GLY A 105 -5.11 -22.59 6.71
C GLY A 105 -6.55 -23.06 6.59
N CYS A 106 -7.31 -22.90 7.66
CA CYS A 106 -8.71 -23.31 7.68
C CYS A 106 -9.55 -22.42 6.78
N GLU A 107 -10.31 -23.03 5.88
CA GLU A 107 -11.16 -22.29 4.95
C GLU A 107 -12.46 -21.86 5.64
N MET A 1 1.81 1.99 -18.84
CA MET A 1 2.37 2.77 -17.75
C MET A 1 3.21 3.92 -18.29
N ASP A 2 2.94 5.13 -17.79
CA ASP A 2 3.68 6.31 -18.22
C ASP A 2 5.04 6.38 -17.54
N ASN A 3 6.02 6.95 -18.24
CA ASN A 3 7.37 7.08 -17.70
C ASN A 3 7.35 7.83 -16.37
N ARG A 4 6.62 8.94 -16.33
CA ARG A 4 6.52 9.76 -15.14
C ARG A 4 5.88 8.98 -14.00
N VAL A 5 4.94 8.11 -14.34
CA VAL A 5 4.24 7.29 -13.35
C VAL A 5 5.21 6.41 -12.59
N ARG A 6 6.20 5.88 -13.30
CA ARG A 6 7.21 5.00 -12.69
C ARG A 6 8.07 5.78 -11.70
N GLU A 7 8.40 7.03 -12.06
CA GLU A 7 9.22 7.88 -11.21
C GLU A 7 8.44 8.33 -9.97
N ALA A 8 7.14 8.54 -10.16
CA ALA A 8 6.28 8.98 -9.06
C ALA A 8 6.01 7.84 -8.09
N CYS A 9 5.67 6.68 -8.62
CA CYS A 9 5.38 5.50 -7.80
C CYS A 9 6.62 5.09 -7.01
N GLN A 10 7.78 5.32 -7.58
CA GLN A 10 9.04 4.96 -6.93
C GLN A 10 9.23 5.75 -5.63
N TYR A 11 8.80 7.00 -5.65
CA TYR A 11 8.92 7.86 -4.47
C TYR A 11 7.97 7.40 -3.36
N ILE A 12 6.75 7.05 -3.75
CA ILE A 12 5.75 6.60 -2.79
C ILE A 12 6.22 5.34 -2.07
N SER A 13 6.83 4.42 -2.82
CA SER A 13 7.31 3.16 -2.26
C SER A 13 8.31 3.43 -1.14
N ASP A 14 9.08 4.50 -1.28
CA ASP A 14 10.08 4.87 -0.27
C ASP A 14 9.41 5.30 1.02
N HIS A 15 8.17 5.78 0.91
CA HIS A 15 7.42 6.24 2.08
C HIS A 15 6.29 5.26 2.40
N LEU A 16 6.40 4.05 1.88
CA LEU A 16 5.38 3.03 2.12
C LEU A 16 5.18 2.81 3.61
N ALA A 17 6.27 2.80 4.37
CA ALA A 17 6.21 2.60 5.81
C ALA A 17 5.92 3.92 6.53
N ASP A 18 6.22 5.02 5.86
CA ASP A 18 6.00 6.34 6.43
C ASP A 18 4.54 6.76 6.29
N SER A 19 3.96 7.25 7.38
CA SER A 19 2.57 7.68 7.37
C SER A 19 2.43 9.05 6.72
N ASN A 20 3.49 9.85 6.79
CA ASN A 20 3.49 11.19 6.21
C ASN A 20 3.58 11.12 4.69
N PHE A 21 2.42 11.15 4.03
CA PHE A 21 2.37 11.09 2.57
C PHE A 21 1.75 12.35 2.00
N ASP A 22 2.54 13.09 1.21
CA ASP A 22 2.06 14.32 0.59
C ASP A 22 2.04 14.19 -0.93
N ILE A 23 0.84 14.19 -1.49
CA ILE A 23 0.67 14.08 -2.93
C ILE A 23 1.45 15.16 -3.66
N ALA A 24 1.68 16.28 -2.98
CA ALA A 24 2.42 17.38 -3.57
C ALA A 24 3.86 16.99 -3.88
N SER A 25 4.48 16.28 -2.93
CA SER A 25 5.86 15.84 -3.11
C SER A 25 5.99 14.88 -4.29
N VAL A 26 4.93 14.13 -4.55
CA VAL A 26 4.91 13.17 -5.64
C VAL A 26 4.95 13.88 -6.99
N ALA A 27 4.08 14.88 -7.15
CA ALA A 27 4.02 15.65 -8.39
C ALA A 27 5.28 16.48 -8.59
N GLN A 28 5.77 17.08 -7.51
CA GLN A 28 6.98 17.89 -7.58
C GLN A 28 8.19 17.05 -7.99
N HIS A 29 8.22 15.81 -7.52
CA HIS A 29 9.33 14.91 -7.83
C HIS A 29 9.47 14.73 -9.34
N VAL A 30 8.35 14.79 -10.06
CA VAL A 30 8.35 14.64 -11.50
C VAL A 30 8.24 16.00 -12.19
N CYS A 31 8.53 17.07 -11.45
CA CYS A 31 8.46 18.41 -11.99
C CYS A 31 7.11 18.66 -12.66
N LEU A 32 6.04 18.17 -12.03
CA LEU A 32 4.70 18.34 -12.58
C LEU A 32 3.69 18.61 -11.46
N SER A 33 2.52 19.09 -11.84
CA SER A 33 1.47 19.39 -10.88
C SER A 33 0.79 18.12 -10.38
N PRO A 34 0.13 18.21 -9.22
CA PRO A 34 -0.58 17.07 -8.62
C PRO A 34 -1.81 16.67 -9.42
N SER A 35 -2.51 17.66 -9.96
CA SER A 35 -3.72 17.41 -10.74
C SER A 35 -3.39 16.64 -12.01
N ARG A 36 -2.33 17.06 -12.70
CA ARG A 36 -1.91 16.40 -13.93
C ARG A 36 -1.39 14.99 -13.66
N LEU A 37 -0.64 14.85 -12.58
CA LEU A 37 -0.07 13.55 -12.20
C LEU A 37 -1.18 12.59 -11.80
N SER A 38 -2.13 13.07 -11.02
CA SER A 38 -3.24 12.24 -10.56
C SER A 38 -4.05 11.72 -11.74
N HIS A 39 -4.20 12.56 -12.77
CA HIS A 39 -4.94 12.17 -13.96
C HIS A 39 -4.33 10.95 -14.63
N LEU A 40 -3.02 10.99 -14.84
CA LEU A 40 -2.31 9.89 -15.47
C LEU A 40 -2.19 8.71 -14.51
N PHE A 41 -2.13 9.00 -13.21
CA PHE A 41 -2.02 7.95 -12.20
C PHE A 41 -3.25 7.06 -12.21
N ARG A 42 -4.43 7.67 -12.14
CA ARG A 42 -5.68 6.94 -12.14
C ARG A 42 -5.95 6.32 -13.51
N GLN A 43 -5.41 6.93 -14.55
CA GLN A 43 -5.59 6.44 -15.91
C GLN A 43 -4.69 5.24 -16.18
N GLN A 44 -3.44 5.31 -15.71
CA GLN A 44 -2.49 4.22 -15.90
C GLN A 44 -2.72 3.12 -14.88
N LEU A 45 -3.04 3.51 -13.65
CA LEU A 45 -3.27 2.56 -12.58
C LEU A 45 -4.74 2.12 -12.54
N GLY A 46 -5.59 2.91 -13.20
CA GLY A 46 -7.00 2.59 -13.23
C GLY A 46 -7.66 2.72 -11.88
N ILE A 47 -6.92 3.26 -10.92
CA ILE A 47 -7.44 3.45 -9.56
C ILE A 47 -6.80 4.65 -8.89
N SER A 48 -7.32 5.02 -7.72
CA SER A 48 -6.81 6.16 -6.97
C SER A 48 -5.51 5.79 -6.25
N VAL A 49 -4.67 6.80 -6.02
CA VAL A 49 -3.40 6.58 -5.33
C VAL A 49 -3.61 5.89 -4.00
N LEU A 50 -4.65 6.28 -3.28
CA LEU A 50 -4.96 5.69 -1.98
C LEU A 50 -5.27 4.20 -2.11
N SER A 51 -5.91 3.83 -3.21
CA SER A 51 -6.25 2.44 -3.46
C SER A 51 -5.02 1.63 -3.83
N TRP A 52 -4.22 2.16 -4.75
CA TRP A 52 -3.00 1.48 -5.19
C TRP A 52 -2.05 1.27 -4.03
N ARG A 53 -1.84 2.32 -3.24
CA ARG A 53 -0.94 2.25 -2.09
C ARG A 53 -1.40 1.17 -1.12
N GLU A 54 -2.69 1.15 -0.81
CA GLU A 54 -3.24 0.17 0.11
C GLU A 54 -3.17 -1.23 -0.48
N ASP A 55 -3.52 -1.36 -1.76
CA ASP A 55 -3.48 -2.65 -2.44
C ASP A 55 -2.09 -3.28 -2.33
N GLN A 56 -1.06 -2.48 -2.55
CA GLN A 56 0.30 -2.96 -2.48
C GLN A 56 0.70 -3.27 -1.04
N ARG A 57 0.19 -2.48 -0.10
CA ARG A 57 0.47 -2.68 1.31
C ARG A 57 0.05 -4.06 1.77
N ILE A 58 -1.15 -4.47 1.37
CA ILE A 58 -1.68 -5.78 1.74
C ILE A 58 -0.77 -6.90 1.25
N SER A 59 -0.34 -6.79 0.00
CA SER A 59 0.53 -7.80 -0.60
C SER A 59 1.93 -7.74 0.01
N GLN A 60 2.34 -6.54 0.41
CA GLN A 60 3.65 -6.34 1.01
C GLN A 60 3.73 -6.99 2.39
N ALA A 61 2.64 -6.89 3.14
CA ALA A 61 2.57 -7.46 4.48
C ALA A 61 2.58 -8.98 4.42
N LYS A 62 1.94 -9.53 3.41
CA LYS A 62 1.87 -10.99 3.24
C LYS A 62 3.23 -11.54 2.80
N LEU A 63 3.96 -10.75 2.03
CA LEU A 63 5.27 -11.16 1.55
C LEU A 63 6.21 -11.51 2.71
N LEU A 64 6.30 -10.60 3.67
CA LEU A 64 7.14 -10.83 4.84
C LEU A 64 6.57 -11.90 5.74
N LEU A 65 5.24 -11.94 5.84
CA LEU A 65 4.56 -12.93 6.67
C LEU A 65 4.80 -14.34 6.15
N SER A 66 5.00 -14.44 4.84
CA SER A 66 5.24 -15.74 4.20
C SER A 66 6.59 -16.31 4.63
N THR A 67 7.45 -15.44 5.15
CA THR A 67 8.78 -15.86 5.59
C THR A 67 9.01 -15.52 7.06
N THR A 68 7.97 -14.97 7.70
CA THR A 68 8.05 -14.60 9.11
C THR A 68 6.84 -15.10 9.88
N ARG A 69 6.96 -15.14 11.20
CA ARG A 69 5.87 -15.61 12.06
C ARG A 69 5.48 -14.53 13.06
N MET A 70 5.87 -13.29 12.78
CA MET A 70 5.56 -12.17 13.67
C MET A 70 4.06 -12.00 13.82
N PRO A 71 3.63 -11.36 14.92
CA PRO A 71 2.22 -11.11 15.20
C PRO A 71 1.61 -10.09 14.24
N ILE A 72 0.29 -10.00 14.25
CA ILE A 72 -0.43 -9.06 13.38
C ILE A 72 -0.06 -7.62 13.73
N ALA A 73 0.24 -7.38 15.01
CA ALA A 73 0.60 -6.05 15.47
C ALA A 73 1.91 -5.59 14.84
N THR A 74 2.92 -6.46 14.86
CA THR A 74 4.22 -6.14 14.29
C THR A 74 4.13 -6.00 12.77
N VAL A 75 3.53 -6.99 12.12
CA VAL A 75 3.39 -6.98 10.67
C VAL A 75 2.63 -5.74 10.21
N GLY A 76 1.60 -5.37 10.95
CA GLY A 76 0.81 -4.20 10.60
C GLY A 76 1.65 -2.94 10.49
N ARG A 77 2.69 -2.86 11.30
CA ARG A 77 3.58 -1.71 11.29
C ARG A 77 4.42 -1.67 10.02
N ASN A 78 4.75 -2.85 9.50
CA ASN A 78 5.55 -2.95 8.28
C ASN A 78 4.85 -2.27 7.12
N VAL A 79 3.52 -2.30 7.13
CA VAL A 79 2.73 -1.68 6.08
C VAL A 79 2.37 -0.25 6.42
N GLY A 80 2.82 0.21 7.58
CA GLY A 80 2.53 1.57 8.02
C GLY A 80 1.29 1.64 8.89
N PHE A 81 0.67 0.49 9.14
CA PHE A 81 -0.53 0.43 9.96
C PHE A 81 -0.18 0.19 11.42
N ASP A 82 -0.52 1.15 12.27
CA ASP A 82 -0.24 1.05 13.70
C ASP A 82 -1.34 0.26 14.40
N ASP A 83 -2.56 0.39 13.90
CA ASP A 83 -3.71 -0.30 14.48
C ASP A 83 -3.88 -1.68 13.87
N GLN A 84 -3.77 -2.72 14.69
CA GLN A 84 -3.91 -4.09 14.23
C GLN A 84 -5.32 -4.34 13.68
N LEU A 85 -6.32 -3.77 14.35
CA LEU A 85 -7.71 -3.93 13.93
C LEU A 85 -7.94 -3.31 12.55
N TYR A 86 -7.28 -2.17 12.31
CA TYR A 86 -7.42 -1.48 11.03
C TYR A 86 -6.88 -2.34 9.89
N PHE A 87 -5.70 -2.93 10.11
CA PHE A 87 -5.07 -3.77 9.10
C PHE A 87 -5.89 -5.04 8.87
N SER A 88 -6.31 -5.67 9.95
CA SER A 88 -7.09 -6.91 9.87
C SER A 88 -8.46 -6.64 9.24
N ARG A 89 -9.04 -5.49 9.55
CA ARG A 89 -10.34 -5.10 9.02
C ARG A 89 -10.28 -4.96 7.50
N VAL A 90 -9.30 -4.19 7.02
CA VAL A 90 -9.13 -3.97 5.59
C VAL A 90 -8.65 -5.24 4.89
N PHE A 91 -7.65 -5.88 5.49
CA PHE A 91 -7.08 -7.10 4.92
C PHE A 91 -8.14 -8.20 4.85
N LYS A 92 -9.03 -8.25 5.84
CA LYS A 92 -10.08 -9.24 5.89
C LYS A 92 -10.95 -9.17 4.63
N LYS A 93 -11.31 -7.96 4.22
CA LYS A 93 -12.13 -7.76 3.03
C LYS A 93 -11.30 -7.95 1.76
N CYS A 94 -9.99 -7.74 1.88
CA CYS A 94 -9.10 -7.90 0.74
C CYS A 94 -9.22 -9.29 0.14
N THR A 95 -9.14 -10.30 0.99
CA THR A 95 -9.23 -11.69 0.54
C THR A 95 -10.55 -12.31 0.97
N GLY A 96 -11.29 -11.61 1.83
CA GLY A 96 -12.56 -12.12 2.31
C GLY A 96 -12.44 -12.82 3.64
N ALA A 97 -11.21 -13.00 4.10
CA ALA A 97 -10.96 -13.66 5.38
C ALA A 97 -9.87 -12.94 6.17
N SER A 98 -9.99 -12.98 7.49
CA SER A 98 -9.01 -12.33 8.36
C SER A 98 -7.65 -13.00 8.23
N PRO A 99 -6.60 -12.29 8.68
CA PRO A 99 -5.22 -12.78 8.63
C PRO A 99 -4.98 -13.94 9.60
N SER A 100 -5.68 -13.90 10.73
CA SER A 100 -5.54 -14.94 11.75
C SER A 100 -6.08 -16.27 11.23
N GLU A 101 -7.13 -16.20 10.42
CA GLU A 101 -7.74 -17.40 9.86
C GLU A 101 -6.86 -18.00 8.76
N PHE A 102 -6.42 -17.15 7.84
CA PHE A 102 -5.58 -17.58 6.73
C PHE A 102 -4.28 -18.21 7.25
N ARG A 103 -3.68 -17.55 8.24
CA ARG A 103 -2.43 -18.04 8.82
C ARG A 103 -2.64 -19.40 9.49
N ALA A 104 -3.76 -19.53 10.19
CA ALA A 104 -4.08 -20.78 10.89
C ALA A 104 -4.21 -21.94 9.91
N GLY A 105 -4.70 -21.64 8.71
CA GLY A 105 -4.86 -22.68 7.70
C GLY A 105 -6.22 -23.35 7.77
N CYS A 106 -6.96 -23.06 8.84
CA CYS A 106 -8.28 -23.66 9.03
C CYS A 106 -9.33 -22.93 8.19
N GLU A 107 -10.20 -23.70 7.53
CA GLU A 107 -11.24 -23.12 6.70
C GLU A 107 -12.62 -23.47 7.25
N MET A 1 2.88 1.64 -17.58
CA MET A 1 3.68 2.35 -16.59
C MET A 1 4.85 3.07 -17.25
N ASP A 2 4.71 4.38 -17.42
CA ASP A 2 5.76 5.19 -18.05
C ASP A 2 6.88 5.47 -17.06
N ASN A 3 8.10 5.60 -17.58
CA ASN A 3 9.26 5.87 -16.74
C ASN A 3 9.03 7.09 -15.86
N ARG A 4 8.21 8.02 -16.36
CA ARG A 4 7.91 9.24 -15.62
C ARG A 4 7.02 8.94 -14.40
N VAL A 5 5.96 8.18 -14.63
CA VAL A 5 5.04 7.82 -13.56
C VAL A 5 5.69 6.85 -12.59
N ARG A 6 6.48 5.92 -13.11
CA ARG A 6 7.16 4.93 -12.29
C ARG A 6 7.99 5.62 -11.20
N GLU A 7 8.55 6.77 -11.52
CA GLU A 7 9.37 7.52 -10.58
C GLU A 7 8.50 8.14 -9.48
N ALA A 8 7.28 8.52 -9.84
CA ALA A 8 6.35 9.12 -8.89
C ALA A 8 5.82 8.08 -7.90
N CYS A 9 5.41 6.93 -8.43
CA CYS A 9 4.88 5.86 -7.60
C CYS A 9 5.96 5.29 -6.70
N GLN A 10 7.21 5.32 -7.17
CA GLN A 10 8.33 4.81 -6.40
C GLN A 10 8.55 5.63 -5.13
N TYR A 11 8.30 6.93 -5.23
CA TYR A 11 8.47 7.83 -4.09
C TYR A 11 7.39 7.57 -3.03
N ILE A 12 6.19 7.27 -3.49
CA ILE A 12 5.07 7.00 -2.59
C ILE A 12 5.36 5.78 -1.71
N SER A 13 6.03 4.78 -2.29
CA SER A 13 6.36 3.57 -1.57
C SER A 13 7.21 3.89 -0.34
N ASP A 14 8.09 4.88 -0.47
CA ASP A 14 8.96 5.28 0.62
C ASP A 14 8.16 5.91 1.76
N HIS A 15 7.02 6.49 1.41
CA HIS A 15 6.16 7.13 2.39
C HIS A 15 4.96 6.24 2.74
N LEU A 16 5.08 4.96 2.42
CA LEU A 16 4.03 4.00 2.70
C LEU A 16 3.74 3.92 4.20
N ALA A 17 4.77 4.17 5.00
CA ALA A 17 4.62 4.12 6.45
C ALA A 17 4.31 5.51 7.01
N ASP A 18 4.64 6.54 6.24
CA ASP A 18 4.39 7.92 6.66
C ASP A 18 2.89 8.17 6.80
N SER A 19 2.49 8.77 7.93
CA SER A 19 1.10 9.07 8.17
C SER A 19 0.63 10.25 7.33
N ASN A 20 1.39 11.34 7.39
CA ASN A 20 1.06 12.54 6.63
C ASN A 20 1.63 12.46 5.22
N PHE A 21 0.82 12.00 4.28
CA PHE A 21 1.25 11.88 2.89
C PHE A 21 0.77 13.06 2.06
N ASP A 22 1.67 13.65 1.29
CA ASP A 22 1.34 14.80 0.44
C ASP A 22 1.49 14.45 -1.03
N ILE A 23 0.42 14.62 -1.79
CA ILE A 23 0.44 14.33 -3.22
C ILE A 23 1.31 15.32 -3.97
N ALA A 24 1.51 16.50 -3.38
CA ALA A 24 2.34 17.53 -4.00
C ALA A 24 3.76 17.05 -4.19
N SER A 25 4.30 16.38 -3.18
CA SER A 25 5.67 15.87 -3.24
C SER A 25 5.81 14.84 -4.35
N VAL A 26 4.73 14.14 -4.65
CA VAL A 26 4.73 13.13 -5.70
C VAL A 26 4.94 13.76 -7.07
N ALA A 27 4.15 14.79 -7.38
CA ALA A 27 4.24 15.48 -8.65
C ALA A 27 5.57 16.24 -8.77
N GLN A 28 5.95 16.91 -7.70
CA GLN A 28 7.19 17.69 -7.68
C GLN A 28 8.39 16.76 -7.88
N HIS A 29 8.32 15.57 -7.32
CA HIS A 29 9.40 14.60 -7.43
C HIS A 29 9.71 14.29 -8.91
N VAL A 30 8.66 14.30 -9.72
CA VAL A 30 8.81 14.02 -11.15
C VAL A 30 8.85 15.31 -11.96
N CYS A 31 9.13 16.42 -11.28
CA CYS A 31 9.19 17.73 -11.93
C CYS A 31 7.93 17.99 -12.75
N LEU A 32 6.79 17.56 -12.23
CA LEU A 32 5.51 17.73 -12.90
C LEU A 32 4.43 18.17 -11.93
N SER A 33 3.33 18.69 -12.46
CA SER A 33 2.22 19.15 -11.64
C SER A 33 1.40 17.96 -11.12
N PRO A 34 0.64 18.19 -10.04
CA PRO A 34 -0.20 17.16 -9.43
C PRO A 34 -1.38 16.79 -10.30
N SER A 35 -1.99 17.80 -10.92
CA SER A 35 -3.14 17.58 -11.79
C SER A 35 -2.75 16.80 -13.04
N ARG A 36 -1.65 17.22 -13.67
CA ARG A 36 -1.17 16.56 -14.87
C ARG A 36 -0.69 15.15 -14.57
N LEU A 37 0.03 15.00 -13.45
CA LEU A 37 0.55 13.70 -13.04
C LEU A 37 -0.58 12.77 -12.62
N SER A 38 -1.52 13.30 -11.84
CA SER A 38 -2.65 12.51 -11.37
C SER A 38 -3.47 11.97 -12.54
N HIS A 39 -3.65 12.80 -13.57
CA HIS A 39 -4.41 12.42 -14.75
C HIS A 39 -3.77 11.20 -15.42
N LEU A 40 -2.47 11.26 -15.63
CA LEU A 40 -1.74 10.17 -16.27
C LEU A 40 -1.62 8.97 -15.33
N PHE A 41 -1.55 9.25 -14.04
CA PHE A 41 -1.44 8.20 -13.03
C PHE A 41 -2.63 7.25 -13.11
N ARG A 42 -3.83 7.81 -13.11
CA ARG A 42 -5.05 7.02 -13.17
C ARG A 42 -5.19 6.35 -14.53
N GLN A 43 -4.57 6.94 -15.54
CA GLN A 43 -4.64 6.41 -16.90
C GLN A 43 -3.68 5.22 -17.06
N GLN A 44 -2.49 5.36 -16.48
CA GLN A 44 -1.48 4.29 -16.56
C GLN A 44 -1.75 3.21 -15.52
N LEU A 45 -2.17 3.63 -14.33
CA LEU A 45 -2.46 2.69 -13.25
C LEU A 45 -3.92 2.22 -13.32
N GLY A 46 -4.73 2.95 -14.06
CA GLY A 46 -6.13 2.59 -14.20
C GLY A 46 -6.91 2.76 -12.90
N ILE A 47 -6.26 3.36 -11.90
CA ILE A 47 -6.88 3.56 -10.60
C ILE A 47 -6.34 4.82 -9.93
N SER A 48 -6.94 5.19 -8.80
CA SER A 48 -6.51 6.38 -8.06
C SER A 48 -5.25 6.09 -7.27
N VAL A 49 -4.41 7.11 -7.11
CA VAL A 49 -3.16 6.96 -6.37
C VAL A 49 -3.42 6.41 -4.97
N LEU A 50 -4.43 6.95 -4.30
CA LEU A 50 -4.78 6.51 -2.95
C LEU A 50 -5.19 5.04 -2.95
N SER A 51 -5.82 4.61 -4.03
CA SER A 51 -6.27 3.23 -4.16
C SER A 51 -5.09 2.29 -4.39
N TRP A 52 -4.17 2.70 -5.25
CA TRP A 52 -2.98 1.90 -5.56
C TRP A 52 -2.16 1.64 -4.31
N ARG A 53 -2.04 2.66 -3.46
CA ARG A 53 -1.28 2.53 -2.23
C ARG A 53 -1.88 1.48 -1.31
N GLU A 54 -3.21 1.53 -1.15
CA GLU A 54 -3.91 0.57 -0.31
C GLU A 54 -3.76 -0.85 -0.85
N ASP A 55 -3.96 -1.01 -2.15
CA ASP A 55 -3.83 -2.31 -2.79
C ASP A 55 -2.45 -2.90 -2.56
N GLN A 56 -1.43 -2.06 -2.67
CA GLN A 56 -0.05 -2.50 -2.48
C GLN A 56 0.21 -2.84 -1.02
N ARG A 57 -0.37 -2.06 -0.12
CA ARG A 57 -0.19 -2.27 1.31
C ARG A 57 -0.66 -3.66 1.71
N ILE A 58 -1.79 -4.08 1.15
CA ILE A 58 -2.34 -5.40 1.44
C ILE A 58 -1.49 -6.51 0.83
N SER A 59 -1.11 -6.33 -0.44
CA SER A 59 -0.30 -7.31 -1.14
C SER A 59 1.06 -7.48 -0.46
N GLN A 60 1.61 -6.37 0.02
CA GLN A 60 2.91 -6.39 0.69
C GLN A 60 2.81 -7.05 2.05
N ALA A 61 1.77 -6.69 2.81
CA ALA A 61 1.56 -7.25 4.13
C ALA A 61 1.47 -8.77 4.08
N LYS A 62 0.69 -9.28 3.14
CA LYS A 62 0.51 -10.72 2.98
C LYS A 62 1.81 -11.38 2.50
N LEU A 63 2.57 -10.64 1.69
CA LEU A 63 3.83 -11.16 1.17
C LEU A 63 4.80 -11.48 2.30
N LEU A 64 4.98 -10.53 3.21
CA LEU A 64 5.86 -10.72 4.35
C LEU A 64 5.30 -11.74 5.32
N LEU A 65 3.99 -11.70 5.52
CA LEU A 65 3.34 -12.64 6.44
C LEU A 65 3.41 -14.07 5.90
N SER A 66 3.54 -14.19 4.58
CA SER A 66 3.62 -15.50 3.95
C SER A 66 5.07 -15.97 3.84
N THR A 67 5.99 -15.01 3.79
CA THR A 67 7.41 -15.32 3.69
C THR A 67 8.07 -15.34 5.06
N THR A 68 7.35 -14.86 6.06
CA THR A 68 7.86 -14.83 7.43
C THR A 68 6.83 -15.36 8.41
N ARG A 69 7.25 -15.50 9.67
CA ARG A 69 6.36 -16.01 10.71
C ARG A 69 6.18 -14.96 11.82
N MET A 70 6.50 -13.72 11.52
CA MET A 70 6.39 -12.64 12.49
C MET A 70 4.94 -12.49 12.95
N PRO A 71 4.76 -11.90 14.15
CA PRO A 71 3.43 -11.69 14.73
C PRO A 71 2.64 -10.62 13.98
N ILE A 72 1.34 -10.58 14.25
CA ILE A 72 0.46 -9.60 13.60
C ILE A 72 0.85 -8.17 13.97
N ALA A 73 1.37 -8.01 15.18
CA ALA A 73 1.80 -6.70 15.67
C ALA A 73 2.98 -6.18 14.87
N THR A 74 3.98 -7.03 14.68
CA THR A 74 5.18 -6.66 13.95
C THR A 74 4.87 -6.42 12.47
N VAL A 75 4.12 -7.35 11.88
CA VAL A 75 3.75 -7.25 10.47
C VAL A 75 3.04 -5.94 10.19
N GLY A 76 2.16 -5.54 11.10
CA GLY A 76 1.42 -4.29 10.93
C GLY A 76 2.34 -3.09 10.79
N ARG A 77 3.37 -3.05 11.61
CA ARG A 77 4.32 -1.94 11.59
C ARG A 77 4.95 -1.80 10.20
N ASN A 78 5.15 -2.93 9.53
CA ASN A 78 5.75 -2.94 8.20
C ASN A 78 4.88 -2.16 7.21
N VAL A 79 3.57 -2.18 7.45
CA VAL A 79 2.64 -1.47 6.58
C VAL A 79 2.20 -0.15 7.20
N GLY A 80 2.97 0.32 8.17
CA GLY A 80 2.66 1.58 8.84
C GLY A 80 1.48 1.45 9.78
N PHE A 81 0.98 0.23 9.94
CA PHE A 81 -0.16 -0.02 10.81
C PHE A 81 0.29 -0.15 12.27
N ASP A 82 -0.17 0.75 13.12
CA ASP A 82 0.19 0.74 14.53
C ASP A 82 -0.70 -0.23 15.31
N ASP A 83 -1.95 -0.37 14.85
CA ASP A 83 -2.90 -1.26 15.50
C ASP A 83 -2.90 -2.63 14.82
N GLN A 84 -2.57 -3.67 15.59
CA GLN A 84 -2.54 -5.03 15.07
C GLN A 84 -3.92 -5.47 14.61
N LEU A 85 -4.94 -5.12 15.39
CA LEU A 85 -6.32 -5.48 15.07
C LEU A 85 -6.80 -4.71 13.84
N TYR A 86 -6.33 -3.47 13.69
CA TYR A 86 -6.73 -2.64 12.57
C TYR A 86 -6.32 -3.29 11.25
N PHE A 87 -5.11 -3.86 11.22
CA PHE A 87 -4.60 -4.50 10.02
C PHE A 87 -5.42 -5.75 9.69
N SER A 88 -5.70 -6.56 10.71
CA SER A 88 -6.47 -7.79 10.53
C SER A 88 -7.90 -7.47 10.11
N ARG A 89 -8.46 -6.42 10.68
CA ARG A 89 -9.83 -6.01 10.37
C ARG A 89 -9.95 -5.61 8.90
N VAL A 90 -9.06 -4.74 8.45
CA VAL A 90 -9.06 -4.28 7.06
C VAL A 90 -8.65 -5.40 6.11
N PHE A 91 -7.57 -6.09 6.47
CA PHE A 91 -7.07 -7.18 5.64
C PHE A 91 -8.11 -8.29 5.50
N LYS A 92 -8.85 -8.54 6.58
CA LYS A 92 -9.89 -9.56 6.57
C LYS A 92 -10.96 -9.24 5.54
N LYS A 93 -11.12 -7.96 5.23
CA LYS A 93 -12.12 -7.52 4.25
C LYS A 93 -11.63 -7.77 2.82
N CYS A 94 -10.31 -7.81 2.67
CA CYS A 94 -9.71 -8.04 1.35
C CYS A 94 -9.66 -9.53 1.03
N THR A 95 -9.30 -10.33 2.03
CA THR A 95 -9.20 -11.77 1.85
C THR A 95 -10.50 -12.46 2.26
N GLY A 96 -11.35 -11.74 2.98
CA GLY A 96 -12.61 -12.30 3.43
C GLY A 96 -12.48 -13.07 4.74
N ALA A 97 -11.24 -13.28 5.17
CA ALA A 97 -10.98 -14.01 6.41
C ALA A 97 -9.85 -13.35 7.20
N SER A 98 -9.88 -13.53 8.52
CA SER A 98 -8.87 -12.95 9.39
C SER A 98 -7.50 -13.57 9.10
N PRO A 99 -6.44 -12.89 9.57
CA PRO A 99 -5.06 -13.35 9.38
C PRO A 99 -4.74 -14.59 10.19
N SER A 100 -5.37 -14.71 11.36
CA SER A 100 -5.16 -15.85 12.23
C SER A 100 -5.72 -17.12 11.61
N GLU A 101 -6.81 -16.98 10.88
CA GLU A 101 -7.44 -18.13 10.22
C GLU A 101 -6.65 -18.57 9.00
N PHE A 102 -6.28 -17.61 8.17
CA PHE A 102 -5.51 -17.90 6.96
C PHE A 102 -4.17 -18.56 7.31
N ARG A 103 -3.50 -18.01 8.32
CA ARG A 103 -2.21 -18.54 8.75
C ARG A 103 -2.34 -20.00 9.18
N ALA A 104 -3.41 -20.31 9.91
CA ALA A 104 -3.65 -21.65 10.39
C ALA A 104 -3.95 -22.60 9.23
N GLY A 105 -4.51 -22.06 8.15
CA GLY A 105 -4.83 -22.86 7.00
C GLY A 105 -6.22 -23.47 7.09
N CYS A 106 -6.85 -23.35 8.25
CA CYS A 106 -8.18 -23.91 8.47
C CYS A 106 -9.22 -23.14 7.66
N GLU A 107 -10.15 -23.87 7.06
CA GLU A 107 -11.20 -23.25 6.25
C GLU A 107 -12.49 -23.10 7.06
N MET A 1 2.62 -0.01 -18.02
CA MET A 1 3.05 0.84 -16.92
C MET A 1 4.15 1.80 -17.37
N ASP A 2 3.87 3.09 -17.25
CA ASP A 2 4.84 4.11 -17.66
C ASP A 2 5.91 4.29 -16.58
N ASN A 3 7.14 4.58 -17.03
CA ASN A 3 8.25 4.77 -16.12
C ASN A 3 8.04 6.00 -15.22
N ARG A 4 7.35 6.99 -15.77
CA ARG A 4 7.06 8.21 -15.02
C ARG A 4 6.35 7.91 -13.71
N VAL A 5 5.28 7.11 -13.79
CA VAL A 5 4.52 6.73 -12.62
C VAL A 5 5.31 5.79 -11.72
N ARG A 6 6.06 4.87 -12.35
CA ARG A 6 6.87 3.91 -11.60
C ARG A 6 7.81 4.63 -10.63
N GLU A 7 8.30 5.78 -11.04
CA GLU A 7 9.22 6.56 -10.21
C GLU A 7 8.50 7.10 -8.98
N ALA A 8 7.26 7.57 -9.18
CA ALA A 8 6.47 8.11 -8.08
C ALA A 8 6.27 7.08 -6.98
N CYS A 9 6.13 5.82 -7.37
CA CYS A 9 5.94 4.74 -6.40
C CYS A 9 7.12 4.65 -5.45
N GLN A 10 8.31 4.95 -5.96
CA GLN A 10 9.52 4.89 -5.15
C GLN A 10 9.45 5.88 -4.00
N TYR A 11 8.98 7.08 -4.29
CA TYR A 11 8.87 8.12 -3.28
C TYR A 11 7.77 7.78 -2.27
N ILE A 12 6.60 7.40 -2.78
CA ILE A 12 5.48 7.05 -1.92
C ILE A 12 5.81 5.84 -1.05
N SER A 13 6.50 4.87 -1.62
CA SER A 13 6.88 3.65 -0.90
C SER A 13 7.71 4.00 0.33
N ASP A 14 8.60 4.98 0.19
CA ASP A 14 9.44 5.41 1.29
C ASP A 14 8.62 6.07 2.39
N HIS A 15 7.49 6.64 2.00
CA HIS A 15 6.60 7.31 2.97
C HIS A 15 5.33 6.50 3.18
N LEU A 16 5.38 5.23 2.82
CA LEU A 16 4.23 4.34 2.98
C LEU A 16 3.77 4.30 4.44
N ALA A 17 4.70 4.57 5.35
CA ALA A 17 4.39 4.57 6.78
C ALA A 17 3.98 5.96 7.25
N ASP A 18 4.37 6.98 6.48
CA ASP A 18 4.04 8.36 6.82
C ASP A 18 2.54 8.56 6.83
N SER A 19 2.08 9.49 7.68
CA SER A 19 0.65 9.78 7.79
C SER A 19 0.26 10.91 6.83
N ASN A 20 0.99 12.01 6.89
CA ASN A 20 0.71 13.15 6.03
C ASN A 20 1.33 12.95 4.64
N PHE A 21 0.47 12.67 3.66
CA PHE A 21 0.92 12.46 2.30
C PHE A 21 0.61 13.67 1.42
N ASP A 22 1.59 14.09 0.63
CA ASP A 22 1.42 15.24 -0.25
C ASP A 22 1.53 14.83 -1.72
N ILE A 23 0.46 15.03 -2.47
CA ILE A 23 0.44 14.67 -3.89
C ILE A 23 1.35 15.58 -4.69
N ALA A 24 1.51 16.82 -4.23
CA ALA A 24 2.36 17.79 -4.91
C ALA A 24 3.80 17.30 -4.98
N SER A 25 4.29 16.74 -3.88
CA SER A 25 5.66 16.24 -3.80
C SER A 25 5.86 15.09 -4.80
N VAL A 26 4.79 14.35 -5.06
CA VAL A 26 4.85 13.23 -5.99
C VAL A 26 5.03 13.71 -7.42
N ALA A 27 4.34 14.80 -7.76
CA ALA A 27 4.42 15.37 -9.10
C ALA A 27 5.82 15.93 -9.38
N GLN A 28 6.33 16.72 -8.45
CA GLN A 28 7.65 17.32 -8.60
C GLN A 28 8.73 16.25 -8.68
N HIS A 29 8.55 15.17 -7.93
CA HIS A 29 9.50 14.08 -7.91
C HIS A 29 9.69 13.50 -9.31
N VAL A 30 8.61 13.49 -10.09
CA VAL A 30 8.65 12.96 -11.45
C VAL A 30 8.81 14.09 -12.46
N CYS A 31 9.22 15.26 -11.98
CA CYS A 31 9.41 16.42 -12.85
C CYS A 31 8.17 16.66 -13.71
N LEU A 32 7.00 16.44 -13.13
CA LEU A 32 5.75 16.63 -13.84
C LEU A 32 4.69 17.24 -12.94
N SER A 33 3.63 17.77 -13.54
CA SER A 33 2.54 18.40 -12.77
C SER A 33 1.68 17.34 -12.10
N PRO A 34 0.93 17.75 -11.07
CA PRO A 34 0.04 16.85 -10.33
C PRO A 34 -1.16 16.41 -11.16
N SER A 35 -1.71 17.34 -11.93
CA SER A 35 -2.87 17.04 -12.77
C SER A 35 -2.51 16.05 -13.87
N ARG A 36 -1.38 16.29 -14.54
CA ARG A 36 -0.93 15.41 -15.61
C ARG A 36 -0.54 14.04 -15.06
N LEU A 37 0.19 14.04 -13.95
CA LEU A 37 0.62 12.79 -13.33
C LEU A 37 -0.57 12.01 -12.78
N SER A 38 -1.49 12.72 -12.12
CA SER A 38 -2.67 12.09 -11.55
C SER A 38 -3.50 11.41 -12.64
N HIS A 39 -3.59 12.06 -13.80
CA HIS A 39 -4.35 11.51 -14.92
C HIS A 39 -3.81 10.15 -15.34
N LEU A 40 -2.50 10.08 -15.52
CA LEU A 40 -1.86 8.82 -15.92
C LEU A 40 -1.86 7.82 -14.79
N PHE A 41 -1.78 8.32 -13.56
CA PHE A 41 -1.78 7.47 -12.37
C PHE A 41 -3.09 6.69 -12.26
N ARG A 42 -4.20 7.42 -12.35
CA ARG A 42 -5.53 6.80 -12.25
C ARG A 42 -5.79 5.89 -13.46
N GLN A 43 -5.15 6.21 -14.58
CA GLN A 43 -5.32 5.42 -15.80
C GLN A 43 -4.49 4.15 -15.74
N GLN A 44 -3.28 4.27 -15.21
CA GLN A 44 -2.38 3.12 -15.11
C GLN A 44 -2.73 2.26 -13.90
N LEU A 45 -3.07 2.91 -12.79
CA LEU A 45 -3.44 2.21 -11.57
C LEU A 45 -4.93 1.91 -11.53
N GLY A 46 -5.69 2.60 -12.38
CA GLY A 46 -7.13 2.40 -12.43
C GLY A 46 -7.82 2.91 -11.18
N ILE A 47 -7.07 3.56 -10.30
CA ILE A 47 -7.63 4.10 -9.07
C ILE A 47 -6.88 5.34 -8.62
N SER A 48 -7.36 5.96 -7.55
CA SER A 48 -6.73 7.17 -7.02
C SER A 48 -5.47 6.83 -6.24
N VAL A 49 -4.50 7.75 -6.26
CA VAL A 49 -3.24 7.54 -5.56
C VAL A 49 -3.48 7.22 -4.08
N LEU A 50 -4.47 7.88 -3.50
CA LEU A 50 -4.80 7.67 -2.09
C LEU A 50 -5.24 6.23 -1.85
N SER A 51 -6.02 5.68 -2.77
CA SER A 51 -6.50 4.31 -2.66
C SER A 51 -5.37 3.32 -2.93
N TRP A 52 -4.57 3.61 -3.95
CA TRP A 52 -3.45 2.74 -4.32
C TRP A 52 -2.49 2.59 -3.15
N ARG A 53 -2.23 3.69 -2.44
CA ARG A 53 -1.31 3.68 -1.32
C ARG A 53 -1.78 2.68 -0.25
N GLU A 54 -3.07 2.73 0.07
CA GLU A 54 -3.63 1.83 1.08
C GLU A 54 -3.58 0.38 0.59
N ASP A 55 -3.94 0.17 -0.67
CA ASP A 55 -3.94 -1.17 -1.25
C ASP A 55 -2.53 -1.75 -1.29
N GLN A 56 -1.55 -0.88 -1.57
CA GLN A 56 -0.16 -1.31 -1.64
C GLN A 56 0.30 -1.89 -0.31
N ARG A 57 -0.11 -1.25 0.78
CA ARG A 57 0.26 -1.70 2.11
C ARG A 57 -0.19 -3.14 2.34
N ILE A 58 -1.44 -3.43 1.99
CA ILE A 58 -2.00 -4.76 2.16
C ILE A 58 -1.23 -5.79 1.33
N SER A 59 -0.96 -5.43 0.08
CA SER A 59 -0.24 -6.33 -0.82
C SER A 59 1.17 -6.61 -0.29
N GLN A 60 1.79 -5.60 0.30
CA GLN A 60 3.13 -5.74 0.85
C GLN A 60 3.12 -6.60 2.11
N ALA A 61 2.08 -6.45 2.92
CA ALA A 61 1.94 -7.21 4.15
C ALA A 61 1.96 -8.70 3.88
N LYS A 62 1.37 -9.10 2.75
CA LYS A 62 1.33 -10.51 2.37
C LYS A 62 2.71 -11.01 1.97
N LEU A 63 3.45 -10.18 1.23
CA LEU A 63 4.79 -10.53 0.78
C LEU A 63 5.70 -10.84 1.97
N LEU A 64 5.69 -9.95 2.95
CA LEU A 64 6.51 -10.12 4.15
C LEU A 64 6.01 -11.30 4.99
N LEU A 65 4.70 -11.42 5.08
CA LEU A 65 4.09 -12.50 5.86
C LEU A 65 4.35 -13.85 5.21
N SER A 66 4.57 -13.84 3.88
CA SER A 66 4.83 -15.06 3.15
C SER A 66 6.32 -15.36 3.10
N THR A 67 7.13 -14.32 3.19
CA THR A 67 8.58 -14.47 3.15
C THR A 67 9.16 -14.56 4.56
N THR A 68 8.34 -14.22 5.56
CA THR A 68 8.77 -14.28 6.95
C THR A 68 7.74 -14.98 7.82
N ARG A 69 8.08 -15.19 9.09
CA ARG A 69 7.18 -15.85 10.02
C ARG A 69 6.86 -14.94 11.20
N MET A 70 7.08 -13.64 11.02
CA MET A 70 6.80 -12.67 12.06
C MET A 70 5.32 -12.65 12.42
N PRO A 71 5.01 -12.21 13.64
CA PRO A 71 3.64 -12.13 14.14
C PRO A 71 2.82 -11.06 13.43
N ILE A 72 1.50 -11.10 13.60
CA ILE A 72 0.62 -10.12 12.97
C ILE A 72 0.90 -8.72 13.49
N ALA A 73 1.34 -8.63 14.74
CA ALA A 73 1.65 -7.34 15.35
C ALA A 73 2.83 -6.67 14.66
N THR A 74 3.90 -7.45 14.44
CA THR A 74 5.10 -6.93 13.79
C THR A 74 4.80 -6.52 12.35
N VAL A 75 4.17 -7.43 11.60
CA VAL A 75 3.84 -7.16 10.21
C VAL A 75 2.92 -5.95 10.09
N GLY A 76 1.98 -5.83 11.01
CA GLY A 76 1.05 -4.72 10.99
C GLY A 76 1.76 -3.38 11.00
N ARG A 77 2.92 -3.32 11.66
CA ARG A 77 3.69 -2.09 11.74
C ARG A 77 4.31 -1.74 10.39
N ASN A 78 4.67 -2.77 9.62
CA ASN A 78 5.26 -2.57 8.31
C ASN A 78 4.28 -1.87 7.36
N VAL A 79 2.99 -2.14 7.56
CA VAL A 79 1.96 -1.54 6.73
C VAL A 79 1.47 -0.23 7.32
N GLY A 80 2.21 0.29 8.30
CA GLY A 80 1.83 1.54 8.94
C GLY A 80 0.64 1.37 9.86
N PHE A 81 0.47 0.18 10.42
CA PHE A 81 -0.63 -0.10 11.33
C PHE A 81 -0.12 -0.59 12.68
N ASP A 82 -0.41 0.18 13.72
CA ASP A 82 0.03 -0.17 15.07
C ASP A 82 -0.95 -1.14 15.71
N ASP A 83 -2.22 -1.03 15.34
CA ASP A 83 -3.26 -1.91 15.89
C ASP A 83 -3.32 -3.22 15.11
N GLN A 84 -3.06 -4.32 15.80
CA GLN A 84 -3.08 -5.64 15.17
C GLN A 84 -4.49 -5.97 14.68
N LEU A 85 -5.49 -5.63 15.47
CA LEU A 85 -6.88 -5.89 15.11
C LEU A 85 -7.31 -5.05 13.92
N TYR A 86 -6.82 -3.81 13.88
CA TYR A 86 -7.15 -2.90 12.80
C TYR A 86 -6.70 -3.46 11.45
N PHE A 87 -5.45 -3.92 11.39
CA PHE A 87 -4.89 -4.48 10.18
C PHE A 87 -5.69 -5.71 9.73
N SER A 88 -5.98 -6.59 10.68
CA SER A 88 -6.73 -7.80 10.39
C SER A 88 -8.15 -7.47 9.95
N ARG A 89 -8.73 -6.44 10.55
CA ARG A 89 -10.08 -6.03 10.23
C ARG A 89 -10.18 -5.54 8.78
N VAL A 90 -9.27 -4.63 8.42
CA VAL A 90 -9.25 -4.09 7.06
C VAL A 90 -8.77 -5.13 6.06
N PHE A 91 -7.76 -5.90 6.45
CA PHE A 91 -7.21 -6.94 5.60
C PHE A 91 -8.23 -8.05 5.35
N LYS A 92 -9.01 -8.35 6.38
CA LYS A 92 -10.03 -9.39 6.29
C LYS A 92 -11.00 -9.10 5.15
N LYS A 93 -11.39 -7.83 5.02
CA LYS A 93 -12.31 -7.43 3.98
C LYS A 93 -11.61 -7.37 2.62
N CYS A 94 -10.30 -7.15 2.65
CA CYS A 94 -9.52 -7.07 1.42
C CYS A 94 -9.69 -8.33 0.58
N THR A 95 -9.53 -9.50 1.21
CA THR A 95 -9.67 -10.77 0.52
C THR A 95 -10.95 -11.49 0.94
N GLY A 96 -11.60 -10.97 1.98
CA GLY A 96 -12.82 -11.57 2.47
C GLY A 96 -12.58 -12.51 3.63
N ALA A 97 -11.31 -12.76 3.94
CA ALA A 97 -10.95 -13.64 5.04
C ALA A 97 -9.79 -13.06 5.85
N SER A 98 -9.80 -13.33 7.15
CA SER A 98 -8.75 -12.84 8.04
C SER A 98 -7.40 -13.45 7.68
N PRO A 99 -6.32 -12.82 8.16
CA PRO A 99 -4.95 -13.28 7.90
C PRO A 99 -4.64 -14.57 8.64
N SER A 100 -5.24 -14.76 9.80
CA SER A 100 -5.02 -15.96 10.59
C SER A 100 -5.59 -17.20 9.89
N GLU A 101 -6.70 -17.01 9.19
CA GLU A 101 -7.36 -18.09 8.47
C GLU A 101 -6.57 -18.45 7.21
N PHE A 102 -6.21 -17.44 6.43
CA PHE A 102 -5.45 -17.65 5.20
C PHE A 102 -4.12 -18.34 5.49
N ARG A 103 -3.43 -17.89 6.52
CA ARG A 103 -2.14 -18.45 6.90
C ARG A 103 -2.30 -19.92 7.27
N ALA A 104 -3.42 -20.26 7.90
CA ALA A 104 -3.69 -21.64 8.31
C ALA A 104 -3.73 -22.56 7.10
N GLY A 105 -4.15 -22.03 5.96
CA GLY A 105 -4.24 -22.83 4.75
C GLY A 105 -5.57 -23.56 4.63
N CYS A 106 -6.36 -23.52 5.70
CA CYS A 106 -7.66 -24.19 5.70
C CYS A 106 -8.74 -23.25 5.20
N GLU A 107 -9.43 -23.67 4.13
CA GLU A 107 -10.50 -22.86 3.55
C GLU A 107 -11.86 -23.29 4.10
N MET A 1 3.87 0.07 -16.69
CA MET A 1 3.88 1.37 -16.04
C MET A 1 4.84 2.33 -16.74
N ASP A 2 4.49 3.60 -16.76
CA ASP A 2 5.31 4.62 -17.41
C ASP A 2 6.49 5.01 -16.51
N ASN A 3 7.61 5.32 -17.13
CA ASN A 3 8.81 5.71 -16.40
C ASN A 3 8.55 6.96 -15.56
N ARG A 4 7.91 7.95 -16.17
CA ARG A 4 7.60 9.20 -15.48
C ARG A 4 6.80 8.94 -14.20
N VAL A 5 5.76 8.14 -14.33
CA VAL A 5 4.91 7.80 -13.19
C VAL A 5 5.65 6.91 -12.20
N ARG A 6 6.45 5.99 -12.72
CA ARG A 6 7.22 5.08 -11.88
C ARG A 6 8.07 5.85 -10.88
N GLU A 7 8.56 7.02 -11.29
CA GLU A 7 9.39 7.85 -10.43
C GLU A 7 8.55 8.49 -9.32
N ALA A 8 7.30 8.80 -9.65
CA ALA A 8 6.39 9.42 -8.69
C ALA A 8 5.93 8.41 -7.64
N CYS A 9 5.51 7.23 -8.10
CA CYS A 9 5.05 6.18 -7.20
C CYS A 9 6.18 5.71 -6.28
N GLN A 10 7.41 5.77 -6.78
CA GLN A 10 8.56 5.35 -6.00
C GLN A 10 8.72 6.21 -4.75
N TYR A 11 8.39 7.49 -4.87
CA TYR A 11 8.49 8.41 -3.74
C TYR A 11 7.52 8.03 -2.64
N ILE A 12 6.36 7.54 -3.02
CA ILE A 12 5.34 7.13 -2.06
C ILE A 12 5.82 5.95 -1.22
N SER A 13 6.57 5.06 -1.85
CA SER A 13 7.09 3.87 -1.16
C SER A 13 7.96 4.28 0.03
N ASP A 14 8.81 5.28 -0.18
CA ASP A 14 9.69 5.76 0.88
C ASP A 14 8.89 6.28 2.06
N HIS A 15 7.67 6.73 1.79
CA HIS A 15 6.79 7.26 2.84
C HIS A 15 5.66 6.28 3.14
N LEU A 16 5.84 5.03 2.73
CA LEU A 16 4.84 4.00 2.97
C LEU A 16 4.54 3.85 4.45
N ALA A 17 5.51 4.21 5.29
CA ALA A 17 5.35 4.13 6.74
C ALA A 17 4.83 5.45 7.30
N ASP A 18 5.03 6.53 6.56
CA ASP A 18 4.58 7.85 6.98
C ASP A 18 3.07 7.90 7.12
N SER A 19 2.58 8.77 8.00
CA SER A 19 1.15 8.91 8.24
C SER A 19 0.56 10.03 7.38
N ASN A 20 1.23 11.18 7.38
CA ASN A 20 0.78 12.32 6.59
C ASN A 20 1.32 12.26 5.18
N PHE A 21 0.48 11.84 4.24
CA PHE A 21 0.88 11.73 2.84
C PHE A 21 0.33 12.90 2.03
N ASP A 22 1.18 13.51 1.22
CA ASP A 22 0.78 14.63 0.39
C ASP A 22 0.90 14.28 -1.10
N ILE A 23 -0.22 14.42 -1.82
CA ILE A 23 -0.25 14.12 -3.24
C ILE A 23 0.57 15.13 -4.03
N ALA A 24 0.65 16.36 -3.51
CA ALA A 24 1.41 17.41 -4.17
C ALA A 24 2.88 17.04 -4.32
N SER A 25 3.43 16.41 -3.28
CA SER A 25 4.83 16.00 -3.29
C SER A 25 5.08 14.98 -4.39
N VAL A 26 4.05 14.20 -4.72
CA VAL A 26 4.16 13.18 -5.76
C VAL A 26 4.27 13.81 -7.14
N ALA A 27 3.39 14.77 -7.42
CA ALA A 27 3.37 15.46 -8.70
C ALA A 27 4.62 16.31 -8.87
N GLN A 28 4.92 17.12 -7.86
CA GLN A 28 6.08 18.01 -7.91
C GLN A 28 7.37 17.20 -8.03
N HIS A 29 7.39 16.03 -7.39
CA HIS A 29 8.56 15.16 -7.43
C HIS A 29 8.93 14.81 -8.87
N VAL A 30 7.90 14.67 -9.71
CA VAL A 30 8.12 14.32 -11.11
C VAL A 30 8.01 15.56 -12.00
N CYS A 31 8.19 16.73 -11.40
CA CYS A 31 8.11 17.99 -12.14
C CYS A 31 6.81 18.06 -12.94
N LEU A 32 5.72 17.61 -12.34
CA LEU A 32 4.42 17.63 -13.00
C LEU A 32 3.31 18.03 -12.02
N SER A 33 2.16 18.39 -12.57
CA SER A 33 1.01 18.79 -11.75
C SER A 33 0.29 17.56 -11.21
N PRO A 34 -0.47 17.76 -10.12
CA PRO A 34 -1.24 16.69 -9.48
C PRO A 34 -2.41 16.23 -10.33
N SER A 35 -3.07 17.18 -10.99
CA SER A 35 -4.21 16.86 -11.84
C SER A 35 -3.78 16.05 -13.05
N ARG A 36 -2.71 16.50 -13.71
CA ARG A 36 -2.20 15.81 -14.89
C ARG A 36 -1.57 14.48 -14.51
N LEU A 37 -0.84 14.46 -13.39
CA LEU A 37 -0.19 13.25 -12.91
C LEU A 37 -1.22 12.22 -12.46
N SER A 38 -2.21 12.68 -11.71
CA SER A 38 -3.26 11.79 -11.21
C SER A 38 -4.00 11.11 -12.36
N HIS A 39 -4.26 11.87 -13.41
CA HIS A 39 -4.96 11.35 -14.59
C HIS A 39 -4.19 10.18 -15.19
N LEU A 40 -2.89 10.36 -15.40
CA LEU A 40 -2.05 9.32 -15.97
C LEU A 40 -1.82 8.19 -14.97
N PHE A 41 -1.80 8.54 -13.69
CA PHE A 41 -1.60 7.56 -12.63
C PHE A 41 -2.70 6.51 -12.64
N ARG A 42 -3.95 6.97 -12.63
CA ARG A 42 -5.09 6.07 -12.63
C ARG A 42 -5.19 5.32 -13.97
N GLN A 43 -4.67 5.94 -15.02
CA GLN A 43 -4.70 5.33 -16.35
C GLN A 43 -3.63 4.25 -16.48
N GLN A 44 -2.46 4.51 -15.90
CA GLN A 44 -1.36 3.55 -15.96
C GLN A 44 -1.51 2.48 -14.90
N LEU A 45 -1.94 2.88 -13.71
CA LEU A 45 -2.14 1.95 -12.61
C LEU A 45 -3.55 1.37 -12.62
N GLY A 46 -4.43 1.99 -13.39
CA GLY A 46 -5.80 1.52 -13.49
C GLY A 46 -6.55 1.67 -12.18
N ILE A 47 -5.95 2.35 -11.22
CA ILE A 47 -6.57 2.56 -9.91
C ILE A 47 -6.13 3.88 -9.30
N SER A 48 -6.76 4.25 -8.18
CA SER A 48 -6.44 5.50 -7.51
C SER A 48 -5.14 5.36 -6.72
N VAL A 49 -4.39 6.45 -6.64
CA VAL A 49 -3.13 6.46 -5.91
C VAL A 49 -3.31 5.99 -4.48
N LEU A 50 -4.37 6.47 -3.83
CA LEU A 50 -4.66 6.08 -2.46
C LEU A 50 -4.93 4.59 -2.36
N SER A 51 -5.52 4.02 -3.40
CA SER A 51 -5.83 2.60 -3.43
C SER A 51 -4.57 1.77 -3.61
N TRP A 52 -3.71 2.19 -4.53
CA TRP A 52 -2.46 1.49 -4.79
C TRP A 52 -1.60 1.40 -3.54
N ARG A 53 -1.57 2.50 -2.78
CA ARG A 53 -0.79 2.54 -1.54
C ARG A 53 -1.26 1.49 -0.55
N GLU A 54 -2.58 1.41 -0.36
CA GLU A 54 -3.16 0.45 0.56
C GLU A 54 -2.92 -0.98 0.07
N ASP A 55 -3.20 -1.21 -1.21
CA ASP A 55 -3.02 -2.53 -1.81
C ASP A 55 -1.60 -3.03 -1.60
N GLN A 56 -0.63 -2.12 -1.69
CA GLN A 56 0.77 -2.48 -1.51
C GLN A 56 1.05 -2.92 -0.09
N ARG A 57 0.41 -2.26 0.87
CA ARG A 57 0.59 -2.59 2.28
C ARG A 57 0.21 -4.04 2.55
N ILE A 58 -0.95 -4.46 2.02
CA ILE A 58 -1.42 -5.83 2.20
C ILE A 58 -0.61 -6.81 1.36
N SER A 59 -0.27 -6.40 0.14
CA SER A 59 0.50 -7.24 -0.76
C SER A 59 1.87 -7.57 -0.16
N GLN A 60 2.48 -6.58 0.46
CA GLN A 60 3.80 -6.77 1.08
C GLN A 60 3.68 -7.63 2.34
N ALA A 61 2.61 -7.43 3.09
CA ALA A 61 2.40 -8.19 4.32
C ALA A 61 2.13 -9.66 4.01
N LYS A 62 1.43 -9.92 2.91
CA LYS A 62 1.11 -11.28 2.50
C LYS A 62 2.37 -12.00 2.00
N LEU A 63 3.26 -11.25 1.38
CA LEU A 63 4.50 -11.82 0.85
C LEU A 63 5.41 -12.28 1.98
N LEU A 64 5.63 -11.40 2.95
CA LEU A 64 6.49 -11.71 4.09
C LEU A 64 5.83 -12.75 4.99
N LEU A 65 4.51 -12.65 5.15
CA LEU A 65 3.76 -13.58 5.98
C LEU A 65 3.81 -14.99 5.40
N SER A 66 3.94 -15.08 4.08
CA SER A 66 4.00 -16.37 3.41
C SER A 66 5.32 -17.09 3.71
N THR A 67 6.29 -16.33 4.22
CA THR A 67 7.59 -16.89 4.56
C THR A 67 7.94 -16.65 6.03
N THR A 68 7.01 -16.03 6.75
CA THR A 68 7.21 -15.75 8.16
C THR A 68 5.97 -16.14 8.98
N ARG A 69 6.16 -16.28 10.28
CA ARG A 69 5.08 -16.65 11.17
C ARG A 69 4.89 -15.61 12.28
N MET A 70 5.44 -14.42 12.05
CA MET A 70 5.33 -13.33 13.01
C MET A 70 3.87 -12.90 13.20
N PRO A 71 3.59 -12.29 14.36
CA PRO A 71 2.23 -11.84 14.69
C PRO A 71 1.80 -10.64 13.84
N ILE A 72 0.49 -10.48 13.69
CA ILE A 72 -0.06 -9.38 12.90
C ILE A 72 0.53 -8.05 13.33
N ALA A 73 0.85 -7.94 14.62
CA ALA A 73 1.42 -6.72 15.17
C ALA A 73 2.82 -6.47 14.61
N THR A 74 3.65 -7.51 14.62
CA THR A 74 5.02 -7.40 14.12
C THR A 74 5.03 -7.14 12.61
N VAL A 75 4.14 -7.82 11.90
CA VAL A 75 4.06 -7.66 10.45
C VAL A 75 3.55 -6.27 10.08
N GLY A 76 2.53 -5.80 10.79
CA GLY A 76 1.97 -4.49 10.52
C GLY A 76 3.01 -3.39 10.61
N ARG A 77 3.85 -3.45 11.64
CA ARG A 77 4.90 -2.45 11.83
C ARG A 77 5.81 -2.38 10.61
N ASN A 78 6.04 -3.52 9.98
CA ASN A 78 6.89 -3.59 8.80
C ASN A 78 6.24 -2.89 7.62
N VAL A 79 4.93 -2.65 7.72
CA VAL A 79 4.19 -1.99 6.66
C VAL A 79 3.81 -0.57 7.06
N GLY A 80 4.17 -0.18 8.27
CA GLY A 80 3.86 1.15 8.75
C GLY A 80 2.56 1.20 9.52
N PHE A 81 2.21 0.08 10.15
CA PHE A 81 0.98 0.00 10.93
C PHE A 81 1.28 0.01 12.43
N ASP A 82 0.80 1.04 13.12
CA ASP A 82 1.02 1.17 14.56
C ASP A 82 0.06 0.27 15.34
N ASP A 83 -1.13 0.07 14.78
CA ASP A 83 -2.14 -0.77 15.43
C ASP A 83 -2.37 -2.05 14.63
N GLN A 84 -2.10 -3.19 15.27
CA GLN A 84 -2.27 -4.48 14.62
C GLN A 84 -3.73 -4.72 14.27
N LEU A 85 -4.63 -4.19 15.09
CA LEU A 85 -6.06 -4.35 14.86
C LEU A 85 -6.49 -3.62 13.59
N TYR A 86 -5.90 -2.46 13.35
CA TYR A 86 -6.23 -1.67 12.17
C TYR A 86 -5.95 -2.45 10.89
N PHE A 87 -4.76 -3.05 10.82
CA PHE A 87 -4.37 -3.83 9.65
C PHE A 87 -5.42 -4.90 9.34
N SER A 88 -6.02 -5.46 10.39
CA SER A 88 -7.03 -6.50 10.24
C SER A 88 -8.27 -5.94 9.55
N ARG A 89 -8.63 -4.70 9.89
CA ARG A 89 -9.79 -4.05 9.30
C ARG A 89 -9.63 -3.89 7.79
N VAL A 90 -8.50 -3.33 7.38
CA VAL A 90 -8.23 -3.11 5.96
C VAL A 90 -7.96 -4.44 5.25
N PHE A 91 -7.14 -5.29 5.87
CA PHE A 91 -6.82 -6.58 5.30
C PHE A 91 -8.06 -7.45 5.13
N LYS A 92 -8.98 -7.33 6.09
CA LYS A 92 -10.23 -8.09 6.06
C LYS A 92 -11.00 -7.81 4.77
N LYS A 93 -11.15 -6.54 4.45
CA LYS A 93 -11.87 -6.13 3.24
C LYS A 93 -11.02 -6.35 1.99
N CYS A 94 -9.70 -6.36 2.18
CA CYS A 94 -8.78 -6.56 1.07
C CYS A 94 -9.09 -7.85 0.34
N THR A 95 -9.22 -8.95 1.09
CA THR A 95 -9.50 -10.25 0.51
C THR A 95 -10.90 -10.72 0.89
N GLY A 96 -11.54 -9.99 1.81
CA GLY A 96 -12.87 -10.35 2.23
C GLY A 96 -12.88 -11.18 3.51
N ALA A 97 -11.69 -11.57 3.96
CA ALA A 97 -11.55 -12.37 5.16
C ALA A 97 -10.38 -11.87 6.02
N SER A 98 -10.46 -12.15 7.32
CA SER A 98 -9.41 -11.72 8.25
C SER A 98 -8.09 -12.43 7.93
N PRO A 99 -6.99 -11.88 8.47
CA PRO A 99 -5.66 -12.45 8.26
C PRO A 99 -5.47 -13.77 8.99
N SER A 100 -6.17 -13.94 10.10
CA SER A 100 -6.08 -15.16 10.89
C SER A 100 -6.66 -16.34 10.12
N GLU A 101 -7.69 -16.09 9.32
CA GLU A 101 -8.34 -17.12 8.54
C GLU A 101 -7.45 -17.57 7.38
N PHE A 102 -6.92 -16.59 6.65
CA PHE A 102 -6.05 -16.88 5.51
C PHE A 102 -4.79 -17.61 5.96
N ARG A 103 -4.21 -17.15 7.05
CA ARG A 103 -3.00 -17.77 7.59
C ARG A 103 -3.24 -19.24 7.93
N ALA A 104 -4.45 -19.55 8.35
CA ALA A 104 -4.81 -20.92 8.70
C ALA A 104 -4.75 -21.83 7.47
N GLY A 105 -5.07 -21.28 6.31
CA GLY A 105 -5.05 -22.06 5.09
C GLY A 105 -6.37 -22.74 4.81
N CYS A 106 -7.27 -22.69 5.78
CA CYS A 106 -8.58 -23.32 5.63
C CYS A 106 -9.47 -22.49 4.70
N GLU A 107 -10.09 -23.17 3.73
CA GLU A 107 -10.97 -22.51 2.78
C GLU A 107 -10.23 -21.38 2.07
N MET A 1 2.98 0.15 -16.27
CA MET A 1 2.59 1.55 -16.29
C MET A 1 3.62 2.40 -17.03
N ASP A 2 3.46 3.71 -16.98
CA ASP A 2 4.37 4.62 -17.64
C ASP A 2 5.65 4.81 -16.82
N ASN A 3 6.76 5.03 -17.51
CA ASN A 3 8.05 5.21 -16.85
C ASN A 3 7.97 6.35 -15.82
N ARG A 4 7.33 7.44 -16.20
CA ARG A 4 7.18 8.60 -15.33
C ARG A 4 6.41 8.22 -14.07
N VAL A 5 5.30 7.50 -14.26
CA VAL A 5 4.46 7.08 -13.15
C VAL A 5 5.18 6.07 -12.26
N ARG A 6 5.92 5.17 -12.89
CA ARG A 6 6.67 4.16 -12.16
C ARG A 6 7.58 4.79 -11.12
N GLU A 7 8.13 5.95 -11.44
CA GLU A 7 9.02 6.67 -10.53
C GLU A 7 8.27 7.09 -9.27
N ALA A 8 7.02 7.48 -9.43
CA ALA A 8 6.19 7.90 -8.30
C ALA A 8 6.01 6.77 -7.29
N CYS A 9 5.81 5.56 -7.81
CA CYS A 9 5.62 4.39 -6.96
C CYS A 9 6.83 4.17 -6.05
N GLN A 10 8.01 4.46 -6.58
CA GLN A 10 9.26 4.29 -5.83
C GLN A 10 9.28 5.21 -4.61
N TYR A 11 8.88 6.46 -4.81
CA TYR A 11 8.85 7.44 -3.73
C TYR A 11 7.78 7.10 -2.71
N ILE A 12 6.58 6.78 -3.20
CA ILE A 12 5.47 6.43 -2.33
C ILE A 12 5.78 5.19 -1.50
N SER A 13 6.49 4.26 -2.10
CA SER A 13 6.87 3.01 -1.41
C SER A 13 7.67 3.31 -0.16
N ASP A 14 8.63 4.22 -0.27
CA ASP A 14 9.47 4.59 0.86
C ASP A 14 8.67 5.33 1.91
N HIS A 15 7.65 6.06 1.47
CA HIS A 15 6.80 6.82 2.38
C HIS A 15 5.56 6.01 2.77
N LEU A 16 5.62 4.70 2.54
CA LEU A 16 4.51 3.81 2.87
C LEU A 16 4.26 3.77 4.37
N ALA A 17 5.32 4.01 5.15
CA ALA A 17 5.21 4.00 6.61
C ALA A 17 4.95 5.40 7.14
N ASP A 18 5.27 6.41 6.34
CA ASP A 18 5.06 7.79 6.74
C ASP A 18 3.58 8.08 6.98
N SER A 19 3.28 8.77 8.07
CA SER A 19 1.90 9.10 8.41
C SER A 19 1.40 10.26 7.56
N ASN A 20 2.16 11.34 7.52
CA ASN A 20 1.79 12.52 6.75
C ASN A 20 2.30 12.41 5.31
N PHE A 21 1.44 11.90 4.42
CA PHE A 21 1.80 11.75 3.02
C PHE A 21 1.68 13.08 2.27
N ASP A 22 2.67 13.36 1.43
CA ASP A 22 2.69 14.60 0.66
C ASP A 22 2.60 14.30 -0.84
N ILE A 23 1.39 14.39 -1.38
CA ILE A 23 1.17 14.13 -2.80
C ILE A 23 2.02 15.06 -3.66
N ALA A 24 2.31 16.25 -3.15
CA ALA A 24 3.12 17.22 -3.86
C ALA A 24 4.51 16.68 -4.13
N SER A 25 5.09 16.03 -3.13
CA SER A 25 6.44 15.46 -3.25
C SER A 25 6.48 14.39 -4.33
N VAL A 26 5.40 13.62 -4.44
CA VAL A 26 5.31 12.56 -5.44
C VAL A 26 5.37 13.14 -6.86
N ALA A 27 4.59 14.19 -7.09
CA ALA A 27 4.55 14.83 -8.40
C ALA A 27 5.87 15.51 -8.72
N GLN A 28 6.42 16.24 -7.75
CA GLN A 28 7.67 16.94 -7.93
C GLN A 28 8.81 15.95 -8.23
N HIS A 29 8.76 14.80 -7.58
CA HIS A 29 9.77 13.77 -7.78
C HIS A 29 9.86 13.35 -9.24
N VAL A 30 8.72 13.35 -9.92
CA VAL A 30 8.65 12.98 -11.33
C VAL A 30 8.63 14.21 -12.22
N CYS A 31 9.07 15.34 -11.67
CA CYS A 31 9.09 16.59 -12.42
C CYS A 31 7.74 16.87 -13.07
N LEU A 32 6.67 16.52 -12.36
CA LEU A 32 5.32 16.74 -12.85
C LEU A 32 4.42 17.31 -11.76
N SER A 33 3.28 17.83 -12.17
CA SER A 33 2.32 18.43 -11.24
C SER A 33 1.44 17.34 -10.61
N PRO A 34 0.84 17.67 -9.46
CA PRO A 34 -0.05 16.74 -8.74
C PRO A 34 -1.36 16.49 -9.48
N SER A 35 -1.90 17.56 -10.07
CA SER A 35 -3.15 17.46 -10.81
C SER A 35 -2.99 16.61 -12.07
N ARG A 36 -1.89 16.84 -12.78
CA ARG A 36 -1.61 16.10 -14.01
C ARG A 36 -1.21 14.66 -13.70
N LEU A 37 -0.35 14.50 -12.70
CA LEU A 37 0.11 13.17 -12.29
C LEU A 37 -1.05 12.30 -11.84
N SER A 38 -1.94 12.88 -11.03
CA SER A 38 -3.11 12.15 -10.53
C SER A 38 -3.99 11.67 -11.68
N HIS A 39 -4.14 12.52 -12.70
CA HIS A 39 -4.95 12.18 -13.85
C HIS A 39 -4.41 10.93 -14.55
N LEU A 40 -3.11 10.91 -14.80
CA LEU A 40 -2.48 9.78 -15.45
C LEU A 40 -2.43 8.56 -14.53
N PHE A 41 -2.31 8.82 -13.23
CA PHE A 41 -2.26 7.75 -12.24
C PHE A 41 -3.57 6.97 -12.21
N ARG A 42 -4.68 7.67 -12.43
CA ARG A 42 -5.98 7.05 -12.44
C ARG A 42 -6.09 6.01 -13.55
N GLN A 43 -5.67 6.39 -14.74
CA GLN A 43 -5.71 5.49 -15.90
C GLN A 43 -4.56 4.51 -15.87
N GLN A 44 -3.42 4.96 -15.35
CA GLN A 44 -2.23 4.11 -15.27
C GLN A 44 -2.41 3.01 -14.24
N LEU A 45 -3.03 3.37 -13.11
CA LEU A 45 -3.27 2.40 -12.04
C LEU A 45 -4.70 1.91 -12.07
N GLY A 46 -5.54 2.54 -12.89
CA GLY A 46 -6.93 2.15 -12.99
C GLY A 46 -7.73 2.55 -11.78
N ILE A 47 -7.08 3.21 -10.82
CA ILE A 47 -7.75 3.65 -9.60
C ILE A 47 -7.10 4.91 -9.04
N SER A 48 -7.65 5.43 -7.96
CA SER A 48 -7.13 6.64 -7.32
C SER A 48 -5.86 6.33 -6.54
N VAL A 49 -4.92 7.27 -6.54
CA VAL A 49 -3.66 7.10 -5.83
C VAL A 49 -3.90 6.74 -4.37
N LEU A 50 -4.95 7.31 -3.79
CA LEU A 50 -5.30 7.04 -2.40
C LEU A 50 -5.63 5.56 -2.19
N SER A 51 -6.41 5.00 -3.10
CA SER A 51 -6.80 3.59 -3.02
C SER A 51 -5.63 2.69 -3.38
N TRP A 52 -4.86 3.09 -4.37
CA TRP A 52 -3.70 2.31 -4.81
C TRP A 52 -2.72 2.11 -3.67
N ARG A 53 -2.52 3.15 -2.87
CA ARG A 53 -1.60 3.08 -1.73
C ARG A 53 -2.01 1.97 -0.77
N GLU A 54 -3.30 1.90 -0.46
CA GLU A 54 -3.82 0.87 0.44
C GLU A 54 -3.66 -0.52 -0.16
N ASP A 55 -3.96 -0.63 -1.45
CA ASP A 55 -3.85 -1.91 -2.15
C ASP A 55 -2.44 -2.46 -2.06
N GLN A 56 -1.45 -1.59 -2.25
CA GLN A 56 -0.06 -2.00 -2.19
C GLN A 56 0.33 -2.44 -0.78
N ARG A 57 -0.26 -1.79 0.21
CA ARG A 57 0.02 -2.11 1.61
C ARG A 57 -0.39 -3.55 1.93
N ILE A 58 -1.60 -3.92 1.50
CA ILE A 58 -2.11 -5.26 1.74
C ILE A 58 -1.29 -6.30 0.98
N SER A 59 -1.01 -6.01 -0.28
CA SER A 59 -0.24 -6.93 -1.12
C SER A 59 1.18 -7.11 -0.57
N GLN A 60 1.74 -6.01 -0.05
CA GLN A 60 3.10 -6.05 0.51
C GLN A 60 3.12 -6.82 1.83
N ALA A 61 2.07 -6.64 2.63
CA ALA A 61 1.98 -7.31 3.92
C ALA A 61 2.07 -8.83 3.75
N LYS A 62 1.48 -9.34 2.68
CA LYS A 62 1.49 -10.78 2.40
C LYS A 62 2.91 -11.27 2.17
N LEU A 63 3.70 -10.46 1.47
CA LEU A 63 5.10 -10.81 1.18
C LEU A 63 5.91 -10.92 2.47
N LEU A 64 5.73 -9.93 3.35
CA LEU A 64 6.45 -9.91 4.62
C LEU A 64 5.95 -11.01 5.55
N LEU A 65 4.63 -11.16 5.62
CA LEU A 65 4.03 -12.18 6.47
C LEU A 65 4.34 -13.58 5.97
N SER A 66 4.62 -13.68 4.66
CA SER A 66 4.93 -14.97 4.05
C SER A 66 6.44 -15.21 4.08
N THR A 67 7.21 -14.14 4.10
CA THR A 67 8.67 -14.25 4.13
C THR A 67 9.20 -14.18 5.55
N THR A 68 8.33 -13.80 6.49
CA THR A 68 8.72 -13.70 7.89
C THR A 68 7.68 -14.36 8.78
N ARG A 69 8.00 -14.44 10.08
CA ARG A 69 7.10 -15.05 11.04
C ARG A 69 6.69 -14.05 12.12
N MET A 70 6.87 -12.77 11.82
CA MET A 70 6.51 -11.72 12.76
C MET A 70 5.01 -11.70 13.02
N PRO A 71 4.61 -11.15 14.18
CA PRO A 71 3.20 -11.07 14.58
C PRO A 71 2.43 -10.05 13.74
N ILE A 72 1.11 -10.10 13.83
CA ILE A 72 0.26 -9.19 13.08
C ILE A 72 0.51 -7.75 13.48
N ALA A 73 0.88 -7.54 14.74
CA ALA A 73 1.15 -6.21 15.26
C ALA A 73 2.37 -5.60 14.57
N THR A 74 3.44 -6.37 14.47
CA THR A 74 4.67 -5.91 13.84
C THR A 74 4.46 -5.66 12.35
N VAL A 75 3.89 -6.64 11.66
CA VAL A 75 3.64 -6.52 10.24
C VAL A 75 2.76 -5.31 9.93
N GLY A 76 1.77 -5.07 10.78
CA GLY A 76 0.89 -3.94 10.58
C GLY A 76 1.64 -2.63 10.48
N ARG A 77 2.75 -2.53 11.20
CA ARG A 77 3.56 -1.32 11.19
C ARG A 77 4.25 -1.13 9.84
N ASN A 78 4.63 -2.24 9.22
CA ASN A 78 5.30 -2.21 7.92
C ASN A 78 4.40 -1.61 6.86
N VAL A 79 3.10 -1.82 7.00
CA VAL A 79 2.12 -1.29 6.05
C VAL A 79 1.64 0.10 6.46
N GLY A 80 2.33 0.69 7.43
CA GLY A 80 1.96 2.02 7.91
C GLY A 80 0.72 2.00 8.78
N PHE A 81 0.49 0.87 9.46
CA PHE A 81 -0.67 0.73 10.33
C PHE A 81 -0.23 0.38 11.75
N ASP A 82 -0.54 1.27 12.69
CA ASP A 82 -0.19 1.06 14.09
C ASP A 82 -1.19 0.11 14.76
N ASP A 83 -2.43 0.15 14.30
CA ASP A 83 -3.48 -0.69 14.86
C ASP A 83 -3.54 -2.03 14.13
N GLN A 84 -3.30 -3.11 14.86
CA GLN A 84 -3.32 -4.45 14.29
C GLN A 84 -4.71 -4.79 13.76
N LEU A 85 -5.74 -4.40 14.51
CA LEU A 85 -7.11 -4.66 14.10
C LEU A 85 -7.45 -3.94 12.81
N TYR A 86 -6.85 -2.76 12.61
CA TYR A 86 -7.09 -1.97 11.41
C TYR A 86 -6.69 -2.74 10.16
N PHE A 87 -5.51 -3.34 10.19
CA PHE A 87 -5.00 -4.10 9.06
C PHE A 87 -5.83 -5.37 8.85
N SER A 88 -6.22 -6.01 9.95
CA SER A 88 -7.01 -7.22 9.89
C SER A 88 -8.39 -6.95 9.31
N ARG A 89 -8.94 -5.78 9.65
CA ARG A 89 -10.26 -5.39 9.16
C ARG A 89 -10.27 -5.24 7.65
N VAL A 90 -9.30 -4.46 7.13
CA VAL A 90 -9.19 -4.23 5.70
C VAL A 90 -8.72 -5.50 4.97
N PHE A 91 -7.77 -6.20 5.58
CA PHE A 91 -7.24 -7.43 5.00
C PHE A 91 -8.30 -8.51 4.95
N LYS A 92 -9.14 -8.55 5.98
CA LYS A 92 -10.21 -9.54 6.06
C LYS A 92 -11.12 -9.47 4.84
N LYS A 93 -11.51 -8.25 4.47
CA LYS A 93 -12.39 -8.04 3.31
C LYS A 93 -11.61 -8.19 2.02
N CYS A 94 -10.29 -7.98 2.09
CA CYS A 94 -9.44 -8.10 0.91
C CYS A 94 -9.59 -9.47 0.26
N THR A 95 -9.48 -10.51 1.07
CA THR A 95 -9.60 -11.88 0.57
C THR A 95 -10.87 -12.54 1.09
N GLY A 96 -11.56 -11.87 2.02
CA GLY A 96 -12.77 -12.42 2.58
C GLY A 96 -12.55 -13.14 3.88
N ALA A 97 -11.28 -13.32 4.25
CA ALA A 97 -10.93 -14.00 5.49
C ALA A 97 -9.79 -13.29 6.20
N SER A 98 -9.74 -13.45 7.52
CA SER A 98 -8.70 -12.82 8.33
C SER A 98 -7.32 -13.35 7.96
N PRO A 99 -6.28 -12.61 8.37
CA PRO A 99 -4.89 -12.99 8.09
C PRO A 99 -4.45 -14.22 8.88
N SER A 100 -5.04 -14.40 10.05
CA SER A 100 -4.71 -15.53 10.91
C SER A 100 -5.17 -16.84 10.28
N GLU A 101 -6.29 -16.78 9.57
CA GLU A 101 -6.84 -17.97 8.90
C GLU A 101 -5.98 -18.37 7.71
N PHE A 102 -5.65 -17.40 6.87
CA PHE A 102 -4.83 -17.65 5.69
C PHE A 102 -3.49 -18.25 6.07
N ARG A 103 -2.93 -17.78 7.19
CA ARG A 103 -1.65 -18.28 7.67
C ARG A 103 -1.76 -19.72 8.13
N ALA A 104 -2.91 -20.07 8.70
CA ALA A 104 -3.14 -21.42 9.19
C ALA A 104 -3.15 -22.43 8.04
N GLY A 105 -3.64 -22.00 6.88
CA GLY A 105 -3.70 -22.86 5.73
C GLY A 105 -4.96 -23.70 5.69
N CYS A 106 -5.92 -23.36 6.54
CA CYS A 106 -7.18 -24.09 6.61
C CYS A 106 -8.05 -23.78 5.39
N GLU A 107 -8.43 -24.83 4.67
CA GLU A 107 -9.26 -24.67 3.48
C GLU A 107 -10.64 -25.26 3.70
N MET A 1 2.93 1.15 -17.44
CA MET A 1 3.64 1.96 -16.46
C MET A 1 4.55 2.98 -17.16
N ASP A 2 4.24 4.26 -16.98
CA ASP A 2 5.03 5.32 -17.60
C ASP A 2 6.26 5.63 -16.76
N ASN A 3 7.33 6.05 -17.43
CA ASN A 3 8.58 6.37 -16.75
C ASN A 3 8.35 7.46 -15.70
N ARG A 4 7.61 8.50 -16.07
CA ARG A 4 7.33 9.59 -15.15
C ARG A 4 6.57 9.10 -13.93
N VAL A 5 5.56 8.27 -14.16
CA VAL A 5 4.76 7.72 -13.07
C VAL A 5 5.59 6.77 -12.20
N ARG A 6 6.46 5.99 -12.84
CA ARG A 6 7.30 5.05 -12.13
C ARG A 6 8.10 5.76 -11.04
N GLU A 7 8.50 6.99 -11.30
CA GLU A 7 9.27 7.77 -10.35
C GLU A 7 8.40 8.22 -9.18
N ALA A 8 7.13 8.47 -9.46
CA ALA A 8 6.19 8.91 -8.43
C ALA A 8 5.85 7.76 -7.47
N CYS A 9 5.54 6.60 -8.05
CA CYS A 9 5.20 5.42 -7.25
C CYS A 9 6.40 4.95 -6.44
N GLN A 10 7.60 5.15 -6.99
CA GLN A 10 8.82 4.74 -6.32
C GLN A 10 9.02 5.51 -5.01
N TYR A 11 8.73 6.81 -5.05
CA TYR A 11 8.87 7.65 -3.88
C TYR A 11 7.82 7.32 -2.83
N ILE A 12 6.59 7.13 -3.28
CA ILE A 12 5.48 6.81 -2.38
C ILE A 12 5.72 5.47 -1.69
N SER A 13 6.28 4.52 -2.43
CA SER A 13 6.56 3.19 -1.89
C SER A 13 7.56 3.27 -0.75
N ASP A 14 8.61 4.05 -0.94
CA ASP A 14 9.64 4.22 0.07
C ASP A 14 9.05 4.80 1.36
N HIS A 15 8.10 5.71 1.21
CA HIS A 15 7.46 6.33 2.36
C HIS A 15 6.13 5.65 2.68
N LEU A 16 5.97 4.43 2.17
CA LEU A 16 4.75 3.67 2.40
C LEU A 16 4.50 3.49 3.90
N ALA A 17 5.58 3.52 4.68
CA ALA A 17 5.47 3.37 6.13
C ALA A 17 5.13 4.69 6.80
N ASP A 18 5.41 5.78 6.11
CA ASP A 18 5.14 7.12 6.64
C ASP A 18 3.64 7.34 6.82
N SER A 19 3.28 8.21 7.75
CA SER A 19 1.88 8.51 8.02
C SER A 19 1.42 9.73 7.24
N ASN A 20 2.17 10.81 7.34
CA ASN A 20 1.84 12.05 6.64
C ASN A 20 2.30 11.98 5.19
N PHE A 21 1.34 11.87 4.28
CA PHE A 21 1.64 11.79 2.85
C PHE A 21 1.17 13.06 2.14
N ASP A 22 2.04 13.62 1.31
CA ASP A 22 1.73 14.83 0.56
C ASP A 22 1.73 14.56 -0.93
N ILE A 23 0.53 14.47 -1.51
CA ILE A 23 0.40 14.20 -2.94
C ILE A 23 1.12 15.27 -3.76
N ALA A 24 1.20 16.48 -3.22
CA ALA A 24 1.86 17.58 -3.90
C ALA A 24 3.33 17.28 -4.12
N SER A 25 3.97 16.70 -3.11
CA SER A 25 5.40 16.36 -3.20
C SER A 25 5.64 15.33 -4.29
N VAL A 26 4.69 14.42 -4.46
CA VAL A 26 4.80 13.37 -5.47
C VAL A 26 4.74 13.97 -6.88
N ALA A 27 3.80 14.88 -7.08
CA ALA A 27 3.65 15.52 -8.39
C ALA A 27 4.85 16.40 -8.71
N GLN A 28 5.32 17.17 -7.73
CA GLN A 28 6.45 18.05 -7.91
C GLN A 28 7.71 17.25 -8.26
N HIS A 29 7.85 16.08 -7.64
CA HIS A 29 9.01 15.22 -7.88
C HIS A 29 9.12 14.86 -9.36
N VAL A 30 7.96 14.70 -10.01
CA VAL A 30 7.93 14.35 -11.43
C VAL A 30 7.75 15.60 -12.29
N CYS A 31 8.00 16.77 -11.71
CA CYS A 31 7.86 18.02 -12.42
C CYS A 31 6.49 18.12 -13.10
N LEU A 32 5.47 17.63 -12.41
CA LEU A 32 4.10 17.67 -12.94
C LEU A 32 3.09 17.99 -11.84
N SER A 33 1.89 18.37 -12.25
CA SER A 33 0.84 18.72 -11.31
C SER A 33 0.12 17.47 -10.81
N PRO A 34 -0.57 17.59 -9.67
CA PRO A 34 -1.32 16.48 -9.06
C PRO A 34 -2.55 16.11 -9.88
N SER A 35 -3.20 17.11 -10.46
CA SER A 35 -4.40 16.89 -11.25
C SER A 35 -4.06 16.12 -12.54
N ARG A 36 -3.01 16.56 -13.22
CA ARG A 36 -2.58 15.92 -14.46
C ARG A 36 -1.94 14.56 -14.17
N LEU A 37 -1.07 14.53 -13.18
CA LEU A 37 -0.38 13.29 -12.80
C LEU A 37 -1.39 12.22 -12.40
N SER A 38 -2.38 12.60 -11.60
CA SER A 38 -3.40 11.67 -11.15
C SER A 38 -4.15 11.06 -12.33
N HIS A 39 -4.38 11.87 -13.36
CA HIS A 39 -5.09 11.41 -14.56
C HIS A 39 -4.34 10.26 -15.22
N LEU A 40 -3.04 10.45 -15.44
CA LEU A 40 -2.21 9.43 -16.06
C LEU A 40 -1.96 8.26 -15.11
N PHE A 41 -1.89 8.57 -13.81
CA PHE A 41 -1.65 7.56 -12.79
C PHE A 41 -2.73 6.47 -12.85
N ARG A 42 -3.99 6.90 -12.90
CA ARG A 42 -5.11 5.97 -12.95
C ARG A 42 -5.14 5.23 -14.29
N GLN A 43 -4.57 5.86 -15.31
CA GLN A 43 -4.54 5.27 -16.64
C GLN A 43 -3.45 4.21 -16.74
N GLN A 44 -2.30 4.50 -16.14
CA GLN A 44 -1.17 3.57 -16.16
C GLN A 44 -1.32 2.50 -15.09
N LEU A 45 -1.81 2.91 -13.92
CA LEU A 45 -2.00 1.98 -12.81
C LEU A 45 -3.39 1.35 -12.87
N GLY A 46 -4.28 1.96 -13.64
CA GLY A 46 -5.63 1.45 -13.77
C GLY A 46 -6.45 1.59 -12.49
N ILE A 47 -5.87 2.27 -11.51
CA ILE A 47 -6.54 2.50 -10.24
C ILE A 47 -6.16 3.84 -9.64
N SER A 48 -6.81 4.19 -8.53
CA SER A 48 -6.54 5.45 -7.84
C SER A 48 -5.22 5.38 -7.08
N VAL A 49 -4.47 6.47 -7.10
CA VAL A 49 -3.19 6.54 -6.40
C VAL A 49 -3.35 6.14 -4.93
N LEU A 50 -4.40 6.65 -4.31
CA LEU A 50 -4.66 6.35 -2.91
C LEU A 50 -4.94 4.86 -2.71
N SER A 51 -5.55 4.24 -3.72
CA SER A 51 -5.87 2.82 -3.65
C SER A 51 -4.62 1.97 -3.80
N TRP A 52 -3.76 2.35 -4.74
CA TRP A 52 -2.52 1.62 -4.99
C TRP A 52 -1.67 1.56 -3.72
N ARG A 53 -1.63 2.65 -2.98
CA ARG A 53 -0.85 2.71 -1.75
C ARG A 53 -1.31 1.65 -0.76
N GLU A 54 -2.62 1.55 -0.58
CA GLU A 54 -3.19 0.56 0.34
C GLU A 54 -2.95 -0.86 -0.16
N ASP A 55 -3.03 -1.04 -1.47
CA ASP A 55 -2.81 -2.35 -2.08
C ASP A 55 -1.36 -2.79 -1.91
N GLN A 56 -0.44 -1.84 -2.02
CA GLN A 56 0.99 -2.12 -1.88
C GLN A 56 1.32 -2.56 -0.46
N ARG A 57 0.77 -1.85 0.52
CA ARG A 57 1.02 -2.16 1.92
C ARG A 57 0.30 -3.45 2.32
N ILE A 58 -0.94 -3.60 1.86
CA ILE A 58 -1.73 -4.78 2.17
C ILE A 58 -1.14 -6.03 1.51
N SER A 59 -0.69 -5.88 0.27
CA SER A 59 -0.10 -6.98 -0.47
C SER A 59 1.26 -7.36 0.12
N GLN A 60 1.98 -6.37 0.62
CA GLN A 60 3.29 -6.61 1.21
C GLN A 60 3.18 -7.34 2.55
N ALA A 61 2.16 -6.96 3.32
CA ALA A 61 1.94 -7.58 4.63
C ALA A 61 1.60 -9.05 4.48
N LYS A 62 0.68 -9.36 3.57
CA LYS A 62 0.27 -10.74 3.32
C LYS A 62 1.37 -11.53 2.63
N LEU A 63 2.14 -10.85 1.78
CA LEU A 63 3.23 -11.48 1.05
C LEU A 63 4.35 -11.89 2.00
N LEU A 64 4.78 -10.95 2.83
CA LEU A 64 5.84 -11.22 3.80
C LEU A 64 5.37 -12.16 4.90
N LEU A 65 4.12 -11.99 5.31
CA LEU A 65 3.54 -12.83 6.36
C LEU A 65 3.65 -14.31 5.99
N SER A 66 3.66 -14.59 4.70
CA SER A 66 3.76 -15.97 4.22
C SER A 66 5.18 -16.50 4.38
N THR A 67 6.15 -15.61 4.23
CA THR A 67 7.55 -15.99 4.36
C THR A 67 8.09 -15.63 5.75
N THR A 68 7.20 -15.20 6.63
CA THR A 68 7.58 -14.83 7.98
C THR A 68 6.65 -15.44 9.01
N ARG A 69 7.09 -15.49 10.27
CA ARG A 69 6.29 -16.06 11.34
C ARG A 69 6.07 -15.04 12.45
N MET A 70 6.27 -13.76 12.12
CA MET A 70 6.09 -12.69 13.10
C MET A 70 4.61 -12.50 13.42
N PRO A 71 4.34 -11.94 14.61
CA PRO A 71 2.97 -11.69 15.07
C PRO A 71 2.28 -10.58 14.29
N ILE A 72 0.96 -10.64 14.22
CA ILE A 72 0.19 -9.63 13.50
C ILE A 72 0.55 -8.22 13.96
N ALA A 73 0.94 -8.11 15.23
CA ALA A 73 1.31 -6.82 15.80
C ALA A 73 2.59 -6.30 15.16
N THR A 74 3.60 -7.16 15.05
CA THR A 74 4.87 -6.78 14.46
C THR A 74 4.73 -6.50 12.98
N VAL A 75 4.02 -7.39 12.28
CA VAL A 75 3.81 -7.24 10.84
C VAL A 75 3.17 -5.89 10.52
N GLY A 76 2.22 -5.47 11.35
CA GLY A 76 1.55 -4.21 11.14
C GLY A 76 2.52 -3.03 11.10
N ARG A 77 3.47 -3.04 12.01
CA ARG A 77 4.47 -1.97 12.09
C ARG A 77 5.22 -1.84 10.77
N ASN A 78 5.43 -2.97 10.10
CA ASN A 78 6.14 -2.98 8.82
C ASN A 78 5.40 -2.15 7.78
N VAL A 79 4.08 -2.12 7.89
CA VAL A 79 3.24 -1.37 6.96
C VAL A 79 2.81 -0.03 7.56
N GLY A 80 3.52 0.39 8.61
CA GLY A 80 3.20 1.64 9.25
C GLY A 80 1.95 1.55 10.13
N PHE A 81 1.39 0.35 10.21
CA PHE A 81 0.19 0.12 11.02
C PHE A 81 0.56 -0.08 12.49
N ASP A 82 0.09 0.82 13.34
CA ASP A 82 0.37 0.73 14.77
C ASP A 82 -0.67 -0.13 15.47
N ASP A 83 -1.90 -0.13 14.96
CA ASP A 83 -2.98 -0.92 15.53
C ASP A 83 -3.07 -2.28 14.86
N GLN A 84 -2.89 -3.34 15.64
CA GLN A 84 -2.95 -4.70 15.11
C GLN A 84 -4.34 -5.00 14.56
N LEU A 85 -5.37 -4.55 15.27
CA LEU A 85 -6.75 -4.77 14.85
C LEU A 85 -7.07 -3.97 13.59
N TYR A 86 -6.47 -2.79 13.48
CA TYR A 86 -6.69 -1.93 12.33
C TYR A 86 -6.26 -2.62 11.04
N PHE A 87 -5.13 -3.32 11.11
CA PHE A 87 -4.60 -4.02 9.94
C PHE A 87 -5.51 -5.17 9.54
N SER A 88 -5.91 -5.97 10.51
CA SER A 88 -6.79 -7.11 10.26
C SER A 88 -8.16 -6.65 9.79
N ARG A 89 -8.63 -5.54 10.36
CA ARG A 89 -9.93 -4.98 10.01
C ARG A 89 -9.96 -4.57 8.54
N VAL A 90 -8.98 -3.78 8.13
CA VAL A 90 -8.88 -3.32 6.75
C VAL A 90 -8.52 -4.46 5.81
N PHE A 91 -7.52 -5.24 6.21
CA PHE A 91 -7.07 -6.37 5.39
C PHE A 91 -8.19 -7.38 5.19
N LYS A 92 -9.03 -7.55 6.22
CA LYS A 92 -10.14 -8.48 6.15
C LYS A 92 -11.06 -8.15 4.98
N LYS A 93 -11.44 -6.89 4.85
CA LYS A 93 -12.31 -6.44 3.77
C LYS A 93 -11.53 -6.31 2.46
N CYS A 94 -10.23 -6.09 2.58
CA CYS A 94 -9.37 -5.94 1.41
C CYS A 94 -9.42 -7.20 0.55
N THR A 95 -9.23 -8.35 1.17
CA THR A 95 -9.25 -9.62 0.45
C THR A 95 -10.54 -10.38 0.72
N GLY A 96 -11.30 -9.91 1.71
CA GLY A 96 -12.56 -10.56 2.05
C GLY A 96 -12.42 -11.56 3.18
N ALA A 97 -11.17 -11.82 3.58
CA ALA A 97 -10.89 -12.76 4.66
C ALA A 97 -9.81 -12.23 5.59
N SER A 98 -9.84 -12.67 6.84
CA SER A 98 -8.86 -12.24 7.83
C SER A 98 -7.47 -12.80 7.51
N PRO A 99 -6.45 -12.25 8.16
CA PRO A 99 -5.06 -12.68 7.97
C PRO A 99 -4.80 -14.07 8.53
N SER A 100 -5.44 -14.38 9.66
CA SER A 100 -5.26 -15.68 10.30
C SER A 100 -5.89 -16.78 9.46
N GLU A 101 -6.98 -16.44 8.76
CA GLU A 101 -7.67 -17.40 7.92
C GLU A 101 -6.81 -17.82 6.73
N PHE A 102 -6.24 -16.83 6.05
CA PHE A 102 -5.39 -17.09 4.89
C PHE A 102 -4.22 -17.99 5.28
N ARG A 103 -3.57 -17.67 6.39
CA ARG A 103 -2.43 -18.45 6.86
C ARG A 103 -2.88 -19.80 7.41
N ALA A 104 -4.09 -19.84 7.95
CA ALA A 104 -4.65 -21.07 8.51
C ALA A 104 -4.79 -22.13 7.44
N GLY A 105 -4.97 -21.70 6.19
CA GLY A 105 -5.11 -22.64 5.09
C GLY A 105 -6.53 -23.15 4.96
N CYS A 106 -7.46 -22.51 5.67
CA CYS A 106 -8.86 -22.92 5.63
C CYS A 106 -9.57 -22.27 4.44
N GLU A 107 -10.22 -23.10 3.63
CA GLU A 107 -10.94 -22.62 2.45
C GLU A 107 -10.04 -21.76 1.59
N MET A 1 4.68 0.90 -17.81
CA MET A 1 4.72 1.99 -16.85
C MET A 1 5.46 3.19 -17.42
N ASP A 2 5.02 4.39 -17.06
CA ASP A 2 5.65 5.62 -17.54
C ASP A 2 6.81 6.02 -16.64
N ASN A 3 7.82 6.64 -17.22
CA ASN A 3 9.00 7.08 -16.47
C ASN A 3 8.62 8.17 -15.48
N ARG A 4 7.60 8.93 -15.80
CA ARG A 4 7.14 10.01 -14.94
C ARG A 4 6.47 9.46 -13.68
N VAL A 5 5.54 8.52 -13.87
CA VAL A 5 4.82 7.91 -12.76
C VAL A 5 5.76 7.02 -11.94
N ARG A 6 6.67 6.32 -12.63
CA ARG A 6 7.61 5.44 -11.96
C ARG A 6 8.37 6.18 -10.87
N GLU A 7 8.71 7.44 -11.13
CA GLU A 7 9.44 8.25 -10.17
C GLU A 7 8.54 8.65 -9.00
N ALA A 8 7.26 8.83 -9.28
CA ALA A 8 6.30 9.21 -8.25
C ALA A 8 5.98 8.03 -7.33
N CYS A 9 5.70 6.88 -7.95
CA CYS A 9 5.38 5.68 -7.18
C CYS A 9 6.55 5.25 -6.31
N GLN A 10 7.76 5.54 -6.77
CA GLN A 10 8.97 5.19 -6.02
C GLN A 10 9.08 6.01 -4.75
N TYR A 11 8.65 7.28 -4.83
CA TYR A 11 8.70 8.18 -3.69
C TYR A 11 7.71 7.76 -2.61
N ILE A 12 6.50 7.41 -3.04
CA ILE A 12 5.46 6.98 -2.11
C ILE A 12 5.87 5.73 -1.35
N SER A 13 6.59 4.84 -2.04
CA SER A 13 7.05 3.60 -1.43
C SER A 13 7.89 3.89 -0.18
N ASP A 14 8.70 4.93 -0.25
CA ASP A 14 9.56 5.31 0.87
C ASP A 14 8.73 5.80 2.05
N HIS A 15 7.61 6.46 1.74
CA HIS A 15 6.73 6.98 2.77
C HIS A 15 5.54 6.04 3.00
N LEU A 16 5.68 4.80 2.55
CA LEU A 16 4.62 3.81 2.70
C LEU A 16 4.22 3.67 4.17
N ALA A 17 5.16 3.96 5.06
CA ALA A 17 4.91 3.87 6.50
C ALA A 17 4.38 5.19 7.05
N ASP A 18 4.65 6.27 6.33
CA ASP A 18 4.20 7.60 6.75
C ASP A 18 2.69 7.67 6.82
N SER A 19 2.17 8.33 7.86
CA SER A 19 0.73 8.47 8.05
C SER A 19 0.18 9.59 7.18
N ASN A 20 0.79 10.77 7.29
CA ASN A 20 0.35 11.93 6.52
C ASN A 20 0.99 11.93 5.13
N PHE A 21 0.18 11.64 4.12
CA PHE A 21 0.66 11.61 2.74
C PHE A 21 0.07 12.74 1.92
N ASP A 22 0.91 13.45 1.18
CA ASP A 22 0.46 14.56 0.36
C ASP A 22 0.69 14.27 -1.12
N ILE A 23 -0.41 14.13 -1.87
CA ILE A 23 -0.33 13.85 -3.30
C ILE A 23 0.35 15.00 -4.05
N ALA A 24 0.20 16.21 -3.52
CA ALA A 24 0.79 17.39 -4.14
C ALA A 24 2.31 17.25 -4.24
N SER A 25 2.94 16.79 -3.16
CA SER A 25 4.38 16.62 -3.12
C SER A 25 4.83 15.58 -4.16
N VAL A 26 3.95 14.62 -4.44
CA VAL A 26 4.25 13.57 -5.40
C VAL A 26 4.32 14.13 -6.81
N ALA A 27 3.43 15.07 -7.13
CA ALA A 27 3.40 15.68 -8.45
C ALA A 27 4.64 16.54 -8.69
N GLN A 28 5.03 17.29 -7.67
CA GLN A 28 6.20 18.15 -7.78
C GLN A 28 7.47 17.33 -7.99
N HIS A 29 7.54 16.17 -7.34
CA HIS A 29 8.69 15.30 -7.47
C HIS A 29 8.92 14.90 -8.93
N VAL A 30 7.83 14.74 -9.67
CA VAL A 30 7.92 14.37 -11.07
C VAL A 30 7.83 15.59 -11.98
N CYS A 31 8.01 16.77 -11.39
CA CYS A 31 7.95 18.03 -12.13
C CYS A 31 6.68 18.11 -12.96
N LEU A 32 5.58 17.61 -12.40
CA LEU A 32 4.30 17.62 -13.09
C LEU A 32 3.15 17.95 -12.12
N SER A 33 2.01 18.35 -12.67
CA SER A 33 0.86 18.69 -11.86
C SER A 33 0.11 17.43 -11.41
N PRO A 34 -0.70 17.56 -10.36
CA PRO A 34 -1.48 16.45 -9.81
C PRO A 34 -2.61 16.02 -10.74
N SER A 35 -3.21 16.99 -11.43
CA SER A 35 -4.31 16.71 -12.35
C SER A 35 -3.81 15.91 -13.55
N ARG A 36 -2.70 16.35 -14.13
CA ARG A 36 -2.13 15.67 -15.29
C ARG A 36 -1.48 14.35 -14.88
N LEU A 37 -0.84 14.35 -13.72
CA LEU A 37 -0.18 13.15 -13.21
C LEU A 37 -1.20 12.09 -12.81
N SER A 38 -2.30 12.53 -12.21
CA SER A 38 -3.35 11.62 -11.78
C SER A 38 -3.91 10.84 -12.95
N HIS A 39 -4.08 11.52 -14.09
CA HIS A 39 -4.60 10.89 -15.29
C HIS A 39 -3.72 9.72 -15.72
N LEU A 40 -2.42 9.96 -15.79
CA LEU A 40 -1.46 8.94 -16.19
C LEU A 40 -1.32 7.88 -15.10
N PHE A 41 -1.48 8.29 -13.86
CA PHE A 41 -1.37 7.38 -12.72
C PHE A 41 -2.51 6.38 -12.72
N ARG A 42 -3.74 6.89 -12.82
CA ARG A 42 -4.92 6.04 -12.83
C ARG A 42 -5.03 5.25 -14.13
N GLN A 43 -4.46 5.81 -15.19
CA GLN A 43 -4.48 5.16 -16.50
C GLN A 43 -3.41 4.08 -16.59
N GLN A 44 -2.24 4.36 -16.04
CA GLN A 44 -1.13 3.42 -16.06
C GLN A 44 -1.30 2.37 -14.96
N LEU A 45 -1.72 2.82 -13.78
CA LEU A 45 -1.91 1.93 -12.65
C LEU A 45 -3.32 1.35 -12.64
N GLY A 46 -4.23 2.01 -13.36
CA GLY A 46 -5.61 1.54 -13.43
C GLY A 46 -6.41 1.92 -12.20
N ILE A 47 -5.75 2.56 -11.24
CA ILE A 47 -6.40 2.98 -10.01
C ILE A 47 -5.75 4.25 -9.45
N SER A 48 -6.41 4.85 -8.46
CA SER A 48 -5.90 6.07 -7.83
C SER A 48 -4.76 5.75 -6.88
N VAL A 49 -3.90 6.74 -6.65
CA VAL A 49 -2.75 6.57 -5.75
C VAL A 49 -3.19 6.05 -4.39
N LEU A 50 -4.33 6.56 -3.91
CA LEU A 50 -4.86 6.15 -2.62
C LEU A 50 -5.02 4.64 -2.55
N SER A 51 -5.56 4.06 -3.62
CA SER A 51 -5.77 2.61 -3.68
C SER A 51 -4.45 1.87 -3.86
N TRP A 52 -3.61 2.39 -4.76
CA TRP A 52 -2.31 1.79 -5.02
C TRP A 52 -1.46 1.73 -3.75
N ARG A 53 -1.52 2.80 -2.96
CA ARG A 53 -0.75 2.86 -1.72
C ARG A 53 -1.16 1.74 -0.77
N GLU A 54 -2.47 1.55 -0.60
CA GLU A 54 -2.98 0.51 0.28
C GLU A 54 -2.64 -0.88 -0.27
N ASP A 55 -2.72 -1.02 -1.58
CA ASP A 55 -2.42 -2.30 -2.23
C ASP A 55 -0.94 -2.65 -2.07
N GLN A 56 -0.08 -1.64 -2.14
CA GLN A 56 1.36 -1.84 -2.01
C GLN A 56 1.72 -2.31 -0.60
N ARG A 57 1.13 -1.66 0.40
CA ARG A 57 1.39 -2.00 1.79
C ARG A 57 0.77 -3.35 2.14
N ILE A 58 -0.44 -3.58 1.65
CA ILE A 58 -1.15 -4.83 1.91
C ILE A 58 -0.50 -5.99 1.17
N SER A 59 0.06 -5.70 -0.01
CA SER A 59 0.71 -6.72 -0.81
C SER A 59 1.97 -7.24 -0.13
N GLN A 60 2.71 -6.34 0.50
CA GLN A 60 3.94 -6.70 1.20
C GLN A 60 3.64 -7.56 2.41
N ALA A 61 2.57 -7.21 3.14
CA ALA A 61 2.17 -7.96 4.32
C ALA A 61 1.93 -9.43 4.00
N LYS A 62 1.20 -9.67 2.91
CA LYS A 62 0.90 -11.03 2.49
C LYS A 62 2.14 -11.72 1.93
N LEU A 63 3.01 -10.94 1.30
CA LEU A 63 4.23 -11.48 0.72
C LEU A 63 5.18 -11.96 1.81
N LEU A 64 5.42 -11.11 2.80
CA LEU A 64 6.31 -11.45 3.91
C LEU A 64 5.68 -12.51 4.81
N LEU A 65 4.36 -12.41 4.99
CA LEU A 65 3.64 -13.37 5.82
C LEU A 65 3.69 -14.77 5.21
N SER A 66 3.79 -14.83 3.89
CA SER A 66 3.83 -16.10 3.17
C SER A 66 5.16 -16.81 3.41
N THR A 67 6.15 -16.05 3.89
CA THR A 67 7.47 -16.59 4.16
C THR A 67 7.86 -16.42 5.62
N THR A 68 6.94 -15.85 6.40
CA THR A 68 7.18 -15.62 7.82
C THR A 68 6.00 -16.08 8.66
N ARG A 69 6.23 -16.27 9.95
CA ARG A 69 5.18 -16.71 10.86
C ARG A 69 5.01 -15.72 12.00
N MET A 70 5.52 -14.50 11.81
CA MET A 70 5.41 -13.46 12.83
C MET A 70 3.96 -13.11 13.11
N PRO A 71 3.70 -12.57 14.31
CA PRO A 71 2.35 -12.19 14.73
C PRO A 71 1.83 -10.97 13.96
N ILE A 72 0.53 -10.72 14.07
CA ILE A 72 -0.09 -9.59 13.39
C ILE A 72 0.51 -8.27 13.86
N ALA A 73 0.93 -8.24 15.12
CA ALA A 73 1.51 -7.03 15.70
C ALA A 73 2.84 -6.69 15.02
N THR A 74 3.69 -7.70 14.87
CA THR A 74 5.00 -7.50 14.24
C THR A 74 4.85 -7.21 12.76
N VAL A 75 4.03 -8.00 12.07
CA VAL A 75 3.80 -7.83 10.65
C VAL A 75 3.31 -6.42 10.34
N GLY A 76 2.42 -5.91 11.19
CA GLY A 76 1.89 -4.58 10.99
C GLY A 76 2.97 -3.52 10.92
N ARG A 77 3.96 -3.64 11.79
CA ARG A 77 5.07 -2.69 11.83
C ARG A 77 5.77 -2.62 10.47
N ASN A 78 5.83 -3.75 9.78
CA ASN A 78 6.48 -3.83 8.48
C ASN A 78 5.74 -2.95 7.46
N VAL A 79 4.43 -2.82 7.63
CA VAL A 79 3.62 -2.01 6.73
C VAL A 79 3.35 -0.63 7.32
N GLY A 80 4.15 -0.26 8.32
CA GLY A 80 4.00 1.04 8.94
C GLY A 80 2.79 1.09 9.86
N PHE A 81 2.12 -0.04 10.02
CA PHE A 81 0.94 -0.13 10.88
C PHE A 81 1.34 -0.30 12.34
N ASP A 82 0.98 0.68 13.17
CA ASP A 82 1.30 0.65 14.59
C ASP A 82 0.29 -0.22 15.35
N ASP A 83 -0.95 -0.22 14.87
CA ASP A 83 -2.00 -0.99 15.50
C ASP A 83 -2.23 -2.31 14.76
N GLN A 84 -2.04 -3.42 15.46
CA GLN A 84 -2.21 -4.73 14.87
C GLN A 84 -3.66 -4.95 14.43
N LEU A 85 -4.59 -4.38 15.19
CA LEU A 85 -6.01 -4.50 14.88
C LEU A 85 -6.36 -3.70 13.63
N TYR A 86 -5.70 -2.56 13.45
CA TYR A 86 -5.94 -1.71 12.29
C TYR A 86 -5.64 -2.46 10.99
N PHE A 87 -4.56 -3.24 11.01
CA PHE A 87 -4.17 -4.00 9.83
C PHE A 87 -5.18 -5.10 9.52
N SER A 88 -5.59 -5.82 10.55
CA SER A 88 -6.56 -6.90 10.39
C SER A 88 -7.92 -6.35 9.95
N ARG A 89 -8.28 -5.19 10.49
CA ARG A 89 -9.55 -4.57 10.15
C ARG A 89 -9.61 -4.21 8.67
N VAL A 90 -8.57 -3.53 8.19
CA VAL A 90 -8.51 -3.13 6.78
C VAL A 90 -8.28 -4.34 5.88
N PHE A 91 -7.34 -5.19 6.28
CA PHE A 91 -7.02 -6.38 5.51
C PHE A 91 -8.22 -7.31 5.40
N LYS A 92 -9.02 -7.37 6.47
CA LYS A 92 -10.21 -8.21 6.50
C LYS A 92 -11.15 -7.86 5.35
N LYS A 93 -11.42 -6.56 5.18
CA LYS A 93 -12.30 -6.10 4.12
C LYS A 93 -11.59 -6.13 2.77
N CYS A 94 -10.26 -6.03 2.80
CA CYS A 94 -9.47 -6.04 1.58
C CYS A 94 -9.72 -7.32 0.78
N THR A 95 -9.63 -8.46 1.46
CA THR A 95 -9.84 -9.75 0.81
C THR A 95 -11.19 -10.35 1.22
N GLY A 96 -11.82 -9.75 2.22
CA GLY A 96 -13.10 -10.24 2.68
C GLY A 96 -12.99 -11.17 3.87
N ALA A 97 -11.75 -11.52 4.21
CA ALA A 97 -11.50 -12.42 5.34
C ALA A 97 -10.32 -11.94 6.17
N SER A 98 -10.37 -12.21 7.47
CA SER A 98 -9.30 -11.80 8.38
C SER A 98 -7.99 -12.51 8.04
N PRO A 99 -6.88 -11.96 8.55
CA PRO A 99 -5.55 -12.53 8.32
C PRO A 99 -5.35 -13.86 9.06
N SER A 100 -5.99 -13.98 10.21
CA SER A 100 -5.88 -15.20 11.02
C SER A 100 -6.54 -16.37 10.31
N GLU A 101 -7.63 -16.09 9.59
CA GLU A 101 -8.35 -17.13 8.87
C GLU A 101 -7.59 -17.56 7.62
N PHE A 102 -7.12 -16.59 6.85
CA PHE A 102 -6.38 -16.88 5.63
C PHE A 102 -5.11 -17.67 5.94
N ARG A 103 -4.39 -17.23 6.96
CA ARG A 103 -3.16 -17.91 7.35
C ARG A 103 -3.42 -19.36 7.73
N ALA A 104 -4.53 -19.59 8.42
CA ALA A 104 -4.90 -20.95 8.84
C ALA A 104 -5.26 -21.81 7.65
N GLY A 105 -5.71 -21.17 6.56
CA GLY A 105 -6.07 -21.90 5.36
C GLY A 105 -7.52 -22.32 5.37
N CYS A 106 -8.19 -22.14 6.50
CA CYS A 106 -9.60 -22.50 6.62
C CYS A 106 -10.48 -21.59 5.77
N GLU A 107 -11.22 -22.18 4.85
CA GLU A 107 -12.10 -21.43 3.96
C GLU A 107 -13.29 -20.88 4.74
N MET A 1 4.12 0.52 -15.87
CA MET A 1 3.69 1.91 -15.99
C MET A 1 4.71 2.74 -16.76
N ASP A 2 4.45 4.04 -16.85
CA ASP A 2 5.35 4.95 -17.56
C ASP A 2 6.56 5.29 -16.71
N ASN A 3 7.70 5.53 -17.35
CA ASN A 3 8.93 5.87 -16.65
C ASN A 3 8.72 7.06 -15.74
N ARG A 4 7.85 7.98 -16.16
CA ARG A 4 7.56 9.18 -15.38
C ARG A 4 6.76 8.83 -14.13
N VAL A 5 5.75 7.98 -14.30
CA VAL A 5 4.90 7.57 -13.17
C VAL A 5 5.68 6.68 -12.20
N ARG A 6 6.51 5.80 -12.74
CA ARG A 6 7.31 4.90 -11.92
C ARG A 6 8.17 5.68 -10.93
N GLU A 7 8.65 6.84 -11.36
CA GLU A 7 9.48 7.68 -10.51
C GLU A 7 8.71 8.15 -9.27
N ALA A 8 7.45 8.51 -9.48
CA ALA A 8 6.61 8.97 -8.38
C ALA A 8 6.26 7.82 -7.44
N CYS A 9 6.05 6.63 -8.01
CA CYS A 9 5.71 5.46 -7.23
C CYS A 9 6.80 5.13 -6.22
N GLN A 10 8.06 5.35 -6.62
CA GLN A 10 9.20 5.08 -5.74
C GLN A 10 9.14 5.95 -4.49
N TYR A 11 8.67 7.19 -4.65
CA TYR A 11 8.55 8.11 -3.53
C TYR A 11 7.49 7.65 -2.54
N ILE A 12 6.35 7.23 -3.07
CA ILE A 12 5.24 6.76 -2.24
C ILE A 12 5.63 5.50 -1.47
N SER A 13 6.41 4.64 -2.12
CA SER A 13 6.84 3.39 -1.49
C SER A 13 7.78 3.67 -0.33
N ASP A 14 8.73 4.58 -0.54
CA ASP A 14 9.69 4.94 0.50
C ASP A 14 9.00 5.66 1.66
N HIS A 15 7.87 6.29 1.36
CA HIS A 15 7.11 7.02 2.38
C HIS A 15 5.93 6.19 2.87
N LEU A 16 5.97 4.88 2.61
CA LEU A 16 4.91 3.98 3.03
C LEU A 16 4.79 3.94 4.54
N ALA A 17 5.89 4.22 5.23
CA ALA A 17 5.91 4.22 6.68
C ALA A 17 5.58 5.60 7.24
N ASP A 18 5.76 6.62 6.41
CA ASP A 18 5.48 7.99 6.82
C ASP A 18 4.01 8.17 7.17
N SER A 19 3.74 8.98 8.19
CA SER A 19 2.37 9.22 8.64
C SER A 19 1.69 10.26 7.75
N ASN A 20 2.38 11.37 7.52
CA ASN A 20 1.85 12.44 6.68
C ASN A 20 2.12 12.17 5.21
N PHE A 21 1.11 11.63 4.53
CA PHE A 21 1.24 11.31 3.10
C PHE A 21 0.42 12.28 2.26
N ASP A 22 1.10 13.16 1.54
CA ASP A 22 0.45 14.15 0.70
C ASP A 22 0.80 13.94 -0.77
N ILE A 23 -0.21 13.95 -1.62
CA ILE A 23 0.01 13.75 -3.06
C ILE A 23 0.74 14.95 -3.67
N ALA A 24 0.62 16.10 -3.02
CA ALA A 24 1.27 17.31 -3.49
C ALA A 24 2.77 17.13 -3.60
N SER A 25 3.36 16.45 -2.62
CA SER A 25 4.80 16.21 -2.60
C SER A 25 5.19 15.21 -3.69
N VAL A 26 4.27 14.32 -4.02
CA VAL A 26 4.52 13.31 -5.04
C VAL A 26 4.64 13.95 -6.42
N ALA A 27 3.69 14.83 -6.74
CA ALA A 27 3.69 15.51 -8.04
C ALA A 27 4.93 16.39 -8.19
N GLN A 28 5.32 17.06 -7.12
CA GLN A 28 6.48 17.93 -7.14
C GLN A 28 7.75 17.13 -7.41
N HIS A 29 7.82 15.92 -6.84
CA HIS A 29 8.98 15.06 -7.02
C HIS A 29 9.23 14.79 -8.50
N VAL A 30 8.16 14.70 -9.27
CA VAL A 30 8.26 14.44 -10.70
C VAL A 30 8.15 15.72 -11.51
N CYS A 31 8.32 16.85 -10.82
CA CYS A 31 8.23 18.16 -11.47
C CYS A 31 6.95 18.28 -12.29
N LEU A 32 5.87 17.70 -11.77
CA LEU A 32 4.58 17.74 -12.45
C LEU A 32 3.45 18.05 -11.46
N SER A 33 2.30 18.43 -12.00
CA SER A 33 1.15 18.76 -11.16
C SER A 33 0.40 17.50 -10.74
N PRO A 34 -0.39 17.61 -9.67
CA PRO A 34 -1.17 16.49 -9.13
C PRO A 34 -2.31 16.08 -10.06
N SER A 35 -2.97 17.07 -10.65
CA SER A 35 -4.08 16.83 -11.55
C SER A 35 -3.62 16.07 -12.80
N ARG A 36 -2.52 16.54 -13.38
CA ARG A 36 -1.97 15.91 -14.58
C ARG A 36 -1.34 14.56 -14.24
N LEU A 37 -0.73 14.47 -13.07
CA LEU A 37 -0.09 13.24 -12.62
C LEU A 37 -1.12 12.15 -12.35
N SER A 38 -2.20 12.52 -11.67
CA SER A 38 -3.27 11.59 -11.35
C SER A 38 -3.87 10.99 -12.62
N HIS A 39 -4.04 11.82 -13.63
CA HIS A 39 -4.61 11.37 -14.90
C HIS A 39 -3.76 10.26 -15.51
N LEU A 40 -2.45 10.49 -15.58
CA LEU A 40 -1.53 9.51 -16.14
C LEU A 40 -1.37 8.32 -15.21
N PHE A 41 -1.46 8.57 -13.90
CA PHE A 41 -1.33 7.52 -12.90
C PHE A 41 -2.41 6.45 -13.09
N ARG A 42 -3.66 6.90 -13.18
CA ARG A 42 -4.78 5.99 -13.35
C ARG A 42 -4.77 5.37 -14.74
N GLN A 43 -4.12 6.05 -15.68
CA GLN A 43 -4.04 5.56 -17.05
C GLN A 43 -2.97 4.47 -17.18
N GLN A 44 -1.83 4.70 -16.55
CA GLN A 44 -0.73 3.75 -16.59
C GLN A 44 -0.93 2.63 -15.57
N LEU A 45 -1.41 3.02 -14.38
CA LEU A 45 -1.65 2.05 -13.32
C LEU A 45 -3.05 1.47 -13.42
N GLY A 46 -3.90 2.10 -14.21
CA GLY A 46 -5.26 1.62 -14.39
C GLY A 46 -6.11 1.83 -13.15
N ILE A 47 -5.53 2.48 -12.15
CA ILE A 47 -6.24 2.74 -10.89
C ILE A 47 -5.75 4.03 -10.24
N SER A 48 -6.53 4.55 -9.31
CA SER A 48 -6.18 5.78 -8.60
C SER A 48 -5.07 5.52 -7.59
N VAL A 49 -4.20 6.52 -7.41
CA VAL A 49 -3.09 6.40 -6.46
C VAL A 49 -3.59 6.02 -5.07
N LEU A 50 -4.78 6.49 -4.73
CA LEU A 50 -5.38 6.19 -3.43
C LEU A 50 -5.62 4.69 -3.26
N SER A 51 -6.18 4.07 -4.30
CA SER A 51 -6.46 2.64 -4.27
C SER A 51 -5.17 1.83 -4.40
N TRP A 52 -4.27 2.31 -5.23
CA TRP A 52 -2.99 1.64 -5.45
C TRP A 52 -2.23 1.49 -4.14
N ARG A 53 -2.26 2.53 -3.32
CA ARG A 53 -1.57 2.52 -2.04
C ARG A 53 -2.15 1.46 -1.11
N GLU A 54 -3.47 1.42 -1.03
CA GLU A 54 -4.15 0.46 -0.17
C GLU A 54 -3.88 -0.97 -0.64
N ASP A 55 -4.00 -1.18 -1.94
CA ASP A 55 -3.77 -2.51 -2.52
C ASP A 55 -2.35 -2.97 -2.25
N GLN A 56 -1.39 -2.05 -2.38
CA GLN A 56 0.02 -2.37 -2.15
C GLN A 56 0.28 -2.62 -0.67
N ARG A 57 -0.42 -1.89 0.19
CA ARG A 57 -0.26 -2.04 1.62
C ARG A 57 -0.54 -3.47 2.07
N ILE A 58 -1.65 -4.03 1.58
CA ILE A 58 -2.02 -5.40 1.91
C ILE A 58 -1.12 -6.41 1.20
N SER A 59 -0.89 -6.18 -0.09
CA SER A 59 -0.05 -7.07 -0.87
C SER A 59 1.35 -7.18 -0.28
N GLN A 60 1.82 -6.09 0.31
CA GLN A 60 3.15 -6.05 0.92
C GLN A 60 3.17 -6.90 2.19
N ALA A 61 2.15 -6.77 3.02
CA ALA A 61 2.06 -7.52 4.26
C ALA A 61 1.79 -9.00 3.99
N LYS A 62 0.97 -9.26 2.97
CA LYS A 62 0.63 -10.63 2.60
C LYS A 62 1.81 -11.33 1.95
N LEU A 63 2.49 -10.62 1.05
CA LEU A 63 3.64 -11.17 0.35
C LEU A 63 4.71 -11.62 1.34
N LEU A 64 5.07 -10.73 2.27
CA LEU A 64 6.08 -11.04 3.28
C LEU A 64 5.57 -12.08 4.26
N LEU A 65 4.29 -12.00 4.58
CA LEU A 65 3.67 -12.94 5.52
C LEU A 65 3.79 -14.37 5.01
N SER A 66 3.83 -14.52 3.69
CA SER A 66 3.94 -15.83 3.07
C SER A 66 5.33 -16.42 3.27
N THR A 67 6.31 -15.54 3.45
CA THR A 67 7.69 -15.97 3.65
C THR A 67 8.15 -15.68 5.07
N THR A 68 7.22 -15.23 5.91
CA THR A 68 7.53 -14.92 7.30
C THR A 68 6.48 -15.50 8.24
N ARG A 69 6.85 -15.63 9.51
CA ARG A 69 5.94 -16.19 10.51
C ARG A 69 5.73 -15.20 11.65
N MET A 70 6.05 -13.93 11.41
CA MET A 70 5.89 -12.89 12.41
C MET A 70 4.41 -12.63 12.70
N PRO A 71 4.12 -12.14 13.91
CA PRO A 71 2.75 -11.85 14.33
C PRO A 71 2.17 -10.63 13.60
N ILE A 72 0.85 -10.54 13.57
CA ILE A 72 0.18 -9.43 12.90
C ILE A 72 0.71 -8.09 13.40
N ALA A 73 1.05 -8.04 14.68
CA ALA A 73 1.58 -6.81 15.28
C ALA A 73 2.86 -6.38 14.58
N THR A 74 3.78 -7.32 14.38
CA THR A 74 5.04 -7.03 13.72
C THR A 74 4.83 -6.65 12.26
N VAL A 75 4.06 -7.45 11.55
CA VAL A 75 3.77 -7.20 10.13
C VAL A 75 3.13 -5.83 9.94
N GLY A 76 2.22 -5.48 10.86
CA GLY A 76 1.55 -4.19 10.77
C GLY A 76 2.52 -3.03 10.72
N ARG A 77 3.66 -3.18 11.39
CA ARG A 77 4.67 -2.13 11.42
C ARG A 77 5.26 -1.90 10.03
N ASN A 78 5.36 -2.98 9.25
CA ASN A 78 5.91 -2.89 7.90
C ASN A 78 5.01 -2.06 7.00
N VAL A 79 3.70 -2.10 7.27
CA VAL A 79 2.74 -1.35 6.48
C VAL A 79 2.48 0.02 7.10
N GLY A 80 3.30 0.39 8.07
CA GLY A 80 3.14 1.69 8.71
C GLY A 80 2.01 1.69 9.71
N PHE A 81 1.37 0.54 9.89
CA PHE A 81 0.25 0.42 10.82
C PHE A 81 0.74 -0.07 12.19
N ASP A 82 0.57 0.76 13.21
CA ASP A 82 0.98 0.42 14.56
C ASP A 82 -0.11 -0.37 15.27
N ASP A 83 -1.36 -0.16 14.86
CA ASP A 83 -2.49 -0.84 15.47
C ASP A 83 -2.74 -2.19 14.78
N GLN A 84 -2.64 -3.26 15.56
CA GLN A 84 -2.84 -4.60 15.02
C GLN A 84 -4.27 -4.77 14.51
N LEU A 85 -5.23 -4.18 15.23
CA LEU A 85 -6.63 -4.26 14.84
C LEU A 85 -6.88 -3.50 13.54
N TYR A 86 -6.14 -2.42 13.34
CA TYR A 86 -6.29 -1.60 12.14
C TYR A 86 -5.96 -2.41 10.89
N PHE A 87 -4.83 -3.11 10.93
CA PHE A 87 -4.39 -3.92 9.79
C PHE A 87 -5.34 -5.10 9.59
N SER A 88 -5.72 -5.75 10.67
CA SER A 88 -6.61 -6.89 10.60
C SER A 88 -7.99 -6.48 10.10
N ARG A 89 -8.43 -5.30 10.50
CA ARG A 89 -9.73 -4.79 10.08
C ARG A 89 -9.78 -4.58 8.58
N VAL A 90 -8.78 -3.90 8.05
CA VAL A 90 -8.70 -3.63 6.61
C VAL A 90 -8.39 -4.91 5.83
N PHE A 91 -7.42 -5.67 6.31
CA PHE A 91 -7.03 -6.92 5.66
C PHE A 91 -8.19 -7.91 5.65
N LYS A 92 -8.98 -7.91 6.72
CA LYS A 92 -10.13 -8.80 6.82
C LYS A 92 -11.09 -8.60 5.65
N LYS A 93 -11.41 -7.33 5.36
CA LYS A 93 -12.31 -7.00 4.26
C LYS A 93 -11.61 -7.15 2.92
N CYS A 94 -10.29 -7.04 2.92
CA CYS A 94 -9.50 -7.15 1.70
C CYS A 94 -9.78 -8.48 1.01
N THR A 95 -9.71 -9.58 1.77
CA THR A 95 -9.96 -10.90 1.23
C THR A 95 -11.27 -11.48 1.76
N GLY A 96 -11.86 -10.80 2.75
CA GLY A 96 -13.10 -11.27 3.32
C GLY A 96 -12.89 -12.07 4.59
N ALA A 97 -11.62 -12.35 4.90
CA ALA A 97 -11.28 -13.12 6.09
C ALA A 97 -10.09 -12.52 6.82
N SER A 98 -10.06 -12.67 8.13
CA SER A 98 -8.97 -12.13 8.94
C SER A 98 -7.66 -12.83 8.62
N PRO A 99 -6.53 -12.20 9.00
CA PRO A 99 -5.20 -12.75 8.76
C PRO A 99 -4.91 -13.99 9.60
N SER A 100 -5.48 -14.02 10.80
CA SER A 100 -5.30 -15.14 11.72
C SER A 100 -5.95 -16.40 11.17
N GLU A 101 -7.07 -16.24 10.47
CA GLU A 101 -7.79 -17.37 9.90
C GLU A 101 -7.06 -17.90 8.67
N PHE A 102 -6.67 -16.99 7.78
CA PHE A 102 -5.98 -17.37 6.55
C PHE A 102 -4.60 -17.96 6.87
N ARG A 103 -3.86 -17.27 7.75
CA ARG A 103 -2.53 -17.72 8.13
C ARG A 103 -2.61 -19.05 8.90
N ALA A 104 -3.71 -19.25 9.61
CA ALA A 104 -3.90 -20.47 10.38
C ALA A 104 -3.89 -21.70 9.48
N GLY A 105 -4.29 -21.51 8.23
CA GLY A 105 -4.30 -22.62 7.29
C GLY A 105 -5.55 -23.47 7.42
N CYS A 106 -6.54 -22.97 8.16
CA CYS A 106 -7.79 -23.68 8.37
C CYS A 106 -8.80 -23.35 7.27
N GLU A 107 -9.29 -24.39 6.59
CA GLU A 107 -10.26 -24.20 5.52
C GLU A 107 -11.66 -24.60 5.96
#